data_9HC5
#
_entry.id   9HC5
#
_cell.length_a   1.00
_cell.length_b   1.00
_cell.length_c   1.00
_cell.angle_alpha   90.00
_cell.angle_beta   90.00
_cell.angle_gamma   90.00
#
_symmetry.space_group_name_H-M   'P 1'
#
_entity_poly.entity_id   1
_entity_poly.type   'polypeptide(L)'
_entity_poly.pdbx_seq_one_letter_code
;MENSKTEQVTGATGITQSTVTAPLPEAVSSLSLAPTVNALDPWVYLNQTEVPGGTFTVSSATQPGSVLLELEISPELNLY
TSHLFRMYAGWSGGFSLKLLVAGNAFSAGKLIAAIIPPNIEVPNSAYLLTGFPHEILDFRTADSMEIIAPDIKNIDYHFR
GDKLGKLVVMVYSPLRSTSADFEIEIKLTSAPLPDFKFTMLVPPIQNNALPIWSIPQAPPYSMVNPRSPLTPVVELYINS
SYATCNHQLGRYTIYQGAIGNSTFNPSGAWTATCTAEAGSVTGNPNWRYALLDLPDNPTFDPTLPPVPRGFCDWGSGVKS
GNKQHLVCFTGKKFAGGFQDVDAHMWDYGDNETVGLDNTYQRTIYISDPSLEKDAQYLVIPMGVSGAANDDTVQVAPNCY
GSWDYAPTVAPPLGEQFVWFRSQLPASKTTTTSGVNSVPVNVNALMSPDLIRSAYASGFPLGKVALLDYVLFGGSVVRQF
KLYPEGYMTANTTGSNTGFIIPADGYFRFNSWVSPSFMISSVVDLNLQTAVVFR
;
_entity_poly.pdbx_strand_id   A,B,C
#
# COMPACT_ATOMS: atom_id res chain seq x y z
N THR A 19 11.93 -36.29 22.28
CA THR A 19 10.68 -37.03 22.35
C THR A 19 9.50 -36.08 22.60
N VAL A 20 9.01 -35.94 23.84
CA VAL A 20 8.05 -34.89 24.22
C VAL A 20 8.69 -33.51 24.16
N THR A 21 9.99 -33.40 24.46
CA THR A 21 10.77 -32.16 24.31
C THR A 21 11.06 -31.80 22.86
N ALA A 22 11.15 -32.76 21.95
CA ALA A 22 11.42 -32.54 20.53
C ALA A 22 10.28 -33.04 19.62
N PRO A 23 9.08 -32.44 19.66
CA PRO A 23 7.94 -32.90 18.86
C PRO A 23 8.15 -32.70 17.35
N LEU A 24 9.06 -31.80 16.95
CA LEU A 24 9.52 -31.67 15.57
C LEU A 24 11.06 -31.66 15.53
N PRO A 25 11.74 -32.50 14.74
CA PRO A 25 13.21 -32.55 14.65
C PRO A 25 13.87 -31.28 14.11
N GLU A 26 15.13 -31.07 14.45
CA GLU A 26 15.98 -30.06 13.81
C GLU A 26 16.67 -30.67 12.57
N ALA A 27 16.32 -30.20 11.37
CA ALA A 27 17.01 -30.60 10.15
C ALA A 27 18.31 -29.81 9.96
N VAL A 28 19.44 -30.44 10.22
CA VAL A 28 20.77 -29.84 10.11
C VAL A 28 21.07 -29.46 8.66
N SER A 29 21.36 -28.19 8.39
CA SER A 29 21.79 -27.72 7.08
C SER A 29 23.25 -28.07 6.79
N SER A 30 23.56 -28.46 5.56
CA SER A 30 24.85 -28.65 5.03
C SER A 30 25.63 -27.37 4.90
N LEU A 31 24.96 -26.22 4.76
CA LEU A 31 25.56 -24.91 4.55
C LEU A 31 26.50 -24.89 3.33
N SER A 32 26.22 -25.68 2.30
CA SER A 32 27.06 -25.74 1.09
C SER A 32 27.03 -24.46 0.29
N LEU A 33 25.97 -23.64 0.38
CA LEU A 33 25.89 -22.33 -0.28
C LEU A 33 26.46 -21.20 0.57
N ALA A 34 26.75 -21.43 1.85
CA ALA A 34 27.39 -20.44 2.69
C ALA A 34 28.83 -20.23 2.19
N PRO A 35 29.26 -19.00 1.86
CA PRO A 35 30.63 -18.77 1.41
C PRO A 35 31.65 -18.94 2.53
N THR A 36 31.28 -18.58 3.76
CA THR A 36 31.99 -18.97 5.00
C THR A 36 30.98 -19.45 6.01
N VAL A 37 31.37 -20.39 6.87
CA VAL A 37 30.59 -20.84 8.02
C VAL A 37 31.30 -20.41 9.29
N ASN A 38 30.66 -19.60 10.14
CA ASN A 38 31.24 -19.16 11.40
C ASN A 38 30.73 -19.99 12.58
N ALA A 39 31.67 -20.65 13.24
CA ALA A 39 31.44 -21.35 14.49
C ALA A 39 31.19 -20.34 15.63
N LEU A 40 30.30 -20.67 16.55
CA LEU A 40 30.13 -19.95 17.81
C LEU A 40 31.16 -20.45 18.82
N ASP A 41 31.38 -19.65 19.86
CA ASP A 41 32.01 -20.09 21.09
C ASP A 41 31.22 -21.30 21.69
N PRO A 42 31.83 -22.48 21.90
CA PRO A 42 31.18 -23.64 22.47
C PRO A 42 30.37 -23.40 23.75
N TRP A 43 30.77 -22.46 24.60
CA TRP A 43 30.04 -22.15 25.84
C TRP A 43 28.72 -21.43 25.62
N VAL A 44 28.44 -20.83 24.47
CA VAL A 44 27.14 -20.26 24.15
C VAL A 44 26.04 -21.32 24.09
N TYR A 45 26.32 -22.52 23.59
CA TYR A 45 25.35 -23.63 23.54
C TYR A 45 25.00 -24.21 24.91
N LEU A 46 25.91 -24.08 25.88
CA LEU A 46 25.81 -24.71 27.19
C LEU A 46 25.10 -23.83 28.24
N ASN A 47 24.90 -22.54 27.99
CA ASN A 47 24.28 -21.59 28.92
C ASN A 47 22.93 -21.09 28.41
N GLN A 48 21.85 -21.26 29.19
CA GLN A 48 20.56 -20.61 28.93
C GLN A 48 20.58 -19.15 29.40
N THR A 49 20.05 -18.21 28.62
CA THR A 49 19.78 -16.83 29.03
C THR A 49 18.29 -16.59 29.01
N GLU A 50 17.75 -15.58 29.69
CA GLU A 50 16.38 -15.16 29.43
C GLU A 50 16.18 -14.79 27.95
N VAL A 51 15.04 -15.16 27.39
CA VAL A 51 14.61 -14.69 26.08
C VAL A 51 14.27 -13.19 26.15
N PRO A 52 14.92 -12.31 25.37
CA PRO A 52 14.53 -10.90 25.30
C PRO A 52 13.06 -10.77 24.87
N GLY A 53 12.22 -10.21 25.74
CA GLY A 53 10.78 -10.10 25.50
C GLY A 53 9.97 -11.39 25.59
N GLY A 54 10.47 -12.42 26.26
CA GLY A 54 9.78 -13.69 26.50
C GLY A 54 9.00 -13.76 27.82
N THR A 55 8.72 -12.63 28.46
CA THR A 55 7.99 -12.55 29.75
C THR A 55 6.57 -12.09 29.51
N PHE A 56 5.60 -12.81 30.07
CA PHE A 56 4.17 -12.51 30.04
C PHE A 56 3.48 -12.98 31.33
N THR A 57 2.23 -12.55 31.55
CA THR A 57 1.40 -13.03 32.67
C THR A 57 0.10 -13.64 32.19
N VAL A 58 -0.42 -14.56 32.97
CA VAL A 58 -1.72 -15.21 32.76
C VAL A 58 -2.52 -15.25 34.07
N SER A 59 -3.83 -15.13 33.98
CA SER A 59 -4.75 -15.28 35.12
C SER A 59 -6.14 -15.69 34.65
N SER A 60 -7.07 -15.91 35.56
CA SER A 60 -8.46 -16.23 35.22
C SER A 60 -9.17 -15.15 34.37
N ALA A 61 -8.68 -13.91 34.35
CA ALA A 61 -9.15 -12.85 33.46
C ALA A 61 -8.68 -12.97 32.00
N THR A 62 -7.69 -13.82 31.69
CA THR A 62 -7.20 -14.04 30.33
C THR A 62 -8.31 -14.60 29.45
N GLN A 63 -8.54 -13.96 28.30
CA GLN A 63 -9.64 -14.29 27.41
C GLN A 63 -9.38 -15.58 26.62
N PRO A 64 -10.39 -16.45 26.42
CA PRO A 64 -10.27 -17.68 25.62
C PRO A 64 -9.64 -17.48 24.25
N GLY A 65 -8.74 -18.39 23.86
CA GLY A 65 -8.12 -18.41 22.53
C GLY A 65 -7.10 -17.30 22.26
N SER A 66 -6.82 -16.42 23.23
CA SER A 66 -5.82 -15.36 23.08
C SER A 66 -4.40 -15.91 23.05
N VAL A 67 -3.58 -15.43 22.12
CA VAL A 67 -2.16 -15.72 22.06
C VAL A 67 -1.44 -14.94 23.16
N LEU A 68 -0.78 -15.63 24.08
CA LEU A 68 -0.07 -15.03 25.21
C LEU A 68 1.31 -14.53 24.81
N LEU A 69 2.00 -15.30 23.99
CA LEU A 69 3.33 -15.02 23.49
C LEU A 69 3.46 -15.55 22.05
N GLU A 70 4.09 -14.78 21.20
CA GLU A 70 4.33 -15.11 19.80
C GLU A 70 5.76 -14.66 19.44
N LEU A 71 6.71 -15.59 19.41
CA LEU A 71 8.13 -15.32 19.13
C LEU A 71 8.57 -15.97 17.84
N GLU A 72 9.13 -15.21 16.91
CA GLU A 72 9.85 -15.78 15.76
C GLU A 72 11.09 -16.54 16.22
N ILE A 73 11.32 -17.74 15.68
CA ILE A 73 12.53 -18.50 15.97
C ILE A 73 13.69 -17.87 15.19
N SER A 74 14.60 -17.20 15.90
CA SER A 74 15.68 -16.38 15.36
C SER A 74 16.80 -16.16 16.40
N PRO A 75 17.98 -15.61 16.04
CA PRO A 75 19.06 -15.30 16.97
C PRO A 75 18.67 -14.34 18.10
N GLU A 76 17.57 -13.60 17.96
CA GLU A 76 17.00 -12.72 18.98
C GLU A 76 16.46 -13.41 20.22
N LEU A 77 16.33 -14.74 20.22
CA LEU A 77 15.89 -15.54 21.36
C LEU A 77 16.88 -15.61 22.52
N ASN A 78 18.15 -15.28 22.33
CA ASN A 78 19.18 -15.45 23.36
C ASN A 78 20.06 -14.19 23.39
N LEU A 79 20.50 -13.76 24.56
CA LEU A 79 21.33 -12.56 24.70
C LEU A 79 22.67 -12.67 23.96
N TYR A 80 23.35 -13.80 24.08
CA TYR A 80 24.61 -14.01 23.41
C TYR A 80 24.46 -14.12 21.90
N THR A 81 23.52 -14.91 21.37
CA THR A 81 23.32 -14.97 19.93
C THR A 81 22.83 -13.67 19.34
N SER A 82 22.03 -12.86 20.04
CA SER A 82 21.61 -11.56 19.51
C SER A 82 22.75 -10.54 19.50
N HIS A 83 23.62 -10.54 20.50
CA HIS A 83 24.86 -9.77 20.46
C HIS A 83 25.78 -10.21 19.32
N LEU A 84 26.01 -11.52 19.17
CA LEU A 84 26.83 -12.09 18.12
C LEU A 84 26.27 -11.81 16.73
N PHE A 85 24.97 -11.97 16.51
CA PHE A 85 24.34 -11.79 15.21
C PHE A 85 24.55 -10.40 14.62
N ARG A 86 24.81 -9.37 15.43
CA ARG A 86 25.14 -8.03 14.93
C ARG A 86 26.36 -7.96 14.02
N MET A 87 27.33 -8.85 14.19
CA MET A 87 28.52 -8.95 13.32
C MET A 87 28.42 -10.05 12.26
N TYR A 88 27.23 -10.59 11.99
CA TYR A 88 26.98 -11.63 11.00
C TYR A 88 25.85 -11.28 10.03
N ALA A 89 26.01 -11.65 8.76
CA ALA A 89 24.99 -11.43 7.72
C ALA A 89 23.80 -12.40 7.78
N GLY A 90 24.01 -13.64 8.20
CA GLY A 90 23.02 -14.70 8.14
C GLY A 90 23.26 -15.77 9.19
N TRP A 91 22.34 -16.71 9.32
CA TRP A 91 22.35 -17.68 10.40
C TRP A 91 21.55 -18.93 10.04
N SER A 92 21.82 -20.03 10.72
CA SER A 92 21.06 -21.27 10.59
C SER A 92 21.04 -22.01 11.91
N GLY A 93 19.94 -22.66 12.25
CA GLY A 93 19.81 -23.57 13.38
C GLY A 93 18.80 -23.16 14.46
N GLY A 94 18.23 -24.13 15.17
CA GLY A 94 17.21 -23.91 16.17
C GLY A 94 17.71 -23.51 17.55
N PHE A 95 16.77 -23.45 18.49
CA PHE A 95 16.98 -23.18 19.90
C PHE A 95 16.38 -24.28 20.76
N SER A 96 16.93 -24.48 21.95
CA SER A 96 16.18 -25.13 23.03
C SER A 96 15.68 -24.03 23.94
N LEU A 97 14.39 -24.06 24.26
CA LEU A 97 13.72 -23.10 25.10
C LEU A 97 13.30 -23.79 26.39
N LYS A 98 13.31 -23.07 27.50
CA LYS A 98 12.72 -23.54 28.75
C LYS A 98 11.66 -22.55 29.19
N LEU A 99 10.46 -23.02 29.50
CA LEU A 99 9.41 -22.18 30.09
C LEU A 99 9.46 -22.32 31.61
N LEU A 100 9.65 -21.22 32.33
CA LEU A 100 9.61 -21.15 33.78
C LEU A 100 8.27 -20.52 34.19
N VAL A 101 7.48 -21.23 34.98
CA VAL A 101 6.14 -20.82 35.39
C VAL A 101 6.13 -20.53 36.89
N ALA A 102 5.84 -19.30 37.29
CA ALA A 102 5.75 -18.89 38.69
C ALA A 102 4.33 -19.03 39.23
N GLY A 103 3.77 -20.24 39.17
CA GLY A 103 2.50 -20.64 39.78
C GLY A 103 2.69 -21.15 41.21
N ASN A 104 1.63 -21.70 41.81
CA ASN A 104 1.67 -22.36 43.13
C ASN A 104 0.73 -23.58 43.17
N ALA A 105 0.41 -24.12 44.35
CA ALA A 105 -0.42 -25.32 44.50
C ALA A 105 -1.90 -25.14 44.06
N PHE A 106 -2.43 -23.92 44.05
CA PHE A 106 -3.83 -23.61 43.72
C PHE A 106 -4.07 -23.34 42.22
N SER A 107 -3.03 -23.28 41.40
CA SER A 107 -3.06 -22.90 39.97
C SER A 107 -3.61 -24.01 39.05
N ALA A 108 -4.88 -24.37 39.18
CA ALA A 108 -5.53 -25.35 38.29
C ALA A 108 -5.71 -24.84 36.86
N GLY A 109 -4.90 -25.31 35.92
CA GLY A 109 -4.98 -25.01 34.50
C GLY A 109 -3.78 -25.52 33.69
N LYS A 110 -3.86 -25.42 32.37
CA LYS A 110 -2.84 -25.90 31.44
C LYS A 110 -2.46 -24.83 30.43
N LEU A 111 -1.21 -24.81 30.04
CA LEU A 111 -0.61 -24.00 28.99
C LEU A 111 -0.24 -24.92 27.81
N ILE A 112 -0.44 -24.49 26.57
CA ILE A 112 0.10 -25.14 25.37
C ILE A 112 1.13 -24.24 24.68
N ALA A 113 2.31 -24.78 24.41
CA ALA A 113 3.33 -24.14 23.58
C ALA A 113 3.43 -24.90 22.26
N ALA A 114 3.23 -24.24 21.13
CA ALA A 114 3.22 -24.85 19.81
C ALA A 114 4.23 -24.18 18.86
N ILE A 115 4.80 -24.99 17.97
CA ILE A 115 5.69 -24.55 16.91
C ILE A 115 4.88 -24.44 15.62
N ILE A 116 4.84 -23.26 15.03
CA ILE A 116 4.08 -22.95 13.82
C ILE A 116 5.08 -22.75 12.67
N PRO A 117 4.99 -23.50 11.55
CA PRO A 117 5.82 -23.27 10.35
C PRO A 117 5.63 -21.89 9.71
N PRO A 118 6.59 -21.40 8.92
CA PRO A 118 6.41 -20.24 8.05
C PRO A 118 5.15 -20.37 7.18
N ASN A 119 4.50 -19.23 6.92
CA ASN A 119 3.33 -19.12 6.04
C ASN A 119 2.07 -19.88 6.52
N ILE A 120 2.02 -20.31 7.78
CA ILE A 120 0.83 -20.88 8.39
C ILE A 120 0.19 -19.87 9.34
N GLU A 121 -1.11 -19.68 9.18
CA GLU A 121 -1.94 -18.83 10.04
C GLU A 121 -2.09 -19.46 11.45
N VAL A 122 -1.83 -18.70 12.50
CA VAL A 122 -1.99 -19.16 13.90
C VAL A 122 -3.47 -19.20 14.28
N PRO A 123 -4.09 -20.33 14.66
CA PRO A 123 -5.50 -20.37 15.03
C PRO A 123 -5.73 -19.81 16.44
N ASN A 124 -6.91 -19.21 16.68
CA ASN A 124 -7.30 -18.70 17.99
C ASN A 124 -8.01 -19.78 18.84
N SER A 125 -7.43 -20.97 18.92
CA SER A 125 -8.04 -22.15 19.53
C SER A 125 -6.98 -23.15 19.97
N ALA A 126 -6.99 -23.52 21.25
CA ALA A 126 -6.01 -24.44 21.79
C ALA A 126 -6.18 -25.88 21.25
N TYR A 127 -7.42 -26.28 21.01
CA TYR A 127 -7.90 -27.45 20.38
C TYR A 127 -7.28 -27.64 19.02
N LEU A 128 -7.17 -26.56 18.24
CA LEU A 128 -6.46 -26.55 16.96
C LEU A 128 -4.93 -26.48 17.12
N LEU A 129 -4.38 -25.80 18.13
CA LEU A 129 -2.94 -25.82 18.39
C LEU A 129 -2.39 -27.21 18.69
N THR A 130 -3.19 -28.16 19.16
CA THR A 130 -2.76 -29.55 19.30
C THR A 130 -2.45 -30.25 17.96
N GLY A 131 -2.90 -29.75 16.83
CA GLY A 131 -2.54 -30.28 15.51
C GLY A 131 -1.14 -29.87 15.03
N PHE A 132 -0.56 -28.83 15.60
CA PHE A 132 0.84 -28.46 15.41
C PHE A 132 1.76 -29.30 16.31
N PRO A 133 3.07 -29.40 16.04
CA PRO A 133 4.01 -29.89 17.04
C PRO A 133 3.99 -29.01 18.29
N HIS A 134 3.74 -29.60 19.46
CA HIS A 134 3.42 -28.86 20.69
C HIS A 134 3.91 -29.56 21.96
N GLU A 135 4.00 -28.83 23.06
CA GLU A 135 4.09 -29.42 24.40
C GLU A 135 3.13 -28.73 25.38
N ILE A 136 2.51 -29.49 26.27
CA ILE A 136 1.53 -29.00 27.25
C ILE A 136 2.15 -28.98 28.66
N LEU A 137 1.83 -27.95 29.45
CA LEU A 137 2.37 -27.72 30.77
C LEU A 137 1.26 -27.39 31.78
N ASP A 138 1.34 -27.92 32.99
CA ASP A 138 0.48 -27.52 34.12
C ASP A 138 1.02 -26.27 34.82
N PHE A 139 0.17 -25.29 35.17
CA PHE A 139 0.63 -24.11 35.89
C PHE A 139 1.20 -24.41 37.29
N ARG A 140 0.93 -25.57 37.88
CA ARG A 140 1.50 -25.98 39.18
C ARG A 140 2.94 -26.49 39.08
N THR A 141 3.43 -26.86 37.91
CA THR A 141 4.74 -27.51 37.76
C THR A 141 5.89 -26.57 38.14
N ALA A 142 6.70 -26.95 39.12
CA ALA A 142 7.82 -26.16 39.63
C ALA A 142 9.10 -26.30 38.79
N ASP A 143 9.23 -27.39 38.03
CA ASP A 143 10.25 -27.56 37.00
C ASP A 143 9.99 -26.69 35.77
N SER A 144 11.02 -26.41 34.99
CA SER A 144 10.85 -25.80 33.67
C SER A 144 10.59 -26.86 32.59
N MET A 145 9.83 -26.50 31.57
CA MET A 145 9.50 -27.39 30.44
C MET A 145 10.41 -27.08 29.25
N GLU A 146 11.00 -28.09 28.61
CA GLU A 146 12.22 -27.95 27.79
C GLU A 146 11.98 -28.13 26.28
N ILE A 147 11.03 -27.39 25.69
CA ILE A 147 10.71 -27.47 24.26
C ILE A 147 11.90 -27.14 23.33
N ILE A 148 12.16 -27.99 22.34
CA ILE A 148 13.01 -27.67 21.20
C ILE A 148 12.23 -26.83 20.20
N ALA A 149 12.73 -25.64 19.88
CA ALA A 149 12.18 -24.79 18.82
C ALA A 149 13.07 -24.86 17.58
N PRO A 150 12.76 -25.76 16.62
CA PRO A 150 13.58 -25.94 15.45
C PRO A 150 13.51 -24.75 14.48
N ASP A 151 14.55 -24.57 13.70
CA ASP A 151 14.63 -23.62 12.60
C ASP A 151 14.01 -24.20 11.32
N ILE A 152 12.73 -23.93 11.10
CA ILE A 152 11.99 -24.36 9.92
C ILE A 152 12.40 -23.52 8.72
N LYS A 153 13.01 -24.13 7.71
CA LYS A 153 13.39 -23.43 6.48
C LYS A 153 13.52 -24.36 5.29
N ASN A 154 13.28 -23.84 4.09
CA ASN A 154 13.52 -24.40 2.82
C ASN A 154 14.73 -23.84 2.13
N ILE A 155 15.54 -23.04 2.81
CA ILE A 155 16.74 -22.36 2.31
C ILE A 155 17.94 -22.79 3.13
N ASP A 156 19.15 -22.62 2.61
CA ASP A 156 20.37 -23.18 3.21
C ASP A 156 20.71 -22.53 4.58
N TYR A 157 20.43 -21.23 4.70
CA TYR A 157 20.56 -20.38 5.88
C TYR A 157 19.70 -19.13 5.67
N HIS A 158 19.41 -18.37 6.72
CA HIS A 158 18.65 -17.14 6.64
C HIS A 158 19.51 -15.91 6.42
N PHE A 159 18.96 -14.91 5.73
CA PHE A 159 19.33 -13.51 5.88
C PHE A 159 18.34 -12.80 6.80
N ARG A 160 18.58 -11.53 7.13
CA ARG A 160 17.58 -10.67 7.77
C ARG A 160 16.36 -10.45 6.86
N GLY A 161 15.17 -10.34 7.45
CA GLY A 161 13.92 -10.09 6.73
C GLY A 161 13.27 -11.30 6.06
N ASP A 162 13.78 -12.52 6.25
CA ASP A 162 13.10 -13.75 5.85
C ASP A 162 11.86 -14.03 6.73
N LYS A 163 10.84 -14.73 6.19
CA LYS A 163 9.70 -15.24 6.97
C LYS A 163 10.12 -16.42 7.83
N LEU A 164 9.78 -16.38 9.11
CA LEU A 164 10.26 -17.35 10.11
C LEU A 164 9.12 -18.15 10.76
N GLY A 165 9.45 -19.35 11.23
CA GLY A 165 8.60 -20.11 12.12
C GLY A 165 8.45 -19.44 13.48
N LYS A 166 7.44 -19.80 14.25
CA LYS A 166 7.10 -19.17 15.52
C LYS A 166 6.90 -20.17 16.64
N LEU A 167 7.17 -19.74 17.87
CA LEU A 167 6.59 -20.34 19.06
C LEU A 167 5.37 -19.52 19.44
N VAL A 168 4.23 -20.18 19.56
CA VAL A 168 2.97 -19.64 20.08
C VAL A 168 2.70 -20.27 21.43
N VAL A 169 2.46 -19.44 22.44
CA VAL A 169 2.00 -19.89 23.76
C VAL A 169 0.58 -19.43 23.99
N MET A 170 -0.27 -20.32 24.46
CA MET A 170 -1.71 -20.13 24.62
C MET A 170 -2.20 -20.92 25.82
N VAL A 171 -3.30 -20.49 26.44
CA VAL A 171 -3.98 -21.26 27.49
C VAL A 171 -4.68 -22.46 26.88
N TYR A 172 -4.30 -23.65 27.32
CA TYR A 172 -4.89 -24.93 26.94
C TYR A 172 -6.13 -25.27 27.78
N SER A 173 -6.01 -25.16 29.11
CA SER A 173 -7.00 -25.29 30.11
C SER A 173 -7.12 -24.03 30.93
N PRO A 174 -8.27 -23.32 30.95
CA PRO A 174 -8.36 -22.04 31.65
C PRO A 174 -8.12 -22.14 33.15
N LEU A 175 -7.63 -21.06 33.76
CA LEU A 175 -7.53 -20.92 35.21
C LEU A 175 -8.93 -20.77 35.82
N ARG A 176 -9.44 -21.83 36.43
CA ARG A 176 -10.80 -21.90 37.02
C ARG A 176 -10.86 -21.60 38.50
N SER A 177 -9.83 -22.00 39.25
CA SER A 177 -9.79 -21.89 40.72
C SER A 177 -9.60 -20.45 41.19
N PHE A 182 -4.55 -13.75 41.81
CA PHE A 182 -3.17 -14.14 41.57
C PHE A 182 -2.84 -14.16 40.07
N GLU A 183 -1.92 -13.30 39.63
CA GLU A 183 -1.33 -13.31 38.29
C GLU A 183 -0.11 -14.23 38.23
N ILE A 184 -0.07 -15.12 37.26
CA ILE A 184 1.03 -16.07 37.07
C ILE A 184 1.99 -15.48 36.04
N GLU A 185 3.20 -15.13 36.45
CA GLU A 185 4.27 -14.72 35.56
C GLU A 185 4.93 -15.94 34.93
N ILE A 186 5.13 -15.89 33.63
CA ILE A 186 5.81 -16.91 32.86
C ILE A 186 6.94 -16.25 32.09
N LYS A 187 8.11 -16.88 32.08
CA LYS A 187 9.22 -16.43 31.24
C LYS A 187 9.96 -17.58 30.60
N LEU A 188 10.54 -17.29 29.46
CA LEU A 188 11.37 -18.21 28.71
C LEU A 188 12.85 -17.94 28.96
N THR A 189 13.63 -18.99 29.03
CA THR A 189 15.07 -18.96 28.79
C THR A 189 15.41 -19.78 27.56
N SER A 190 16.54 -19.54 26.93
CA SER A 190 16.98 -20.30 25.77
C SER A 190 18.49 -20.42 25.61
N ALA A 191 18.90 -21.42 24.85
CA ALA A 191 20.22 -21.57 24.26
C ALA A 191 20.08 -22.08 22.81
N PRO A 192 21.00 -21.73 21.89
CA PRO A 192 21.01 -22.31 20.55
C PRO A 192 21.31 -23.82 20.60
N LEU A 193 20.74 -24.58 19.67
CA LEU A 193 21.04 -25.99 19.48
C LEU A 193 22.46 -26.18 18.95
N PRO A 194 23.15 -27.31 19.20
CA PRO A 194 24.53 -27.53 18.80
C PRO A 194 24.83 -27.34 17.31
N ASP A 195 23.85 -27.51 16.43
CA ASP A 195 23.99 -27.25 15.00
C ASP A 195 23.91 -25.78 14.58
N PHE A 196 23.65 -24.81 15.48
CA PHE A 196 23.54 -23.40 15.14
C PHE A 196 24.86 -22.79 14.63
N LYS A 197 24.82 -22.01 13.54
CA LYS A 197 25.97 -21.42 12.84
C LYS A 197 25.67 -20.03 12.32
N PHE A 198 26.72 -19.21 12.15
CA PHE A 198 26.59 -17.78 11.82
C PHE A 198 27.07 -17.28 10.45
N THR A 199 27.48 -18.10 9.50
CA THR A 199 27.71 -17.60 8.11
C THR A 199 28.78 -16.46 7.95
N MET A 200 28.45 -15.20 7.58
CA MET A 200 29.43 -14.21 7.06
C MET A 200 29.71 -12.99 7.95
N LEU A 201 30.97 -12.69 8.28
CA LEU A 201 31.35 -11.49 9.05
C LEU A 201 31.00 -10.18 8.35
N VAL A 202 30.45 -9.24 9.10
CA VAL A 202 30.08 -7.86 8.72
C VAL A 202 30.36 -6.91 9.89
N PRO A 203 30.53 -5.59 9.70
CA PRO A 203 30.73 -4.68 10.82
C PRO A 203 29.53 -4.68 11.79
N PRO A 204 29.72 -4.53 13.12
CA PRO A 204 28.70 -4.74 14.14
C PRO A 204 27.56 -3.71 14.25
N ILE A 205 27.20 -3.00 13.18
CA ILE A 205 26.13 -1.99 13.17
C ILE A 205 24.85 -2.57 12.53
N GLN A 206 23.73 -2.54 13.26
CA GLN A 206 22.43 -3.02 12.78
C GLN A 206 21.28 -2.12 13.29
N ASN A 207 20.17 -2.10 12.56
CA ASN A 207 19.04 -1.22 12.83
C ASN A 207 18.09 -1.73 13.95
N ASN A 208 18.14 -3.03 14.27
CA ASN A 208 17.21 -3.64 15.24
C ASN A 208 17.54 -3.33 16.70
N ALA A 209 16.55 -3.43 17.59
CA ALA A 209 16.69 -3.04 18.99
C ALA A 209 17.74 -3.84 19.76
N LEU A 210 18.49 -3.18 20.65
CA LEU A 210 19.32 -3.86 21.64
C LEU A 210 18.43 -4.67 22.60
N PRO A 211 18.80 -5.90 22.97
CA PRO A 211 18.01 -6.70 23.91
C PRO A 211 18.08 -6.17 25.35
N ILE A 212 19.07 -5.33 25.67
CA ILE A 212 19.21 -4.58 26.92
C ILE A 212 19.17 -3.09 26.59
N TRP A 213 18.36 -2.32 27.31
CA TRP A 213 18.38 -0.86 27.24
C TRP A 213 19.16 -0.31 28.44
N SER A 214 20.19 0.50 28.19
CA SER A 214 20.91 1.19 29.26
C SER A 214 20.35 2.60 29.39
N ILE A 215 19.75 2.90 30.54
CA ILE A 215 19.10 4.19 30.77
C ILE A 215 20.10 5.09 31.50
N PRO A 216 20.36 6.32 30.99
CA PRO A 216 21.13 7.31 31.74
C PRO A 216 20.54 7.50 33.14
N GLN A 217 21.38 7.57 34.17
CA GLN A 217 20.92 7.62 35.56
C GLN A 217 20.38 9.02 35.98
N ALA A 218 19.80 9.75 35.04
CA ALA A 218 19.29 11.10 35.19
C ALA A 218 17.93 11.11 35.94
N PRO A 219 17.80 11.86 37.04
CA PRO A 219 16.55 11.93 37.78
C PRO A 219 15.47 12.72 37.00
N PRO A 220 14.18 12.41 37.15
CA PRO A 220 13.11 13.17 36.52
C PRO A 220 13.18 14.69 36.74
N TYR A 221 13.65 15.18 37.89
CA TYR A 221 13.78 16.64 38.09
C TYR A 221 14.77 17.30 37.13
N SER A 222 15.70 16.54 36.55
CA SER A 222 16.65 17.00 35.52
C SER A 222 16.10 16.91 34.09
N MET A 223 14.87 16.44 33.92
CA MET A 223 14.21 16.26 32.62
C MET A 223 13.25 17.41 32.34
N VAL A 224 13.24 17.94 31.12
CA VAL A 224 12.33 19.04 30.73
C VAL A 224 10.87 18.60 30.80
N ASN A 225 9.99 19.46 31.32
CA ASN A 225 8.55 19.31 31.09
C ASN A 225 8.19 19.89 29.71
N PRO A 226 7.77 19.09 28.70
CA PRO A 226 7.48 19.62 27.38
C PRO A 226 6.21 20.49 27.28
N ARG A 227 5.32 20.44 28.28
CA ARG A 227 4.14 21.32 28.36
C ARG A 227 4.38 22.56 29.24
N SER A 228 5.52 22.68 29.89
CA SER A 228 5.86 23.87 30.67
C SER A 228 7.38 24.04 30.80
N PRO A 229 8.10 24.33 29.70
CA PRO A 229 9.55 24.15 29.60
C PRO A 229 10.40 24.92 30.62
N LEU A 230 9.89 26.05 31.11
CA LEU A 230 10.49 26.96 32.02
C LEU A 230 10.45 26.51 33.46
N THR A 231 9.53 25.63 33.79
CA THR A 231 9.33 25.12 35.15
C THR A 231 9.93 23.73 35.24
N PRO A 232 10.78 23.46 36.23
CA PRO A 232 11.31 22.11 36.42
C PRO A 232 10.21 21.08 36.70
N VAL A 233 10.38 19.82 36.30
CA VAL A 233 9.61 18.71 36.87
C VAL A 233 9.93 18.62 38.37
N VAL A 234 8.90 18.58 39.22
CA VAL A 234 9.06 18.48 40.69
C VAL A 234 8.54 17.17 41.25
N GLU A 235 7.65 16.50 40.53
CA GLU A 235 6.92 15.33 40.96
C GLU A 235 6.70 14.38 39.78
N LEU A 236 6.74 13.08 40.03
CA LEU A 236 5.97 12.13 39.23
C LEU A 236 4.59 12.05 39.88
N TYR A 237 3.54 11.93 39.09
CA TYR A 237 2.18 12.13 39.56
C TYR A 237 1.20 11.10 38.99
N ILE A 238 0.25 10.67 39.81
CA ILE A 238 -0.82 9.72 39.44
C ILE A 238 -2.18 10.30 39.86
N ASN A 239 -3.18 10.15 39.01
CA ASN A 239 -4.54 10.59 39.26
C ASN A 239 -5.52 9.60 38.62
N SER A 240 -6.34 8.93 39.42
CA SER A 240 -7.25 7.89 38.93
C SER A 240 -8.40 8.43 38.07
N SER A 241 -8.68 9.74 38.09
CA SER A 241 -9.71 10.36 37.26
C SER A 241 -9.22 10.75 35.85
N TYR A 242 -7.91 10.85 35.62
CA TYR A 242 -7.34 11.17 34.31
C TYR A 242 -7.27 9.93 33.42
N ALA A 243 -8.44 9.43 33.01
CA ALA A 243 -8.61 8.22 32.20
C ALA A 243 -8.07 8.32 30.76
N THR A 244 -7.80 9.52 30.26
CA THR A 244 -7.27 9.77 28.90
C THR A 244 -6.25 10.90 28.89
N CYS A 245 -5.37 10.86 27.91
CA CYS A 245 -4.54 11.98 27.48
C CYS A 245 -4.91 12.37 26.04
N ASN A 246 -5.20 13.65 25.79
CA ASN A 246 -5.46 14.21 24.45
C ASN A 246 -4.41 15.24 24.00
N HIS A 247 -3.28 15.35 24.71
CA HIS A 247 -2.26 16.36 24.47
C HIS A 247 -1.65 16.23 23.07
N GLN A 248 -1.27 17.35 22.48
CA GLN A 248 -0.52 17.45 21.24
C GLN A 248 0.96 17.75 21.48
N LEU A 249 1.29 18.28 22.66
CA LEU A 249 2.65 18.39 23.18
C LEU A 249 2.98 17.22 24.12
N GLY A 250 4.26 16.88 24.24
CA GLY A 250 4.72 15.81 25.11
C GLY A 250 4.46 14.40 24.57
N ARG A 251 4.30 14.25 23.25
CA ARG A 251 3.94 13.01 22.57
C ARG A 251 5.09 12.49 21.72
N TYR A 252 5.69 11.38 22.17
CA TYR A 252 6.89 10.81 21.56
C TYR A 252 6.73 9.31 21.46
N THR A 253 6.55 8.77 20.26
CA THR A 253 6.51 7.31 20.05
C THR A 253 7.88 6.81 19.65
N ILE A 254 8.24 5.60 20.06
CA ILE A 254 9.54 5.03 19.77
C ILE A 254 9.81 4.84 18.26
N TYR A 255 8.79 4.56 17.46
CA TYR A 255 8.96 4.32 16.02
C TYR A 255 8.77 5.56 15.15
N GLN A 256 7.74 6.38 15.40
CA GLN A 256 7.42 7.55 14.57
C GLN A 256 8.12 8.86 15.02
N GLY A 257 8.85 8.88 16.12
CA GLY A 257 9.43 10.10 16.69
C GLY A 257 8.42 10.94 17.49
N ALA A 258 8.52 12.27 17.42
CA ALA A 258 7.58 13.21 18.03
C ALA A 258 6.30 13.37 17.16
N ILE A 259 5.16 12.84 17.62
CA ILE A 259 4.00 12.52 16.73
C ILE A 259 2.86 13.54 16.65
N GLY A 260 2.72 14.45 17.61
CA GLY A 260 1.58 15.37 17.64
C GLY A 260 1.92 16.69 16.98
N ASN A 261 1.81 17.76 17.75
CA ASN A 261 2.56 19.00 17.51
C ASN A 261 3.85 19.06 18.36
N SER A 262 4.38 17.92 18.76
CA SER A 262 5.48 17.78 19.72
C SER A 262 6.87 18.01 19.11
N THR A 263 7.85 18.32 19.95
CA THR A 263 9.24 18.66 19.57
C THR A 263 10.24 18.19 20.62
N PHE A 264 11.49 17.92 20.23
CA PHE A 264 12.58 17.51 21.12
C PHE A 264 13.34 18.66 21.79
N ASN A 265 13.06 19.90 21.40
CA ASN A 265 13.50 21.11 22.09
C ASN A 265 12.26 21.98 22.42
N PRO A 266 11.51 21.65 23.49
CA PRO A 266 10.30 22.39 23.87
C PRO A 266 10.50 23.90 24.09
N SER A 267 11.64 24.34 24.64
CA SER A 267 12.01 25.66 24.96
C SER A 267 12.11 26.54 23.75
N GLY A 268 12.86 26.14 22.78
CA GLY A 268 13.03 26.81 21.58
C GLY A 268 11.84 27.00 20.73
N ALA A 269 10.83 26.16 20.93
CA ALA A 269 9.59 26.13 20.21
C ALA A 269 8.42 26.79 20.96
N TRP A 270 8.59 27.11 22.25
CA TRP A 270 7.53 27.61 23.13
C TRP A 270 7.02 28.99 22.72
N THR A 271 7.94 29.84 22.32
CA THR A 271 7.69 31.19 21.78
C THR A 271 7.03 31.11 20.39
N ALA A 272 6.05 31.96 20.11
CA ALA A 272 5.47 32.11 18.78
C ALA A 272 5.33 33.57 18.37
N THR A 273 4.94 33.79 17.12
CA THR A 273 4.47 35.09 16.62
C THR A 273 3.05 34.93 16.08
N CYS A 274 2.23 35.97 16.18
CA CYS A 274 0.94 36.06 15.53
C CYS A 274 0.85 37.35 14.71
N THR A 275 -0.01 37.34 13.70
CA THR A 275 -0.39 38.51 12.93
C THR A 275 -1.80 38.93 13.35
N ALA A 276 -1.95 40.17 13.79
CA ALA A 276 -3.22 40.69 14.28
C ALA A 276 -4.23 40.91 13.14
N GLU A 277 -5.47 40.50 13.36
CA GLU A 277 -6.59 40.74 12.45
C GLU A 277 -7.39 42.00 12.86
N ALA A 278 -8.23 42.53 11.97
CA ALA A 278 -9.02 43.73 12.24
C ALA A 278 -10.10 43.54 13.33
N GLY A 279 -10.71 42.36 13.37
CA GLY A 279 -11.90 42.07 14.18
C GLY A 279 -11.67 41.85 15.67
N SER A 280 -12.78 41.62 16.37
CA SER A 280 -12.86 41.30 17.78
C SER A 280 -13.99 40.30 18.01
N VAL A 281 -13.92 39.46 19.05
CA VAL A 281 -14.93 38.41 19.32
C VAL A 281 -16.34 39.02 19.44
N THR A 282 -17.36 38.33 18.91
CA THR A 282 -18.72 38.85 18.69
C THR A 282 -19.31 39.61 19.90
N GLY A 283 -19.08 39.11 21.11
CA GLY A 283 -19.61 39.70 22.35
C GLY A 283 -18.72 40.72 23.07
N ASN A 284 -17.47 40.97 22.64
CA ASN A 284 -16.51 41.80 23.38
C ASN A 284 -15.50 42.54 22.46
N PRO A 285 -15.43 43.89 22.48
CA PRO A 285 -14.52 44.66 21.63
C PRO A 285 -13.04 44.66 22.09
N ASN A 286 -12.73 44.12 23.27
CA ASN A 286 -11.35 44.00 23.75
C ASN A 286 -10.65 42.70 23.31
N TRP A 287 -11.41 41.65 22.97
CA TRP A 287 -10.89 40.34 22.56
C TRP A 287 -10.55 40.33 21.07
N ARG A 288 -9.46 41.02 20.70
CA ARG A 288 -9.00 41.18 19.32
C ARG A 288 -8.51 39.86 18.73
N TYR A 289 -8.95 39.52 17.53
CA TYR A 289 -8.47 38.32 16.83
C TYR A 289 -7.02 38.45 16.34
N ALA A 290 -6.31 37.32 16.32
CA ALA A 290 -5.05 37.15 15.62
C ALA A 290 -4.96 35.76 14.99
N LEU A 291 -4.15 35.63 13.95
CA LEU A 291 -3.75 34.34 13.39
C LEU A 291 -2.31 34.06 13.74
N LEU A 292 -2.02 32.87 14.27
CA LEU A 292 -0.65 32.44 14.56
C LEU A 292 0.16 32.33 13.26
N ASP A 293 1.41 32.79 13.26
CA ASP A 293 2.32 32.59 12.13
C ASP A 293 2.85 31.15 12.11
N LEU A 294 2.85 30.50 10.94
CA LEU A 294 3.21 29.09 10.74
C LEU A 294 4.47 28.98 9.85
N PRO A 295 5.69 29.00 10.41
CA PRO A 295 6.92 28.85 9.62
C PRO A 295 7.00 27.53 8.83
N ASP A 296 6.56 26.43 9.45
CA ASP A 296 6.61 25.07 8.90
C ASP A 296 5.43 24.74 7.97
N ASN A 297 4.49 25.67 7.77
CA ASN A 297 3.32 25.47 6.91
C ASN A 297 2.92 26.77 6.16
N PRO A 298 3.82 27.40 5.35
CA PRO A 298 3.56 28.73 4.80
C PRO A 298 2.37 28.82 3.84
N THR A 299 2.10 27.74 3.09
CA THR A 299 0.94 27.63 2.20
C THR A 299 -0.33 27.16 2.91
N PHE A 300 -0.33 27.03 4.25
CA PHE A 300 -1.48 26.69 5.10
C PHE A 300 -2.22 25.42 4.65
N ASP A 301 -1.45 24.39 4.30
CA ASP A 301 -1.95 23.07 3.86
C ASP A 301 -2.72 22.36 5.00
N PRO A 302 -3.97 21.91 4.79
CA PRO A 302 -4.80 21.27 5.82
C PRO A 302 -4.34 19.86 6.22
N THR A 303 -3.38 19.28 5.52
CA THR A 303 -2.71 18.02 5.92
C THR A 303 -1.54 18.27 6.87
N LEU A 304 -0.98 19.49 6.89
CA LEU A 304 0.07 19.92 7.82
C LEU A 304 -0.56 20.56 9.07
N PRO A 305 0.17 20.68 10.20
CA PRO A 305 -0.37 21.21 11.44
C PRO A 305 -0.91 22.66 11.29
N PRO A 306 -2.04 22.99 11.92
CA PRO A 306 -2.64 24.33 11.90
C PRO A 306 -2.08 25.30 12.96
N VAL A 307 -1.12 24.87 13.77
CA VAL A 307 -0.54 25.60 14.90
C VAL A 307 1.00 25.51 14.79
N PRO A 308 1.79 26.51 15.23
CA PRO A 308 3.25 26.43 15.18
C PRO A 308 3.79 25.21 15.96
N ARG A 309 4.81 24.53 15.44
CA ARG A 309 5.45 23.37 16.09
C ARG A 309 5.81 23.68 17.54
N GLY A 310 5.35 22.86 18.48
CA GLY A 310 5.66 22.99 19.91
C GLY A 310 4.88 24.07 20.68
N PHE A 311 3.98 24.81 20.04
CA PHE A 311 3.22 25.87 20.72
C PHE A 311 2.17 25.30 21.70
N CYS A 312 2.08 25.92 22.87
CA CYS A 312 1.23 25.59 24.01
C CYS A 312 -0.15 24.97 23.69
N ASP A 313 -0.43 23.79 24.26
CA ASP A 313 -1.71 23.09 24.20
C ASP A 313 -2.44 23.04 25.56
N TRP A 314 -2.23 24.02 26.44
CA TRP A 314 -2.96 24.10 27.71
C TRP A 314 -4.46 24.23 27.49
N GLY A 315 -5.24 23.48 28.25
CA GLY A 315 -6.68 23.59 28.22
C GLY A 315 -7.20 24.88 28.85
N SER A 316 -8.16 25.49 28.16
CA SER A 316 -9.06 26.51 28.70
C SER A 316 -10.46 26.12 28.20
N GLY A 317 -11.42 25.99 29.11
CA GLY A 317 -12.57 25.10 28.90
C GLY A 317 -13.55 25.52 27.81
N VAL A 318 -14.43 24.60 27.42
CA VAL A 318 -15.56 24.85 26.50
C VAL A 318 -16.40 26.04 26.98
N LYS A 319 -16.64 27.03 26.10
CA LYS A 319 -17.52 28.20 26.32
C LYS A 319 -17.30 28.91 27.66
N SER A 320 -16.03 29.21 27.97
CA SER A 320 -15.58 29.65 29.30
C SER A 320 -14.89 31.03 29.33
N GLY A 321 -14.88 31.75 28.20
CA GLY A 321 -14.08 32.97 28.03
C GLY A 321 -14.36 34.10 29.01
N ASN A 322 -15.57 34.22 29.58
CA ASN A 322 -15.86 35.21 30.61
C ASN A 322 -15.43 34.79 32.04
N LYS A 323 -15.08 33.52 32.29
CA LYS A 323 -14.62 33.03 33.60
C LYS A 323 -13.12 32.70 33.69
N GLN A 324 -12.45 32.36 32.60
CA GLN A 324 -11.01 32.03 32.59
C GLN A 324 -10.34 32.30 31.25
N HIS A 325 -9.01 32.50 31.26
CA HIS A 325 -8.19 32.62 30.05
C HIS A 325 -6.82 31.96 30.23
N LEU A 326 -6.11 31.75 29.11
CA LEU A 326 -4.67 31.56 29.11
C LEU A 326 -3.97 32.93 29.24
N VAL A 327 -2.72 32.96 29.70
CA VAL A 327 -1.94 34.20 29.86
C VAL A 327 -0.63 34.08 29.09
N CYS A 328 -0.23 35.14 28.39
CA CYS A 328 1.04 35.21 27.67
C CYS A 328 1.76 36.54 27.94
N PHE A 329 3.09 36.52 27.87
CA PHE A 329 3.84 37.72 27.57
C PHE A 329 3.72 38.02 26.08
N THR A 330 3.36 39.24 25.73
CA THR A 330 3.19 39.65 24.34
C THR A 330 3.60 41.11 24.13
N GLY A 331 4.08 41.42 22.94
CA GLY A 331 4.55 42.74 22.54
C GLY A 331 4.77 42.81 21.03
N LYS A 332 4.74 44.01 20.46
CA LYS A 332 4.81 44.25 19.02
C LYS A 332 6.23 43.96 18.49
N LYS A 333 6.34 43.31 17.34
CA LYS A 333 7.58 43.05 16.60
C LYS A 333 8.16 44.34 16.01
N PHE A 334 9.44 44.59 16.22
CA PHE A 334 10.08 45.88 15.88
C PHE A 334 11.62 45.79 15.84
N ALA A 335 12.23 46.13 14.71
CA ALA A 335 13.65 46.48 14.59
C ALA A 335 14.65 45.56 15.34
N GLY A 336 14.57 44.26 15.10
CA GLY A 336 15.44 43.26 15.74
C GLY A 336 15.04 42.85 17.16
N GLY A 337 13.86 43.25 17.63
CA GLY A 337 13.32 42.92 18.94
C GLY A 337 11.81 43.10 19.03
N PHE A 338 11.33 43.34 20.25
CA PHE A 338 9.91 43.58 20.54
C PHE A 338 9.74 44.78 21.47
N GLN A 339 8.74 45.62 21.19
CA GLN A 339 8.36 46.72 22.06
C GLN A 339 7.33 46.26 23.10
N ASP A 340 7.39 46.86 24.30
CA ASP A 340 6.31 46.86 25.28
C ASP A 340 5.75 45.47 25.61
N VAL A 341 6.65 44.52 25.90
CA VAL A 341 6.29 43.15 26.26
C VAL A 341 5.79 43.08 27.71
N ASP A 342 4.52 42.73 27.92
CA ASP A 342 3.95 42.45 29.25
C ASP A 342 2.82 41.40 29.18
N ALA A 343 2.23 41.05 30.32
CA ALA A 343 1.21 40.02 30.42
C ALA A 343 -0.17 40.46 29.86
N HIS A 344 -0.82 39.58 29.10
CA HIS A 344 -2.19 39.73 28.59
C HIS A 344 -2.95 38.40 28.65
N MET A 345 -4.28 38.45 28.69
CA MET A 345 -5.14 37.28 28.47
C MET A 345 -5.16 36.87 27.00
N TRP A 346 -5.26 35.58 26.72
CA TRP A 346 -5.51 35.05 25.39
C TRP A 346 -6.28 33.73 25.46
N ASP A 347 -6.84 33.30 24.33
CA ASP A 347 -7.41 31.97 24.20
C ASP A 347 -7.51 31.56 22.71
N TYR A 348 -7.70 30.26 22.44
CA TYR A 348 -7.98 29.76 21.10
C TYR A 348 -9.43 30.07 20.68
N GLY A 349 -9.61 30.42 19.41
CA GLY A 349 -10.93 30.55 18.78
C GLY A 349 -11.70 31.83 19.09
N ASP A 350 -12.98 31.70 19.41
CA ASP A 350 -13.95 32.80 19.55
C ASP A 350 -14.87 32.65 20.79
N ASN A 351 -14.58 31.69 21.67
CA ASN A 351 -15.41 31.23 22.79
C ASN A 351 -16.92 31.03 22.50
N GLU A 352 -17.31 30.68 21.27
CA GLU A 352 -18.69 30.26 20.96
C GLU A 352 -18.84 29.14 19.93
N THR A 353 -17.92 28.97 18.96
CA THR A 353 -18.10 28.02 17.85
C THR A 353 -17.33 26.72 18.08
N VAL A 354 -17.98 25.55 17.99
CA VAL A 354 -17.40 24.25 18.36
C VAL A 354 -16.17 23.81 17.55
N GLY A 355 -15.91 24.42 16.40
CA GLY A 355 -14.69 24.21 15.59
C GLY A 355 -13.57 25.23 15.79
N LEU A 356 -13.73 26.20 16.71
CA LEU A 356 -12.72 27.21 17.02
C LEU A 356 -12.53 27.37 18.53
N ASP A 357 -13.60 27.57 19.29
CA ASP A 357 -13.58 27.51 20.75
C ASP A 357 -12.98 26.18 21.21
N ASN A 358 -12.09 26.21 22.20
CA ASN A 358 -11.46 25.00 22.75
C ASN A 358 -10.86 24.09 21.64
N THR A 359 -10.39 24.67 20.53
CA THR A 359 -9.89 23.92 19.37
C THR A 359 -8.46 24.34 19.03
N TYR A 360 -7.58 23.37 18.81
CA TYR A 360 -6.17 23.56 18.52
C TYR A 360 -6.00 23.87 17.02
N GLN A 361 -6.09 25.15 16.67
CA GLN A 361 -6.13 25.68 15.30
C GLN A 361 -5.57 27.12 15.29
N ARG A 362 -5.26 27.67 14.11
CA ARG A 362 -4.51 28.93 13.91
C ARG A 362 -5.10 30.20 14.54
N THR A 363 -6.42 30.24 14.74
CA THR A 363 -7.14 31.40 15.27
C THR A 363 -7.08 31.51 16.79
N ILE A 364 -6.68 32.68 17.29
CA ILE A 364 -6.68 33.04 18.71
C ILE A 364 -7.28 34.44 18.88
N TYR A 365 -7.62 34.82 20.10
CA TYR A 365 -7.83 36.22 20.46
C TYR A 365 -6.93 36.62 21.63
N ILE A 366 -6.51 37.88 21.66
CA ILE A 366 -5.75 38.51 22.73
C ILE A 366 -6.61 39.62 23.35
N SER A 367 -6.67 39.72 24.68
CA SER A 367 -7.49 40.71 25.39
C SER A 367 -6.83 42.10 25.49
N ASP A 368 -6.19 42.56 24.42
CA ASP A 368 -5.67 43.90 24.29
C ASP A 368 -6.42 44.61 23.14
N PRO A 369 -7.20 45.67 23.39
CA PRO A 369 -7.92 46.37 22.32
C PRO A 369 -6.98 47.07 21.31
N SER A 370 -5.70 47.26 21.67
CA SER A 370 -4.76 48.12 20.94
C SER A 370 -4.32 47.64 19.55
N LEU A 371 -4.40 46.34 19.23
CA LEU A 371 -3.60 45.74 18.15
C LEU A 371 -3.81 46.39 16.76
N GLU A 372 -2.76 46.90 16.14
CA GLU A 372 -2.81 47.38 14.76
C GLU A 372 -3.05 46.22 13.77
N LYS A 373 -4.00 46.37 12.84
CA LYS A 373 -4.28 45.37 11.79
C LYS A 373 -3.00 45.05 11.01
N ASP A 374 -2.73 43.77 10.79
CA ASP A 374 -1.53 43.27 10.10
C ASP A 374 -0.18 43.55 10.82
N ALA A 375 -0.18 44.05 12.06
CA ALA A 375 1.03 44.06 12.88
C ALA A 375 1.31 42.67 13.48
N GLN A 376 2.58 42.40 13.78
CA GLN A 376 3.02 41.11 14.31
C GLN A 376 3.36 41.21 15.80
N TYR A 377 2.94 40.24 16.60
CA TYR A 377 3.14 40.22 18.04
C TYR A 377 3.79 38.92 18.52
N LEU A 378 4.69 39.06 19.49
CA LEU A 378 5.23 37.98 20.29
C LEU A 378 4.11 37.26 21.04
N VAL A 379 4.17 35.94 21.18
CA VAL A 379 3.33 35.21 22.11
C VAL A 379 4.19 34.19 22.86
N ILE A 380 4.43 34.44 24.15
CA ILE A 380 5.08 33.51 25.08
C ILE A 380 4.04 33.13 26.14
N PRO A 381 3.32 32.01 25.99
CA PRO A 381 2.41 31.50 27.00
C PRO A 381 3.12 31.32 28.34
N MET A 382 2.52 31.76 29.44
CA MET A 382 3.24 31.89 30.73
C MET A 382 2.40 31.57 31.95
N GLY A 383 1.07 31.44 31.81
CA GLY A 383 0.18 31.09 32.90
C GLY A 383 -1.25 30.87 32.44
N VAL A 384 -2.15 30.77 33.41
CA VAL A 384 -3.61 30.85 33.22
C VAL A 384 -4.19 31.79 34.26
N SER A 385 -5.39 32.32 34.01
CA SER A 385 -6.07 33.32 34.85
C SER A 385 -7.55 32.98 35.11
N GLY A 386 -8.12 33.57 36.16
CA GLY A 386 -9.54 33.39 36.53
C GLY A 386 -9.81 32.04 37.20
N ALA A 387 -10.80 31.30 36.70
CA ALA A 387 -11.32 30.10 37.22
C ALA A 387 -10.61 28.85 36.75
N ALA A 388 -9.44 28.99 36.13
CA ALA A 388 -8.64 27.87 35.66
C ALA A 388 -8.04 27.10 36.84
N ASN A 389 -8.04 25.79 36.74
CA ASN A 389 -7.49 24.83 37.63
C ASN A 389 -6.61 23.80 36.96
N ASP A 390 -6.04 22.85 37.70
CA ASP A 390 -5.25 21.77 37.11
C ASP A 390 -6.06 20.94 36.10
N ASP A 391 -7.33 20.67 36.38
CA ASP A 391 -8.22 19.84 35.55
C ASP A 391 -8.59 20.49 34.22
N THR A 392 -8.70 21.81 34.19
CA THR A 392 -8.94 22.55 32.95
C THR A 392 -7.69 22.57 32.08
N VAL A 393 -6.51 22.88 32.63
CA VAL A 393 -5.21 22.82 31.94
C VAL A 393 -4.88 21.40 31.44
N GLN A 394 -5.28 20.37 32.20
CA GLN A 394 -5.10 18.97 31.85
C GLN A 394 -5.78 18.58 30.54
N VAL A 395 -7.01 19.02 30.29
CA VAL A 395 -7.73 18.68 29.06
C VAL A 395 -7.42 19.70 27.97
N ALA A 396 -6.47 19.36 27.09
CA ALA A 396 -6.08 20.18 25.96
C ALA A 396 -7.26 20.51 25.03
N PRO A 397 -7.19 21.59 24.22
CA PRO A 397 -8.18 21.84 23.19
C PRO A 397 -8.30 20.67 22.20
N ASN A 398 -9.47 20.47 21.63
CA ASN A 398 -9.73 19.44 20.63
C ASN A 398 -8.93 19.67 19.34
N CYS A 399 -8.52 18.61 18.68
CA CYS A 399 -7.85 18.65 17.39
C CYS A 399 -8.79 18.13 16.30
N TYR A 400 -9.03 18.94 15.26
CA TYR A 400 -9.84 18.58 14.11
C TYR A 400 -9.16 18.96 12.78
N GLY A 401 -9.50 18.21 11.72
CA GLY A 401 -8.96 18.39 10.39
C GLY A 401 -8.32 17.10 9.84
N SER A 402 -7.66 17.21 8.70
CA SER A 402 -6.97 16.09 8.04
C SER A 402 -5.46 16.04 8.35
N TRP A 403 -4.99 16.81 9.34
CA TRP A 403 -3.59 16.83 9.77
C TRP A 403 -3.25 15.71 10.75
N ASP A 404 -1.96 15.40 10.90
CA ASP A 404 -1.46 14.29 11.73
C ASP A 404 -1.38 14.63 13.23
N TYR A 405 -2.52 14.92 13.85
CA TYR A 405 -2.60 15.05 15.31
C TYR A 405 -2.33 13.71 16.02
N ALA A 406 -1.76 13.77 17.22
CA ALA A 406 -1.60 12.60 18.08
C ALA A 406 -2.98 12.08 18.54
N PRO A 407 -3.22 10.76 18.58
CA PRO A 407 -4.48 10.20 19.03
C PRO A 407 -4.68 10.36 20.53
N THR A 408 -5.93 10.33 20.98
CA THR A 408 -6.25 10.24 22.40
C THR A 408 -5.91 8.84 22.90
N VAL A 409 -5.12 8.76 23.96
CA VAL A 409 -4.69 7.49 24.57
C VAL A 409 -5.35 7.34 25.93
N ALA A 410 -5.70 6.11 26.28
CA ALA A 410 -6.13 5.69 27.60
C ALA A 410 -5.18 4.59 28.11
N PRO A 411 -4.93 4.48 29.42
CA PRO A 411 -4.16 3.36 29.94
C PRO A 411 -4.99 2.07 29.84
N PRO A 412 -4.35 0.88 29.82
CA PRO A 412 -5.08 -0.38 29.90
C PRO A 412 -5.80 -0.52 31.24
N LEU A 413 -6.88 -1.29 31.28
CA LEU A 413 -7.72 -1.47 32.47
C LEU A 413 -6.90 -1.95 33.69
N GLY A 414 -7.08 -1.31 34.85
CA GLY A 414 -6.31 -1.62 36.05
C GLY A 414 -4.94 -0.94 36.14
N GLU A 415 -4.60 -0.07 35.18
CA GLU A 415 -3.41 0.79 35.20
C GLU A 415 -3.77 2.25 35.03
N GLN A 416 -2.89 3.13 35.50
CA GLN A 416 -3.05 4.58 35.45
C GLN A 416 -1.80 5.20 34.82
N PHE A 417 -1.94 6.32 34.12
CA PHE A 417 -0.79 7.05 33.64
C PHE A 417 0.09 7.55 34.79
N VAL A 418 1.39 7.58 34.55
CA VAL A 418 2.35 8.28 35.40
C VAL A 418 2.81 9.52 34.66
N TRP A 419 2.61 10.68 35.25
CA TRP A 419 2.81 12.01 34.67
C TRP A 419 4.07 12.66 35.21
N PHE A 420 4.79 13.39 34.36
CA PHE A 420 5.78 14.35 34.81
C PHE A 420 5.03 15.64 35.16
N ARG A 421 5.08 16.08 36.43
CA ARG A 421 4.36 17.25 36.94
C ARG A 421 5.30 18.38 37.32
N SER A 422 5.01 19.59 36.84
CA SER A 422 5.69 20.83 37.23
C SER A 422 4.72 21.89 37.75
N GLN A 423 5.21 22.76 38.64
CA GLN A 423 4.43 23.87 39.22
C GLN A 423 4.66 25.15 38.42
N LEU A 424 3.59 25.77 37.92
CA LEU A 424 3.62 27.03 37.18
C LEU A 424 3.24 28.16 38.15
N PRO A 425 4.18 29.04 38.53
CA PRO A 425 3.94 30.06 39.54
C PRO A 425 3.04 31.20 39.03
N ALA A 426 2.36 31.86 39.95
CA ALA A 426 1.55 33.04 39.68
C ALA A 426 2.41 34.27 39.31
N SER A 427 1.87 35.14 38.46
CA SER A 427 2.35 36.50 38.20
C SER A 427 1.22 37.51 38.40
N LYS A 428 1.54 38.67 38.96
CA LYS A 428 0.57 39.60 39.56
C LYS A 428 0.95 41.06 39.28
N THR A 429 -0.03 41.95 39.23
CA THR A 429 0.17 43.41 39.07
C THR A 429 0.08 44.15 40.40
N VAL A 435 -2.71 42.07 34.28
CA VAL A 435 -3.27 40.73 34.35
C VAL A 435 -2.68 39.93 35.52
N ASN A 436 -3.54 39.24 36.27
CA ASN A 436 -3.14 38.35 37.36
C ASN A 436 -3.35 36.87 36.95
N SER A 437 -2.31 36.06 37.04
CA SER A 437 -2.35 34.62 36.75
C SER A 437 -2.35 33.80 38.04
N VAL A 438 -3.10 32.72 38.06
CA VAL A 438 -3.21 31.82 39.22
C VAL A 438 -2.09 30.77 39.20
N PRO A 439 -1.70 30.21 40.35
CA PRO A 439 -0.75 29.10 40.38
C PRO A 439 -1.43 27.79 39.93
N VAL A 440 -0.81 27.04 39.02
CA VAL A 440 -1.32 25.74 38.52
C VAL A 440 -0.21 24.71 38.39
N ASN A 441 -0.62 23.45 38.30
CA ASN A 441 0.26 22.33 37.98
C ASN A 441 0.06 21.87 36.54
N VAL A 442 1.15 21.67 35.81
CA VAL A 442 1.12 21.17 34.43
C VAL A 442 1.68 19.76 34.38
N ASN A 443 0.93 18.83 33.81
CA ASN A 443 1.33 17.44 33.62
C ASN A 443 1.69 17.18 32.16
N ALA A 444 2.83 16.56 31.91
CA ALA A 444 3.17 15.97 30.62
C ALA A 444 3.17 14.44 30.72
N LEU A 445 2.72 13.82 29.64
CA LEU A 445 2.61 12.36 29.52
C LEU A 445 3.98 11.69 29.46
N MET A 446 4.95 12.33 28.79
CA MET A 446 6.33 11.90 28.67
C MET A 446 7.25 13.10 28.53
N SER A 447 8.48 13.00 29.02
CA SER A 447 9.55 13.96 28.70
C SER A 447 10.41 13.47 27.54
N PRO A 448 10.87 14.34 26.62
CA PRO A 448 11.81 13.94 25.59
C PRO A 448 13.13 13.42 26.18
N ASP A 449 13.51 13.84 27.38
CA ASP A 449 14.80 13.49 27.99
C ASP A 449 14.89 12.04 28.49
N LEU A 450 13.78 11.37 28.81
CA LEU A 450 13.77 9.92 29.07
C LEU A 450 13.83 9.13 27.76
N ILE A 451 13.03 9.53 26.78
CA ILE A 451 12.86 8.77 25.55
C ILE A 451 13.99 8.98 24.52
N ARG A 452 14.85 9.99 24.72
CA ARG A 452 16.10 10.22 23.94
C ARG A 452 16.99 8.98 23.89
N SER A 453 17.23 8.34 25.04
CA SER A 453 18.06 7.13 25.10
C SER A 453 17.36 5.89 24.51
N ALA A 454 16.03 5.88 24.49
CA ALA A 454 15.25 4.82 23.87
C ALA A 454 15.36 4.86 22.33
N TYR A 455 15.44 6.03 21.69
CA TYR A 455 15.72 6.12 20.25
C TYR A 455 17.11 5.63 19.86
N ALA A 456 18.13 5.79 20.72
CA ALA A 456 19.44 5.21 20.48
C ALA A 456 19.40 3.66 20.56
N SER A 457 18.72 3.13 21.57
CA SER A 457 18.71 1.71 21.89
C SER A 457 17.72 0.87 21.05
N GLY A 458 16.57 1.45 20.70
CA GLY A 458 15.42 0.79 20.06
C GLY A 458 14.55 -0.01 21.04
N PHE A 459 13.32 -0.32 20.63
CA PHE A 459 12.40 -1.25 21.31
C PHE A 459 12.15 -2.50 20.44
N PRO A 460 12.15 -3.72 21.00
CA PRO A 460 11.71 -4.91 20.29
C PRO A 460 10.24 -4.82 19.86
N LEU A 461 9.90 -5.30 18.66
CA LEU A 461 8.54 -5.23 18.12
C LEU A 461 7.50 -5.90 19.03
N GLY A 462 6.40 -5.21 19.29
CA GLY A 462 5.32 -5.70 20.13
C GLY A 462 5.67 -5.85 21.61
N LYS A 463 6.73 -5.23 22.10
CA LYS A 463 7.14 -5.21 23.51
C LYS A 463 7.06 -3.83 24.13
N VAL A 464 6.91 -3.84 25.45
CA VAL A 464 6.88 -2.72 26.37
C VAL A 464 8.10 -2.81 27.30
N ALA A 465 8.68 -1.68 27.71
CA ALA A 465 9.74 -1.67 28.71
C ALA A 465 9.16 -1.69 30.13
N LEU A 466 9.47 -2.70 30.93
CA LEU A 466 9.29 -2.62 32.37
C LEU A 466 10.46 -1.83 32.96
N LEU A 467 10.17 -0.73 33.63
CA LEU A 467 11.15 0.14 34.27
C LEU A 467 10.98 0.03 35.77
N ASP A 468 12.08 -0.21 36.48
CA ASP A 468 12.18 0.07 37.89
C ASP A 468 12.50 1.56 38.09
N TYR A 469 11.75 2.25 38.94
CA TYR A 469 12.05 3.62 39.35
C TYR A 469 12.52 3.61 40.79
N VAL A 470 13.78 3.96 41.00
CA VAL A 470 14.54 3.64 42.22
C VAL A 470 14.63 4.86 43.11
N LEU A 471 14.17 4.75 44.36
CA LEU A 471 14.06 5.85 45.33
C LEU A 471 14.81 5.54 46.63
N PHE A 472 15.31 6.58 47.28
CA PHE A 472 15.92 6.53 48.62
C PHE A 472 17.04 5.48 48.76
N GLY A 473 17.87 5.31 47.71
CA GLY A 473 18.97 4.35 47.70
C GLY A 473 18.56 2.90 47.45
N GLY A 474 17.39 2.67 46.86
CA GLY A 474 16.81 1.35 46.65
C GLY A 474 15.93 0.85 47.79
N SER A 475 15.72 1.66 48.84
CA SER A 475 14.75 1.38 49.90
C SER A 475 13.32 1.25 49.35
N VAL A 476 12.95 2.10 48.38
CA VAL A 476 11.68 2.04 47.66
C VAL A 476 11.96 1.89 46.18
N VAL A 477 11.28 0.96 45.51
CA VAL A 477 11.38 0.80 44.06
C VAL A 477 9.99 0.68 43.48
N ARG A 478 9.55 1.69 42.73
CA ARG A 478 8.31 1.65 41.95
C ARG A 478 8.55 0.90 40.64
N GLN A 479 7.51 0.36 40.02
CA GLN A 479 7.61 -0.25 38.69
C GLN A 479 6.58 0.32 37.74
N PHE A 480 7.03 0.69 36.56
CA PHE A 480 6.22 1.30 35.51
C PHE A 480 6.41 0.56 34.21
N LYS A 481 5.37 0.51 33.38
CA LYS A 481 5.51 0.07 32.00
C LYS A 481 5.62 1.29 31.12
N LEU A 482 6.69 1.40 30.33
CA LEU A 482 6.84 2.39 29.26
C LEU A 482 6.51 1.75 27.93
N TYR A 483 5.44 2.24 27.31
CA TYR A 483 4.92 1.75 26.04
C TYR A 483 5.63 2.38 24.85
N PRO A 484 5.71 1.68 23.72
CA PRO A 484 6.23 2.25 22.48
C PRO A 484 5.39 3.44 21.98
N GLU A 485 4.09 3.44 22.28
CA GLU A 485 3.12 4.51 22.01
C GLU A 485 3.37 5.80 22.83
N GLY A 486 4.38 5.81 23.72
CA GLY A 486 4.94 7.04 24.26
C GLY A 486 4.44 7.48 25.63
N TYR A 487 4.12 6.56 26.53
CA TYR A 487 3.62 6.88 27.87
C TYR A 487 4.02 5.85 28.92
N MET A 488 4.02 6.25 30.19
CA MET A 488 4.22 5.34 31.32
C MET A 488 2.93 5.03 32.05
N THR A 489 2.77 3.78 32.49
CA THR A 489 1.69 3.38 33.38
C THR A 489 2.19 2.67 34.62
N ALA A 490 1.45 2.82 35.70
CA ALA A 490 1.61 2.08 36.94
C ALA A 490 0.38 1.21 37.16
N ASN A 491 0.57 0.06 37.78
CA ASN A 491 -0.52 -0.76 38.29
C ASN A 491 -0.90 -0.27 39.70
N THR A 492 -2.20 -0.12 39.95
CA THR A 492 -2.70 0.60 41.13
C THR A 492 -3.78 -0.17 41.86
N THR A 493 -3.86 0.01 43.18
CA THR A 493 -5.06 -0.28 44.00
C THR A 493 -5.59 1.00 44.61
N GLY A 494 -6.89 1.03 44.92
CA GLY A 494 -7.54 2.21 45.48
C GLY A 494 -7.82 3.30 44.43
N SER A 495 -8.14 4.50 44.90
CA SER A 495 -8.44 5.65 44.04
C SER A 495 -7.99 6.95 44.72
N ASN A 496 -7.38 7.86 43.95
CA ASN A 496 -6.80 9.09 44.48
C ASN A 496 -6.71 10.12 43.36
N THR A 497 -7.11 11.35 43.67
CA THR A 497 -7.17 12.47 42.73
C THR A 497 -5.90 13.37 42.80
N GLY A 498 -4.80 12.83 43.30
CA GLY A 498 -3.47 13.44 43.24
C GLY A 498 -2.42 12.75 44.10
N PHE A 499 -2.04 11.52 43.74
CA PHE A 499 -0.93 10.80 44.37
C PHE A 499 0.41 11.31 43.81
N ILE A 500 1.38 11.58 44.68
CA ILE A 500 2.69 12.15 44.28
C ILE A 500 3.82 11.15 44.56
N ILE A 501 4.83 11.18 43.70
CA ILE A 501 6.04 10.37 43.79
C ILE A 501 7.25 11.32 43.66
N PRO A 502 8.27 11.24 44.52
CA PRO A 502 9.44 12.09 44.43
C PRO A 502 10.13 12.03 43.07
N ALA A 503 10.61 13.17 42.56
CA ALA A 503 11.23 13.27 41.24
C ALA A 503 12.77 13.16 41.24
N ASP A 504 13.38 12.68 42.33
CA ASP A 504 14.83 12.56 42.52
C ASP A 504 15.36 11.12 42.50
N GLY A 505 14.50 10.14 42.23
CA GLY A 505 14.90 8.77 41.92
C GLY A 505 15.46 8.67 40.50
N TYR A 506 15.77 7.45 40.06
CA TYR A 506 16.21 7.22 38.68
C TYR A 506 15.52 6.01 38.10
N PHE A 507 15.31 6.02 36.79
CA PHE A 507 14.84 4.86 36.06
C PHE A 507 15.98 3.90 35.80
N ARG A 508 15.77 2.60 35.98
CA ARG A 508 16.58 1.57 35.32
C ARG A 508 15.70 0.56 34.62
N PHE A 509 16.20 0.08 33.50
CA PHE A 509 15.55 -0.95 32.71
C PHE A 509 15.50 -2.24 33.51
N ASN A 510 14.33 -2.85 33.64
CA ASN A 510 14.18 -4.16 34.22
C ASN A 510 14.24 -5.21 33.12
N SER A 511 13.26 -5.20 32.22
CA SER A 511 13.06 -6.24 31.21
C SER A 511 12.06 -5.78 30.16
N TRP A 512 12.01 -6.51 29.05
CA TRP A 512 10.94 -6.40 28.06
C TRP A 512 9.77 -7.31 28.43
N VAL A 513 8.57 -6.79 28.34
CA VAL A 513 7.34 -7.48 28.75
C VAL A 513 6.28 -7.31 27.68
N SER A 514 5.30 -8.21 27.62
CA SER A 514 4.13 -8.04 26.76
C SER A 514 3.28 -6.83 27.20
N PRO A 515 2.57 -6.15 26.28
CA PRO A 515 1.70 -5.02 26.62
C PRO A 515 0.65 -5.32 27.70
N SER A 516 0.12 -6.54 27.73
CA SER A 516 -0.85 -7.02 28.71
C SER A 516 -0.22 -7.57 30.00
N PHE A 517 1.10 -7.52 30.18
CA PHE A 517 1.77 -7.93 31.41
C PHE A 517 1.27 -7.14 32.61
N MET A 518 0.88 -7.81 33.68
CA MET A 518 0.48 -7.18 34.94
C MET A 518 1.68 -7.05 35.87
N ILE A 519 1.99 -5.82 36.28
CA ILE A 519 3.13 -5.50 37.15
C ILE A 519 2.89 -6.09 38.54
N SER A 520 3.92 -6.67 39.19
CA SER A 520 3.78 -7.22 40.54
C SER A 520 3.77 -6.12 41.62
N SER A 521 4.61 -5.09 41.50
CA SER A 521 4.55 -3.92 42.39
C SER A 521 3.31 -3.08 42.11
N VAL A 522 2.43 -2.99 43.11
CA VAL A 522 1.22 -2.18 43.09
C VAL A 522 1.47 -0.85 43.81
N VAL A 523 1.16 0.27 43.17
CA VAL A 523 1.06 1.56 43.88
C VAL A 523 -0.29 1.60 44.60
N ASP A 524 -0.29 1.60 45.93
CA ASP A 524 -1.52 1.68 46.70
C ASP A 524 -1.96 3.14 46.92
N LEU A 525 -2.91 3.60 46.11
CA LEU A 525 -3.30 5.00 46.03
C LEU A 525 -4.02 5.51 47.29
N ASN A 526 -4.63 4.62 48.08
CA ASN A 526 -5.37 4.95 49.28
C ASN A 526 -4.47 5.35 50.47
N LEU A 527 -3.15 5.15 50.39
CA LEU A 527 -2.17 5.46 51.46
C LEU A 527 -2.60 4.93 52.83
N THR B 19 4.44 -43.30 -25.05
CA THR B 19 3.59 -42.10 -25.08
C THR B 19 3.72 -41.23 -23.82
N VAL B 20 4.93 -41.16 -23.21
CA VAL B 20 5.23 -40.35 -22.02
C VAL B 20 6.12 -39.16 -22.39
N THR B 21 5.65 -37.94 -22.15
CA THR B 21 6.34 -36.69 -22.52
C THR B 21 6.74 -35.89 -21.29
N ALA B 22 8.01 -35.52 -21.18
CA ALA B 22 8.51 -34.56 -20.22
C ALA B 22 9.09 -33.36 -20.97
N PRO B 23 8.29 -32.31 -21.27
CA PRO B 23 8.78 -31.18 -22.05
C PRO B 23 9.91 -30.43 -21.34
N LEU B 24 9.87 -30.41 -20.00
CA LEU B 24 10.93 -29.94 -19.14
C LEU B 24 11.27 -31.04 -18.10
N PRO B 25 12.56 -31.31 -17.80
CA PRO B 25 12.93 -32.32 -16.81
C PRO B 25 12.42 -32.06 -15.39
N GLU B 26 12.02 -33.11 -14.68
CA GLU B 26 11.76 -33.07 -13.25
C GLU B 26 13.06 -33.17 -12.44
N ALA B 27 13.37 -32.17 -11.63
CA ALA B 27 14.53 -32.17 -10.74
C ALA B 27 14.14 -32.70 -9.35
N VAL B 28 14.66 -33.86 -8.94
CA VAL B 28 14.30 -34.49 -7.67
C VAL B 28 14.95 -33.77 -6.49
N SER B 29 14.16 -33.18 -5.61
CA SER B 29 14.66 -32.65 -4.34
C SER B 29 15.04 -33.75 -3.35
N SER B 30 16.16 -33.56 -2.66
CA SER B 30 16.65 -34.36 -1.60
C SER B 30 15.82 -34.24 -0.35
N LEU B 31 15.09 -33.14 -0.17
CA LEU B 31 14.31 -32.86 1.04
C LEU B 31 15.15 -32.88 2.33
N SER B 32 16.44 -32.57 2.24
CA SER B 32 17.36 -32.53 3.32
C SER B 32 16.92 -31.57 4.40
N LEU B 33 16.47 -30.41 4.04
CA LEU B 33 16.07 -29.33 4.86
C LEU B 33 14.76 -29.51 5.57
N ALA B 34 13.91 -30.41 5.09
CA ALA B 34 12.61 -30.70 5.68
C ALA B 34 12.78 -31.26 7.11
N PRO B 35 12.12 -30.70 8.14
CA PRO B 35 12.30 -31.19 9.51
C PRO B 35 11.69 -32.59 9.69
N THR B 36 10.60 -32.88 8.98
CA THR B 36 10.07 -34.21 8.76
C THR B 36 9.82 -34.40 7.28
N VAL B 37 9.96 -35.62 6.77
CA VAL B 37 9.51 -35.98 5.43
C VAL B 37 8.37 -36.96 5.59
N ASN B 38 7.18 -36.61 5.10
CA ASN B 38 5.99 -37.41 5.27
C ASN B 38 5.72 -38.16 3.98
N ALA B 39 5.80 -39.49 4.05
CA ALA B 39 5.43 -40.35 2.95
C ALA B 39 3.91 -40.35 2.75
N LEU B 40 3.48 -40.43 1.50
CA LEU B 40 2.11 -40.76 1.16
C LEU B 40 1.92 -42.29 1.26
N ASP B 41 0.68 -42.71 1.43
CA ASP B 41 0.26 -44.08 1.16
C ASP B 41 0.75 -44.54 -0.22
N PRO B 42 1.51 -45.65 -0.33
CA PRO B 42 1.99 -46.17 -1.61
C PRO B 42 0.94 -46.31 -2.70
N TRP B 43 -0.32 -46.57 -2.35
CA TRP B 43 -1.41 -46.70 -3.31
C TRP B 43 -1.86 -45.38 -3.96
N VAL B 44 -1.57 -44.22 -3.39
CA VAL B 44 -1.91 -42.93 -4.01
C VAL B 44 -1.08 -42.68 -5.27
N TYR B 45 0.15 -43.19 -5.32
CA TYR B 45 1.00 -43.15 -6.51
C TYR B 45 0.56 -44.11 -7.63
N LEU B 46 -0.34 -45.06 -7.36
CA LEU B 46 -0.69 -46.14 -8.28
C LEU B 46 -2.03 -45.98 -8.99
N ASN B 47 -2.99 -45.21 -8.44
CA ASN B 47 -4.30 -44.95 -9.06
C ASN B 47 -4.36 -43.51 -9.59
N GLN B 48 -4.58 -43.33 -10.90
CA GLN B 48 -4.85 -42.01 -11.45
C GLN B 48 -6.29 -41.57 -11.15
N THR B 49 -6.49 -40.45 -10.45
CA THR B 49 -7.81 -39.82 -10.29
C THR B 49 -8.00 -38.76 -11.35
N GLU B 50 -9.23 -38.34 -11.62
CA GLU B 50 -9.47 -37.10 -12.35
C GLU B 50 -8.79 -35.92 -11.65
N VAL B 51 -8.20 -35.00 -12.40
CA VAL B 51 -7.66 -33.74 -11.87
C VAL B 51 -8.82 -32.86 -11.43
N PRO B 52 -8.88 -32.34 -10.20
CA PRO B 52 -10.04 -31.63 -9.68
C PRO B 52 -10.74 -30.66 -10.64
N GLY B 53 -10.02 -29.72 -11.25
CA GLY B 53 -10.55 -28.81 -12.27
C GLY B 53 -10.19 -29.11 -13.73
N GLY B 54 -9.52 -30.23 -14.03
CA GLY B 54 -8.85 -30.50 -15.31
C GLY B 54 -9.77 -30.99 -16.42
N THR B 55 -10.99 -30.46 -16.51
CA THR B 55 -12.01 -30.81 -17.51
C THR B 55 -12.36 -29.58 -18.34
N PHE B 56 -12.31 -29.71 -19.66
CA PHE B 56 -12.54 -28.61 -20.60
C PHE B 56 -13.09 -29.16 -21.92
N THR B 57 -13.69 -28.29 -22.73
CA THR B 57 -14.32 -28.66 -24.00
C THR B 57 -13.72 -27.84 -25.10
N VAL B 58 -13.52 -28.44 -26.27
CA VAL B 58 -13.19 -27.72 -27.49
C VAL B 58 -14.30 -27.94 -28.51
N SER B 59 -14.72 -26.88 -29.15
CA SER B 59 -15.74 -26.88 -30.21
C SER B 59 -15.19 -26.21 -31.46
N SER B 60 -15.85 -26.38 -32.60
CA SER B 60 -15.46 -25.66 -33.81
C SER B 60 -15.52 -24.13 -33.66
N ALA B 61 -16.34 -23.60 -32.75
CA ALA B 61 -16.38 -22.18 -32.41
C ALA B 61 -15.20 -21.68 -31.56
N THR B 62 -14.48 -22.56 -30.86
CA THR B 62 -13.41 -22.18 -29.92
C THR B 62 -12.19 -21.62 -30.66
N GLN B 63 -11.82 -20.37 -30.39
CA GLN B 63 -10.84 -19.63 -31.21
C GLN B 63 -9.38 -20.09 -31.00
N PRO B 64 -8.52 -20.04 -32.03
CA PRO B 64 -7.08 -20.22 -31.89
C PRO B 64 -6.46 -19.32 -30.82
N GLY B 65 -5.49 -19.84 -30.07
CA GLY B 65 -4.80 -19.10 -29.00
C GLY B 65 -5.61 -18.92 -27.71
N SER B 66 -6.84 -19.42 -27.62
CA SER B 66 -7.63 -19.39 -26.39
C SER B 66 -7.05 -20.35 -25.35
N VAL B 67 -6.87 -19.91 -24.11
CA VAL B 67 -6.52 -20.79 -23.00
C VAL B 67 -7.75 -21.59 -22.56
N LEU B 68 -7.68 -22.90 -22.68
CA LEU B 68 -8.75 -23.83 -22.30
C LEU B 68 -8.61 -24.26 -20.85
N LEU B 69 -7.38 -24.42 -20.41
CA LEU B 69 -7.06 -24.91 -19.09
C LEU B 69 -5.78 -24.24 -18.58
N GLU B 70 -5.84 -23.70 -17.38
CA GLU B 70 -4.69 -23.24 -16.62
C GLU B 70 -4.69 -23.94 -15.26
N LEU B 71 -3.58 -24.56 -14.87
CA LEU B 71 -3.44 -25.24 -13.58
C LEU B 71 -2.13 -24.85 -12.91
N GLU B 72 -2.15 -24.49 -11.63
CA GLU B 72 -0.90 -24.47 -10.84
C GLU B 72 -0.44 -25.91 -10.61
N ILE B 73 0.83 -26.21 -10.85
CA ILE B 73 1.41 -27.50 -10.50
C ILE B 73 1.63 -27.51 -9.00
N SER B 74 0.76 -28.23 -8.29
CA SER B 74 0.63 -28.23 -6.83
C SER B 74 -0.11 -29.49 -6.36
N PRO B 75 -0.21 -29.77 -5.04
CA PRO B 75 -0.93 -30.94 -4.54
C PRO B 75 -2.41 -30.98 -4.97
N GLU B 76 -2.98 -29.83 -5.32
CA GLU B 76 -4.34 -29.65 -5.83
C GLU B 76 -4.59 -30.32 -7.19
N LEU B 77 -3.57 -30.82 -7.88
CA LEU B 77 -3.71 -31.55 -9.14
C LEU B 77 -4.33 -32.94 -9.01
N ASN B 78 -4.40 -33.54 -7.84
CA ASN B 78 -4.90 -34.89 -7.65
C ASN B 78 -5.92 -34.93 -6.49
N LEU B 79 -6.94 -35.77 -6.58
CA LEU B 79 -8.03 -35.85 -5.60
C LEU B 79 -7.53 -36.21 -4.20
N TYR B 80 -6.62 -37.18 -4.09
CA TYR B 80 -6.09 -37.62 -2.80
C TYR B 80 -5.05 -36.65 -2.24
N THR B 81 -4.11 -36.14 -3.04
CA THR B 81 -3.11 -35.19 -2.54
C THR B 81 -3.69 -33.82 -2.24
N SER B 82 -4.76 -33.39 -2.92
CA SER B 82 -5.51 -32.18 -2.57
C SER B 82 -6.18 -32.32 -1.19
N HIS B 83 -6.81 -33.46 -0.91
CA HIS B 83 -7.37 -33.76 0.40
C HIS B 83 -6.30 -33.87 1.48
N LEU B 84 -5.20 -34.59 1.21
CA LEU B 84 -4.10 -34.74 2.17
C LEU B 84 -3.41 -33.42 2.49
N PHE B 85 -3.25 -32.53 1.52
CA PHE B 85 -2.57 -31.26 1.71
C PHE B 85 -3.22 -30.38 2.77
N ARG B 86 -4.51 -30.52 3.04
CA ARG B 86 -5.20 -29.82 4.15
C ARG B 86 -4.52 -30.01 5.51
N MET B 87 -3.77 -31.09 5.75
CA MET B 87 -3.05 -31.32 7.00
C MET B 87 -1.53 -31.17 6.88
N TYR B 88 -1.00 -30.53 5.82
CA TYR B 88 0.43 -30.30 5.65
C TYR B 88 0.81 -28.85 5.38
N ALA B 89 1.95 -28.41 5.94
CA ALA B 89 2.48 -27.07 5.77
C ALA B 89 3.23 -26.84 4.46
N GLY B 90 3.66 -27.89 3.79
CA GLY B 90 4.57 -27.81 2.66
C GLY B 90 4.74 -29.13 1.95
N TRP B 91 5.33 -29.11 0.77
CA TRP B 91 5.32 -30.22 -0.17
C TRP B 91 6.44 -30.08 -1.21
N SER B 92 6.75 -31.17 -1.88
CA SER B 92 7.66 -31.18 -3.04
C SER B 92 7.29 -32.29 -3.99
N GLY B 93 7.59 -32.11 -5.27
CA GLY B 93 7.53 -33.12 -6.32
C GLY B 93 6.41 -32.89 -7.32
N GLY B 94 6.58 -33.40 -8.53
CA GLY B 94 5.65 -33.21 -9.64
C GLY B 94 4.57 -34.27 -9.75
N PHE B 95 3.83 -34.20 -10.87
CA PHE B 95 2.72 -35.09 -11.20
C PHE B 95 2.92 -35.74 -12.55
N SER B 96 2.36 -36.93 -12.70
CA SER B 96 2.19 -37.58 -14.00
C SER B 96 0.74 -37.41 -14.42
N LEU B 97 0.49 -36.65 -15.48
CA LEU B 97 -0.83 -36.37 -16.02
C LEU B 97 -1.13 -37.27 -17.21
N LYS B 98 -2.35 -37.78 -17.34
CA LYS B 98 -2.81 -38.52 -18.52
C LYS B 98 -3.99 -37.78 -19.13
N LEU B 99 -4.01 -37.71 -20.46
CA LEU B 99 -5.01 -36.96 -21.23
C LEU B 99 -6.11 -37.90 -21.74
N LEU B 100 -7.32 -37.82 -21.21
CA LEU B 100 -8.46 -38.63 -21.68
C LEU B 100 -9.30 -37.78 -22.64
N VAL B 101 -9.25 -38.11 -23.92
CA VAL B 101 -9.85 -37.30 -25.00
C VAL B 101 -11.02 -38.07 -25.57
N ALA B 102 -12.26 -37.59 -25.40
CA ALA B 102 -13.43 -38.18 -26.04
C ALA B 102 -13.53 -37.75 -27.52
N GLY B 103 -12.51 -38.11 -28.30
CA GLY B 103 -12.38 -37.82 -29.72
C GLY B 103 -13.32 -38.62 -30.61
N ASN B 104 -13.28 -38.33 -31.91
CA ASN B 104 -14.10 -38.97 -32.93
C ASN B 104 -13.32 -39.09 -34.24
N ALA B 105 -13.83 -39.86 -35.19
CA ALA B 105 -13.19 -40.18 -36.46
C ALA B 105 -13.04 -39.01 -37.44
N PHE B 106 -13.78 -37.91 -37.27
CA PHE B 106 -13.92 -36.85 -38.27
C PHE B 106 -13.17 -35.55 -37.94
N SER B 107 -12.65 -35.42 -36.73
CA SER B 107 -12.06 -34.19 -36.24
C SER B 107 -10.57 -34.04 -36.53
N ALA B 108 -10.18 -32.83 -36.88
CA ALA B 108 -8.80 -32.37 -37.02
C ALA B 108 -8.58 -31.12 -36.16
N GLY B 109 -7.35 -30.93 -35.70
CA GLY B 109 -6.97 -29.83 -34.83
C GLY B 109 -5.85 -30.22 -33.87
N LYS B 110 -5.29 -29.25 -33.18
CA LYS B 110 -4.17 -29.43 -32.27
C LYS B 110 -4.33 -28.60 -31.02
N LEU B 111 -4.04 -29.15 -29.86
CA LEU B 111 -3.77 -28.38 -28.64
C LEU B 111 -2.27 -28.16 -28.48
N ILE B 112 -1.88 -27.18 -27.70
CA ILE B 112 -0.54 -27.03 -27.17
C ILE B 112 -0.64 -27.06 -25.64
N ALA B 113 0.13 -27.94 -25.01
CA ALA B 113 0.33 -27.95 -23.56
C ALA B 113 1.71 -27.35 -23.24
N ALA B 114 1.76 -26.28 -22.47
CA ALA B 114 2.99 -25.59 -22.09
C ALA B 114 3.18 -25.56 -20.56
N ILE B 115 4.42 -25.72 -20.12
CA ILE B 115 4.82 -25.57 -18.73
C ILE B 115 5.46 -24.20 -18.57
N ILE B 116 4.91 -23.37 -17.69
CA ILE B 116 5.39 -22.03 -17.39
C ILE B 116 6.18 -22.09 -16.07
N PRO B 117 7.43 -21.61 -16.00
CA PRO B 117 8.16 -21.51 -14.74
C PRO B 117 7.49 -20.55 -13.74
N PRO B 118 7.75 -20.69 -12.43
CA PRO B 118 7.04 -20.03 -11.34
C PRO B 118 6.79 -18.53 -11.45
N ASN B 119 7.80 -17.74 -11.81
CA ASN B 119 7.73 -16.27 -11.73
C ASN B 119 7.32 -15.60 -13.06
N ILE B 120 7.05 -16.38 -14.10
CA ILE B 120 6.87 -15.90 -15.47
C ILE B 120 5.38 -15.69 -15.79
N GLU B 121 5.04 -14.61 -16.48
CA GLU B 121 3.66 -14.36 -16.91
C GLU B 121 3.21 -15.25 -18.06
N VAL B 122 1.95 -15.70 -18.03
CA VAL B 122 1.36 -16.52 -19.10
C VAL B 122 1.08 -15.64 -20.33
N PRO B 123 1.61 -15.97 -21.52
CA PRO B 123 1.29 -15.23 -22.75
C PRO B 123 -0.15 -15.38 -23.20
N ASN B 124 -0.58 -14.50 -24.10
CA ASN B 124 -1.93 -14.47 -24.64
C ASN B 124 -2.03 -14.95 -26.10
N SER B 125 -0.98 -15.57 -26.63
CA SER B 125 -0.93 -16.07 -28.01
C SER B 125 -0.15 -17.37 -28.12
N ALA B 126 -0.50 -18.18 -29.12
CA ALA B 126 0.19 -19.42 -29.43
C ALA B 126 1.65 -19.17 -29.79
N TYR B 127 1.95 -18.07 -30.48
CA TYR B 127 3.30 -17.74 -30.90
C TYR B 127 4.27 -17.60 -29.72
N LEU B 128 3.90 -16.83 -28.71
CA LEU B 128 4.71 -16.68 -27.51
C LEU B 128 4.72 -17.96 -26.67
N LEU B 129 3.59 -18.67 -26.58
CA LEU B 129 3.50 -19.91 -25.83
C LEU B 129 4.43 -21.01 -26.36
N THR B 130 4.69 -21.08 -27.67
CA THR B 130 5.67 -22.01 -28.23
C THR B 130 7.12 -21.74 -27.80
N GLY B 131 7.43 -20.60 -27.18
CA GLY B 131 8.75 -20.31 -26.62
C GLY B 131 9.01 -20.95 -25.25
N PHE B 132 7.98 -21.47 -24.58
CA PHE B 132 8.08 -22.28 -23.36
C PHE B 132 8.36 -23.75 -23.67
N PRO B 133 8.77 -24.57 -22.69
CA PRO B 133 8.74 -26.02 -22.84
C PRO B 133 7.31 -26.53 -23.00
N HIS B 134 7.03 -27.19 -24.11
CA HIS B 134 5.69 -27.53 -24.54
C HIS B 134 5.61 -28.87 -25.29
N GLU B 135 4.41 -29.41 -25.42
CA GLU B 135 4.06 -30.49 -26.33
C GLU B 135 2.83 -30.11 -27.14
N ILE B 136 2.84 -30.44 -28.43
CA ILE B 136 1.72 -30.24 -29.34
C ILE B 136 0.97 -31.56 -29.46
N LEU B 137 -0.36 -31.50 -29.33
CA LEU B 137 -1.26 -32.63 -29.11
C LEU B 137 -2.37 -32.62 -30.18
N ASP B 138 -2.21 -33.41 -31.23
CA ASP B 138 -3.19 -33.59 -32.30
C ASP B 138 -4.42 -34.39 -31.84
N PHE B 139 -5.64 -33.96 -32.16
CA PHE B 139 -6.86 -34.68 -31.76
C PHE B 139 -6.94 -36.14 -32.24
N ARG B 140 -6.22 -36.54 -33.29
CA ARG B 140 -6.16 -37.93 -33.77
C ARG B 140 -5.34 -38.86 -32.86
N THR B 141 -4.39 -38.34 -32.08
CA THR B 141 -3.42 -39.16 -31.33
C THR B 141 -3.22 -38.73 -29.87
N ALA B 142 -3.82 -37.64 -29.42
CA ALA B 142 -3.70 -37.13 -28.04
C ALA B 142 -4.28 -38.05 -26.94
N ASP B 143 -5.25 -38.92 -27.26
CA ASP B 143 -5.90 -39.75 -26.26
C ASP B 143 -4.92 -40.71 -25.57
N SER B 144 -4.95 -40.75 -24.24
CA SER B 144 -4.07 -41.51 -23.35
C SER B 144 -2.59 -41.13 -23.37
N MET B 145 -2.22 -40.01 -23.98
CA MET B 145 -0.89 -39.39 -23.87
C MET B 145 -0.60 -38.99 -22.42
N GLU B 146 0.62 -39.23 -21.96
CA GLU B 146 1.06 -38.91 -20.60
C GLU B 146 2.04 -37.75 -20.62
N ILE B 147 1.85 -36.79 -19.72
CA ILE B 147 2.65 -35.57 -19.60
C ILE B 147 3.17 -35.49 -18.17
N ILE B 148 4.49 -35.37 -17.97
CA ILE B 148 5.05 -35.02 -16.66
C ILE B 148 4.85 -33.53 -16.43
N ALA B 149 4.17 -33.15 -15.35
CA ALA B 149 4.11 -31.79 -14.84
C ALA B 149 5.18 -31.64 -13.75
N PRO B 150 6.36 -31.06 -14.07
CA PRO B 150 7.48 -31.01 -13.13
C PRO B 150 7.25 -29.95 -12.05
N ASP B 151 7.80 -30.18 -10.87
CA ASP B 151 7.80 -29.21 -9.79
C ASP B 151 9.04 -28.31 -9.87
N ILE B 152 8.94 -27.20 -10.60
CA ILE B 152 10.01 -26.21 -10.75
C ILE B 152 10.11 -25.34 -9.50
N LYS B 153 11.29 -25.31 -8.88
CA LYS B 153 11.62 -24.49 -7.71
C LYS B 153 13.13 -24.30 -7.58
N ASN B 154 13.56 -23.31 -6.82
CA ASN B 154 14.97 -23.09 -6.43
C ASN B 154 15.24 -23.37 -4.94
N ILE B 155 14.26 -23.92 -4.25
CA ILE B 155 14.17 -24.17 -2.80
C ILE B 155 13.92 -25.66 -2.55
N ASP B 156 14.24 -26.16 -1.36
CA ASP B 156 14.20 -27.59 -1.03
C ASP B 156 12.79 -28.22 -1.11
N TYR B 157 11.78 -27.46 -0.72
CA TYR B 157 10.35 -27.78 -0.77
C TYR B 157 9.58 -26.48 -0.71
N HIS B 158 8.31 -26.50 -1.10
CA HIS B 158 7.43 -25.33 -1.02
C HIS B 158 6.84 -25.15 0.37
N PHE B 159 6.72 -23.92 0.84
CA PHE B 159 5.69 -23.57 1.81
C PHE B 159 4.38 -23.22 1.11
N ARG B 160 3.32 -22.98 1.86
CA ARG B 160 2.08 -22.40 1.35
C ARG B 160 2.25 -20.95 0.89
N GLY B 161 1.51 -20.55 -0.13
CA GLY B 161 1.56 -19.19 -0.69
C GLY B 161 2.77 -18.87 -1.57
N ASP B 162 3.67 -19.83 -1.81
CA ASP B 162 4.75 -19.68 -2.78
C ASP B 162 4.21 -19.57 -4.23
N LYS B 163 4.96 -18.88 -5.11
CA LYS B 163 4.73 -18.83 -6.56
C LYS B 163 5.04 -20.19 -7.18
N LEU B 164 4.13 -20.67 -8.03
CA LEU B 164 4.16 -22.01 -8.59
C LEU B 164 4.22 -22.00 -10.12
N GLY B 165 4.86 -23.01 -10.69
CA GLY B 165 4.80 -23.26 -12.12
C GLY B 165 3.38 -23.64 -12.55
N LYS B 166 3.04 -23.33 -13.81
CA LYS B 166 1.72 -23.58 -14.38
C LYS B 166 1.79 -24.58 -15.52
N LEU B 167 0.75 -25.37 -15.68
CA LEU B 167 0.43 -26.03 -16.95
C LEU B 167 -0.65 -25.19 -17.64
N VAL B 168 -0.39 -24.82 -18.88
CA VAL B 168 -1.32 -24.07 -19.74
C VAL B 168 -1.65 -24.91 -20.95
N VAL B 169 -2.92 -25.16 -21.21
CA VAL B 169 -3.39 -25.81 -22.43
C VAL B 169 -4.16 -24.80 -23.27
N MET B 170 -3.78 -24.69 -24.54
CA MET B 170 -4.29 -23.70 -25.47
C MET B 170 -4.64 -24.35 -26.82
N VAL B 171 -5.62 -23.80 -27.54
CA VAL B 171 -5.94 -24.21 -28.92
C VAL B 171 -4.81 -23.75 -29.84
N TYR B 172 -4.15 -24.69 -30.49
CA TYR B 172 -3.06 -24.40 -31.42
C TYR B 172 -3.56 -24.32 -32.86
N SER B 173 -4.18 -25.38 -33.35
CA SER B 173 -4.97 -25.41 -34.57
C SER B 173 -6.43 -25.66 -34.20
N PRO B 174 -7.39 -24.86 -34.68
CA PRO B 174 -8.78 -24.96 -34.25
C PRO B 174 -9.42 -26.30 -34.63
N LEU B 175 -10.42 -26.72 -33.86
CA LEU B 175 -11.21 -27.90 -34.15
C LEU B 175 -12.00 -27.72 -35.46
N ARG B 176 -11.75 -28.58 -36.43
CA ARG B 176 -12.48 -28.67 -37.70
C ARG B 176 -12.95 -30.09 -37.91
N SER B 177 -14.01 -30.28 -38.68
CA SER B 177 -14.62 -31.58 -38.89
C SER B 177 -14.87 -31.84 -40.35
N THR B 178 -14.58 -33.04 -40.82
CA THR B 178 -15.13 -33.55 -42.08
C THR B 178 -16.56 -34.03 -41.78
N SER B 179 -17.55 -33.76 -42.61
CA SER B 179 -18.96 -34.00 -42.24
C SER B 179 -19.41 -33.31 -40.92
N ALA B 180 -19.92 -34.06 -39.93
CA ALA B 180 -20.72 -33.56 -38.81
C ALA B 180 -19.93 -32.80 -37.74
N ASP B 181 -20.56 -31.79 -37.13
CA ASP B 181 -19.94 -30.80 -36.25
C ASP B 181 -19.91 -31.24 -34.76
N PHE B 182 -19.09 -32.25 -34.44
CA PHE B 182 -18.82 -32.73 -33.07
C PHE B 182 -18.11 -31.69 -32.17
N GLU B 183 -18.19 -31.90 -30.85
CA GLU B 183 -17.34 -31.29 -29.83
C GLU B 183 -16.48 -32.35 -29.15
N ILE B 184 -15.31 -31.97 -28.61
CA ILE B 184 -14.43 -32.88 -27.87
C ILE B 184 -14.34 -32.42 -26.42
N GLU B 185 -14.71 -33.29 -25.49
CA GLU B 185 -14.46 -33.12 -24.06
C GLU B 185 -13.14 -33.82 -23.70
N ILE B 186 -12.20 -33.07 -23.13
CA ILE B 186 -10.93 -33.59 -22.63
C ILE B 186 -10.95 -33.52 -21.10
N LYS B 187 -10.62 -34.65 -20.47
CA LYS B 187 -10.36 -34.75 -19.03
C LYS B 187 -8.89 -35.07 -18.78
N LEU B 188 -8.26 -34.41 -17.83
CA LEU B 188 -7.00 -34.90 -17.27
C LEU B 188 -7.25 -35.89 -16.13
N THR B 189 -6.41 -36.90 -16.03
CA THR B 189 -6.21 -37.66 -14.80
C THR B 189 -4.78 -37.50 -14.33
N SER B 190 -4.52 -37.71 -13.05
CA SER B 190 -3.21 -37.49 -12.44
C SER B 190 -2.89 -38.53 -11.38
N ALA B 191 -1.60 -38.76 -11.18
CA ALA B 191 -1.04 -39.32 -9.96
C ALA B 191 0.24 -38.56 -9.62
N PRO B 192 0.59 -38.39 -8.33
CA PRO B 192 1.88 -37.83 -7.97
C PRO B 192 3.03 -38.70 -8.49
N LEU B 193 4.14 -38.08 -8.88
CA LEU B 193 5.37 -38.81 -9.19
C LEU B 193 5.95 -39.46 -7.93
N PRO B 194 6.73 -40.56 -8.02
CA PRO B 194 7.28 -41.24 -6.85
C PRO B 194 8.08 -40.35 -5.87
N ASP B 195 8.75 -39.31 -6.35
CA ASP B 195 9.47 -38.36 -5.51
C ASP B 195 8.57 -37.37 -4.75
N PHE B 196 7.26 -37.33 -4.99
CA PHE B 196 6.36 -36.44 -4.27
C PHE B 196 6.29 -36.77 -2.78
N LYS B 197 6.44 -35.76 -1.92
CA LYS B 197 6.38 -35.84 -0.46
C LYS B 197 5.68 -34.64 0.13
N PHE B 198 5.14 -34.79 1.33
CA PHE B 198 4.72 -33.69 2.21
C PHE B 198 5.74 -33.44 3.33
N THR B 199 5.67 -32.27 3.97
CA THR B 199 6.73 -31.82 4.91
C THR B 199 6.35 -31.75 6.39
N MET B 200 5.23 -31.17 6.80
CA MET B 200 4.98 -30.95 8.24
C MET B 200 3.50 -31.04 8.59
N LEU B 201 3.12 -31.90 9.53
CA LEU B 201 1.74 -31.97 10.02
C LEU B 201 1.29 -30.68 10.71
N VAL B 202 0.14 -30.20 10.29
CA VAL B 202 -0.59 -29.03 10.81
C VAL B 202 -2.07 -29.43 10.92
N PRO B 203 -2.91 -28.76 11.73
CA PRO B 203 -4.32 -29.12 11.84
C PRO B 203 -5.04 -29.04 10.49
N PRO B 204 -6.04 -29.90 10.19
CA PRO B 204 -6.70 -30.00 8.87
C PRO B 204 -7.64 -28.84 8.49
N ILE B 205 -7.17 -27.60 8.64
CA ILE B 205 -7.92 -26.35 8.44
C ILE B 205 -7.30 -25.43 7.36
N GLN B 206 -6.31 -25.90 6.61
CA GLN B 206 -5.49 -25.03 5.77
C GLN B 206 -6.21 -24.51 4.51
N ASN B 207 -5.74 -23.39 3.98
CA ASN B 207 -6.43 -22.54 3.01
C ASN B 207 -6.71 -23.13 1.61
N ASN B 208 -6.19 -24.31 1.25
CA ASN B 208 -6.43 -24.90 -0.07
C ASN B 208 -7.86 -25.43 -0.17
N ALA B 209 -8.52 -25.25 -1.32
CA ALA B 209 -9.90 -25.65 -1.50
C ALA B 209 -10.04 -27.17 -1.47
N LEU B 210 -11.10 -27.69 -0.84
CA LEU B 210 -11.39 -29.11 -0.88
C LEU B 210 -11.64 -29.56 -2.32
N PRO B 211 -11.14 -30.74 -2.74
CA PRO B 211 -11.32 -31.23 -4.10
C PRO B 211 -12.76 -31.64 -4.39
N ILE B 212 -13.59 -31.83 -3.36
CA ILE B 212 -15.01 -32.08 -3.43
C ILE B 212 -15.70 -30.99 -2.63
N TRP B 213 -16.75 -30.38 -3.17
CA TRP B 213 -17.68 -29.55 -2.41
C TRP B 213 -18.96 -30.35 -2.14
N SER B 214 -19.37 -30.49 -0.89
CA SER B 214 -20.67 -31.10 -0.53
C SER B 214 -21.69 -30.00 -0.20
N ILE B 215 -22.82 -30.02 -0.90
CA ILE B 215 -23.86 -28.99 -0.79
C ILE B 215 -25.05 -29.56 0.01
N PRO B 216 -25.48 -28.94 1.12
CA PRO B 216 -26.73 -29.30 1.78
C PRO B 216 -27.92 -29.19 0.82
N GLN B 217 -28.84 -30.15 0.86
CA GLN B 217 -29.88 -30.31 -0.16
C GLN B 217 -31.08 -29.34 -0.02
N ALA B 218 -30.86 -28.10 0.38
CA ALA B 218 -31.87 -27.06 0.46
C ALA B 218 -32.47 -26.74 -0.93
N PRO B 219 -33.79 -26.89 -1.18
CA PRO B 219 -34.42 -26.48 -2.43
C PRO B 219 -34.39 -24.97 -2.66
N PRO B 220 -34.36 -24.46 -3.92
CA PRO B 220 -34.44 -23.03 -4.20
C PRO B 220 -35.62 -22.30 -3.55
N TYR B 221 -36.82 -22.90 -3.44
CA TYR B 221 -37.94 -22.24 -2.77
C TYR B 221 -37.69 -21.97 -1.27
N SER B 222 -36.83 -22.74 -0.61
CA SER B 222 -36.43 -22.54 0.78
C SER B 222 -35.39 -21.42 0.96
N MET B 223 -34.89 -20.83 -0.12
CA MET B 223 -33.90 -19.75 -0.12
C MET B 223 -34.55 -18.37 -0.24
N VAL B 224 -33.94 -17.33 0.34
CA VAL B 224 -34.40 -15.94 0.21
C VAL B 224 -34.12 -15.36 -1.19
N ASN B 225 -35.03 -14.56 -1.75
CA ASN B 225 -34.73 -13.69 -2.88
C ASN B 225 -34.16 -12.35 -2.39
N PRO B 226 -32.87 -12.05 -2.59
CA PRO B 226 -32.27 -10.82 -2.07
C PRO B 226 -32.71 -9.53 -2.79
N ARG B 227 -33.43 -9.62 -3.91
CA ARG B 227 -34.06 -8.48 -4.59
C ARG B 227 -35.55 -8.35 -4.33
N SER B 228 -36.16 -9.30 -3.61
CA SER B 228 -37.53 -9.17 -3.11
C SER B 228 -37.74 -10.05 -1.88
N PRO B 229 -37.29 -9.61 -0.69
CA PRO B 229 -37.18 -10.48 0.48
C PRO B 229 -38.50 -11.08 1.00
N LEU B 230 -39.64 -10.38 0.85
CA LEU B 230 -40.93 -10.80 1.43
C LEU B 230 -41.63 -11.90 0.62
N THR B 231 -41.21 -12.12 -0.62
CA THR B 231 -41.85 -13.03 -1.57
C THR B 231 -40.96 -14.25 -1.81
N PRO B 232 -41.47 -15.48 -1.69
CA PRO B 232 -40.66 -16.68 -1.87
C PRO B 232 -40.18 -16.84 -3.30
N VAL B 233 -39.01 -17.44 -3.50
CA VAL B 233 -38.60 -17.96 -4.80
C VAL B 233 -39.62 -19.03 -5.23
N VAL B 234 -40.17 -18.91 -6.43
CA VAL B 234 -41.16 -19.85 -6.98
C VAL B 234 -40.62 -20.59 -8.20
N GLU B 235 -39.61 -20.04 -8.87
CA GLU B 235 -39.08 -20.52 -10.14
C GLU B 235 -37.57 -20.25 -10.21
N LEU B 236 -36.81 -21.17 -10.80
CA LEU B 236 -35.58 -20.82 -11.48
C LEU B 236 -35.94 -20.38 -12.90
N TYR B 237 -35.28 -19.36 -13.41
CA TYR B 237 -35.73 -18.64 -14.60
C TYR B 237 -34.61 -18.39 -15.60
N ILE B 238 -34.90 -18.46 -16.90
CA ILE B 238 -33.95 -18.17 -17.98
C ILE B 238 -34.62 -17.29 -19.05
N ASN B 239 -33.90 -16.30 -19.56
CA ASN B 239 -34.36 -15.36 -20.58
C ASN B 239 -33.18 -14.91 -21.45
N SER B 240 -33.25 -15.19 -22.75
CA SER B 240 -32.16 -14.92 -23.70
C SER B 240 -31.83 -13.44 -23.90
N SER B 241 -32.75 -12.53 -23.57
CA SER B 241 -32.50 -11.08 -23.65
C SER B 241 -31.78 -10.52 -22.41
N TYR B 242 -31.79 -11.24 -21.27
CA TYR B 242 -31.12 -10.82 -20.04
C TYR B 242 -29.64 -11.22 -20.08
N ALA B 243 -28.94 -10.73 -21.10
CA ALA B 243 -27.54 -11.00 -21.41
C ALA B 243 -26.54 -10.31 -20.46
N THR B 244 -27.03 -9.46 -19.56
CA THR B 244 -26.26 -8.61 -18.65
C THR B 244 -26.92 -8.56 -17.27
N CYS B 245 -26.12 -8.54 -16.22
CA CYS B 245 -26.55 -8.18 -14.87
C CYS B 245 -25.73 -6.98 -14.37
N ASN B 246 -26.39 -5.87 -14.04
CA ASN B 246 -25.78 -4.72 -13.37
C ASN B 246 -26.26 -4.53 -11.91
N HIS B 247 -26.97 -5.52 -11.34
CA HIS B 247 -27.56 -5.44 -10.00
C HIS B 247 -26.50 -5.16 -8.93
N GLN B 248 -26.86 -4.41 -7.90
CA GLN B 248 -26.07 -4.22 -6.69
C GLN B 248 -26.56 -5.17 -5.58
N LEU B 249 -27.84 -5.50 -5.54
CA LEU B 249 -28.38 -6.52 -4.64
C LEU B 249 -28.25 -7.94 -5.22
N GLY B 250 -28.15 -8.95 -4.35
CA GLY B 250 -27.98 -10.35 -4.77
C GLY B 250 -26.61 -10.66 -5.39
N ARG B 251 -25.57 -9.94 -4.98
CA ARG B 251 -24.20 -10.09 -5.47
C ARG B 251 -23.29 -10.59 -4.37
N TYR B 252 -22.83 -11.81 -4.53
CA TYR B 252 -21.98 -12.55 -3.59
C TYR B 252 -20.86 -13.22 -4.37
N THR B 253 -19.64 -13.22 -3.88
CA THR B 253 -18.53 -13.96 -4.51
C THR B 253 -17.85 -14.84 -3.48
N ILE B 254 -17.24 -15.96 -3.88
CA ILE B 254 -16.51 -16.79 -2.91
C ILE B 254 -15.29 -16.05 -2.35
N TYR B 255 -14.67 -15.17 -3.14
CA TYR B 255 -13.49 -14.41 -2.75
C TYR B 255 -13.78 -13.33 -1.69
N GLN B 256 -14.88 -12.58 -1.85
CA GLN B 256 -15.12 -11.32 -1.13
C GLN B 256 -16.35 -11.34 -0.22
N GLY B 257 -17.17 -12.40 -0.28
CA GLY B 257 -18.50 -12.41 0.34
C GLY B 257 -19.50 -11.55 -0.44
N ALA B 258 -20.43 -10.90 0.26
CA ALA B 258 -21.33 -9.91 -0.34
C ALA B 258 -20.56 -8.69 -0.88
N ILE B 259 -20.88 -8.24 -2.09
CA ILE B 259 -20.20 -7.13 -2.77
C ILE B 259 -21.21 -6.09 -3.26
N GLY B 260 -20.76 -4.86 -3.54
CA GLY B 260 -21.58 -3.82 -4.13
C GLY B 260 -22.91 -3.57 -3.43
N ASN B 261 -22.93 -3.24 -2.15
CA ASN B 261 -24.17 -2.97 -1.40
C ASN B 261 -25.12 -4.16 -1.12
N SER B 262 -24.79 -5.37 -1.54
CA SER B 262 -25.44 -6.61 -1.06
C SER B 262 -25.16 -6.91 0.42
N THR B 263 -25.96 -7.79 1.01
CA THR B 263 -25.91 -8.20 2.43
C THR B 263 -26.33 -9.65 2.63
N PHE B 264 -25.86 -10.30 3.70
CA PHE B 264 -26.24 -11.67 4.07
C PHE B 264 -27.60 -11.78 4.78
N ASN B 265 -28.17 -10.68 5.26
CA ASN B 265 -29.56 -10.61 5.71
C ASN B 265 -30.35 -9.59 4.85
N PRO B 266 -30.80 -9.95 3.64
CA PRO B 266 -31.48 -9.01 2.75
C PRO B 266 -32.82 -8.52 3.28
N SER B 267 -33.49 -9.28 4.15
CA SER B 267 -34.76 -8.89 4.73
C SER B 267 -34.60 -7.76 5.74
N GLY B 268 -33.67 -7.84 6.64
CA GLY B 268 -33.38 -6.86 7.57
C GLY B 268 -32.86 -5.58 7.08
N ALA B 269 -32.21 -5.59 5.94
CA ALA B 269 -31.66 -4.43 5.29
C ALA B 269 -32.62 -3.71 4.34
N TRP B 270 -33.80 -4.28 4.09
CA TRP B 270 -34.75 -3.80 3.07
C TRP B 270 -35.34 -2.42 3.40
N THR B 271 -35.48 -2.13 4.70
CA THR B 271 -36.08 -0.90 5.22
C THR B 271 -35.03 0.19 5.37
N ALA B 272 -35.18 1.31 4.66
CA ALA B 272 -34.39 2.51 4.87
C ALA B 272 -35.20 3.59 5.63
N THR B 273 -34.52 4.65 6.05
CA THR B 273 -35.14 5.95 6.33
C THR B 273 -34.49 7.03 5.47
N CYS B 274 -35.22 8.10 5.22
CA CYS B 274 -34.72 9.26 4.52
C CYS B 274 -35.07 10.53 5.29
N THR B 275 -34.13 11.47 5.38
CA THR B 275 -34.40 12.83 5.77
C THR B 275 -35.01 13.56 4.58
N ALA B 276 -36.20 14.11 4.71
CA ALA B 276 -36.80 14.95 3.68
C ALA B 276 -35.97 16.21 3.43
N GLU B 277 -35.87 16.63 2.17
CA GLU B 277 -34.99 17.69 1.70
C GLU B 277 -35.81 18.87 1.20
N ALA B 278 -35.31 20.10 1.35
CA ALA B 278 -36.00 21.29 0.88
C ALA B 278 -36.13 21.30 -0.66
N GLY B 279 -37.31 21.61 -1.17
CA GLY B 279 -37.61 21.67 -2.61
C GLY B 279 -38.13 20.37 -3.23
N SER B 280 -38.36 20.44 -4.53
CA SER B 280 -39.17 19.51 -5.29
C SER B 280 -38.70 19.42 -6.75
N VAL B 281 -39.03 18.33 -7.48
CA VAL B 281 -38.64 18.16 -8.88
C VAL B 281 -39.20 19.31 -9.75
N THR B 282 -38.38 19.80 -10.69
CA THR B 282 -38.75 20.93 -11.54
C THR B 282 -39.92 20.58 -12.46
N GLY B 283 -40.93 21.45 -12.52
CA GLY B 283 -42.19 21.21 -13.24
C GLY B 283 -43.11 20.13 -12.63
N ASN B 284 -42.74 19.52 -11.50
CA ASN B 284 -43.50 18.47 -10.80
C ASN B 284 -43.49 18.71 -9.28
N PRO B 285 -44.22 19.72 -8.77
CA PRO B 285 -44.11 20.20 -7.39
C PRO B 285 -44.58 19.20 -6.33
N ASN B 286 -45.37 18.19 -6.69
CA ASN B 286 -45.72 17.07 -5.81
C ASN B 286 -44.54 16.11 -5.53
N TRP B 287 -43.49 16.09 -6.35
CA TRP B 287 -42.39 15.12 -6.29
C TRP B 287 -41.24 15.67 -5.45
N ARG B 288 -41.41 15.62 -4.12
CA ARG B 288 -40.51 16.17 -3.13
C ARG B 288 -39.20 15.40 -3.03
N TYR B 289 -38.06 16.07 -2.96
CA TYR B 289 -36.79 15.40 -2.71
C TYR B 289 -36.68 14.85 -1.28
N ALA B 290 -35.86 13.81 -1.12
CA ALA B 290 -35.33 13.39 0.17
C ALA B 290 -33.92 12.81 -0.01
N LEU B 291 -33.14 12.83 1.06
CA LEU B 291 -31.85 12.16 1.14
C LEU B 291 -31.99 10.92 2.02
N LEU B 292 -31.63 9.76 1.49
CA LEU B 292 -31.54 8.52 2.27
C LEU B 292 -30.53 8.70 3.41
N ASP B 293 -30.87 8.27 4.62
CA ASP B 293 -29.97 8.31 5.78
C ASP B 293 -28.96 7.16 5.72
N LEU B 294 -27.68 7.41 6.01
CA LEU B 294 -26.59 6.43 5.79
C LEU B 294 -25.93 6.00 7.11
N PRO B 295 -26.50 5.06 7.89
CA PRO B 295 -25.90 4.59 9.15
C PRO B 295 -24.46 4.08 9.02
N ASP B 296 -24.11 3.44 7.90
CA ASP B 296 -22.76 2.92 7.63
C ASP B 296 -21.83 3.93 6.91
N ASN B 297 -22.33 5.10 6.51
CA ASN B 297 -21.57 6.16 5.84
C ASN B 297 -22.00 7.57 6.31
N PRO B 298 -21.96 7.88 7.62
CA PRO B 298 -22.45 9.15 8.17
C PRO B 298 -21.52 10.33 7.86
N THR B 299 -20.24 10.09 7.57
CA THR B 299 -19.29 11.10 7.09
C THR B 299 -19.47 11.42 5.61
N PHE B 300 -20.36 10.71 4.90
CA PHE B 300 -20.65 10.82 3.47
C PHE B 300 -19.40 10.71 2.59
N ASP B 301 -18.52 9.75 2.87
CA ASP B 301 -17.35 9.46 2.04
C ASP B 301 -17.77 8.98 0.64
N PRO B 302 -17.16 9.50 -0.45
CA PRO B 302 -17.36 8.99 -1.81
C PRO B 302 -16.89 7.55 -2.05
N THR B 303 -15.97 7.02 -1.22
CA THR B 303 -15.42 5.66 -1.35
C THR B 303 -16.31 4.59 -0.71
N LEU B 304 -17.11 4.94 0.30
CA LEU B 304 -18.16 4.09 0.85
C LEU B 304 -19.45 4.20 0.02
N PRO B 305 -20.37 3.23 0.06
CA PRO B 305 -21.60 3.26 -0.72
C PRO B 305 -22.44 4.51 -0.49
N PRO B 306 -23.09 5.07 -1.53
CA PRO B 306 -23.99 6.21 -1.42
C PRO B 306 -25.43 5.84 -1.01
N VAL B 307 -25.76 4.55 -0.86
CA VAL B 307 -27.02 3.99 -0.57
C VAL B 307 -26.97 3.16 0.69
N PRO B 308 -28.00 3.13 1.57
CA PRO B 308 -28.06 2.17 2.68
C PRO B 308 -27.86 0.73 2.19
N ARG B 309 -27.14 -0.09 2.96
CA ARG B 309 -26.83 -1.47 2.52
C ARG B 309 -28.12 -2.29 2.39
N GLY B 310 -28.21 -3.12 1.36
CA GLY B 310 -29.39 -3.94 1.10
C GLY B 310 -30.64 -3.20 0.62
N PHE B 311 -30.57 -1.90 0.37
CA PHE B 311 -31.73 -1.14 -0.12
C PHE B 311 -31.99 -1.33 -1.62
N CYS B 312 -33.27 -1.37 -1.98
CA CYS B 312 -33.80 -1.66 -3.31
C CYS B 312 -33.01 -1.05 -4.50
N ASP B 313 -32.66 -1.88 -5.48
CA ASP B 313 -32.03 -1.51 -6.75
C ASP B 313 -32.93 -1.82 -7.96
N TRP B 314 -34.25 -1.76 -7.80
CA TRP B 314 -35.18 -1.95 -8.92
C TRP B 314 -35.05 -0.81 -9.93
N GLY B 315 -34.97 -1.16 -11.21
CA GLY B 315 -35.08 -0.18 -12.29
C GLY B 315 -36.50 0.35 -12.45
N SER B 316 -36.63 1.58 -12.93
CA SER B 316 -37.91 2.23 -13.23
C SER B 316 -37.83 3.05 -14.52
N GLY B 317 -37.06 2.56 -15.49
CA GLY B 317 -36.76 3.24 -16.75
C GLY B 317 -35.78 4.40 -16.63
N VAL B 318 -35.49 5.04 -17.76
CA VAL B 318 -34.66 6.25 -17.91
C VAL B 318 -35.57 7.45 -18.18
N LYS B 319 -35.41 8.58 -17.46
CA LYS B 319 -36.27 9.79 -17.54
C LYS B 319 -37.77 9.50 -17.62
N SER B 320 -38.23 8.49 -16.89
CA SER B 320 -39.51 7.79 -17.14
C SER B 320 -40.63 8.13 -16.15
N GLY B 321 -40.46 9.12 -15.27
CA GLY B 321 -41.40 9.42 -14.18
C GLY B 321 -42.86 9.65 -14.60
N ASN B 322 -43.11 10.24 -15.77
CA ASN B 322 -44.47 10.41 -16.29
C ASN B 322 -45.20 9.07 -16.56
N LYS B 323 -44.46 8.01 -16.90
CA LYS B 323 -44.98 6.69 -17.23
C LYS B 323 -44.95 5.70 -16.05
N GLN B 324 -43.88 5.71 -15.24
CA GLN B 324 -43.63 4.66 -14.25
C GLN B 324 -42.83 5.16 -13.05
N HIS B 325 -43.13 4.64 -11.86
CA HIS B 325 -42.39 4.86 -10.61
C HIS B 325 -42.24 3.58 -9.82
N LEU B 326 -41.27 3.55 -8.92
CA LEU B 326 -41.22 2.60 -7.81
C LEU B 326 -42.30 2.96 -6.77
N VAL B 327 -42.70 1.99 -5.95
CA VAL B 327 -43.72 2.12 -4.90
C VAL B 327 -43.19 1.59 -3.57
N CYS B 328 -43.49 2.30 -2.49
CA CYS B 328 -43.08 1.94 -1.12
C CYS B 328 -44.15 2.30 -0.11
N PHE B 329 -44.15 1.66 1.07
CA PHE B 329 -44.76 2.25 2.25
C PHE B 329 -43.84 3.32 2.86
N THR B 330 -44.40 4.48 3.25
CA THR B 330 -43.68 5.53 3.99
C THR B 330 -44.53 6.08 5.14
N GLY B 331 -43.88 6.76 6.08
CA GLY B 331 -44.50 7.41 7.23
C GLY B 331 -43.43 8.13 8.05
N LYS B 332 -43.76 9.28 8.66
CA LYS B 332 -42.77 10.07 9.40
C LYS B 332 -42.39 9.43 10.74
N LYS B 333 -41.13 9.57 11.13
CA LYS B 333 -40.59 9.13 12.42
C LYS B 333 -41.20 9.91 13.58
N PHE B 334 -41.36 9.24 14.70
CA PHE B 334 -41.83 9.73 15.99
C PHE B 334 -41.09 9.02 17.13
N ALA B 335 -41.36 9.43 18.38
CA ALA B 335 -40.96 8.64 19.55
C ALA B 335 -41.55 7.21 19.51
N GLY B 336 -42.82 7.07 19.10
CA GLY B 336 -43.55 5.81 19.00
C GLY B 336 -43.32 5.01 17.70
N GLY B 337 -42.15 5.10 17.08
CA GLY B 337 -41.88 4.47 15.77
C GLY B 337 -42.22 5.38 14.60
N PHE B 338 -43.23 5.02 13.80
CA PHE B 338 -43.60 5.72 12.56
C PHE B 338 -45.11 5.96 12.47
N GLN B 339 -45.53 7.13 11.99
CA GLN B 339 -46.92 7.58 11.97
C GLN B 339 -47.57 7.50 10.59
N ASP B 340 -48.81 7.02 10.55
CA ASP B 340 -49.72 7.06 9.39
C ASP B 340 -49.16 6.38 8.13
N VAL B 341 -48.57 5.19 8.31
CA VAL B 341 -47.86 4.45 7.26
C VAL B 341 -48.76 4.01 6.10
N ASP B 342 -48.47 4.44 4.88
CA ASP B 342 -49.22 4.09 3.66
C ASP B 342 -48.37 4.28 2.38
N ALA B 343 -48.94 3.95 1.23
CA ALA B 343 -48.22 3.84 -0.04
C ALA B 343 -47.92 5.18 -0.73
N HIS B 344 -46.72 5.32 -1.31
CA HIS B 344 -46.30 6.43 -2.17
C HIS B 344 -45.53 5.94 -3.38
N MET B 345 -45.51 6.74 -4.43
CA MET B 345 -44.57 6.59 -5.54
C MET B 345 -43.25 7.27 -5.20
N TRP B 346 -42.12 6.67 -5.57
CA TRP B 346 -40.78 7.22 -5.37
C TRP B 346 -39.86 6.87 -6.53
N ASP B 347 -38.75 7.59 -6.66
CA ASP B 347 -37.71 7.24 -7.62
C ASP B 347 -36.35 7.80 -7.21
N TYR B 348 -35.29 7.25 -7.79
CA TYR B 348 -33.94 7.76 -7.61
C TYR B 348 -33.71 9.07 -8.37
N GLY B 349 -33.07 10.02 -7.68
CA GLY B 349 -32.55 11.25 -8.24
C GLY B 349 -33.59 12.26 -8.74
N ASP B 350 -33.38 12.82 -9.93
CA ASP B 350 -34.33 13.68 -10.65
C ASP B 350 -35.13 12.87 -11.69
N ASN B 351 -35.94 13.53 -12.52
CA ASN B 351 -36.49 12.93 -13.73
C ASN B 351 -35.73 13.36 -15.01
N GLU B 352 -34.58 14.03 -14.87
CA GLU B 352 -33.85 14.65 -15.99
C GLU B 352 -32.33 14.42 -15.97
N THR B 353 -31.62 14.79 -14.89
CA THR B 353 -30.15 14.88 -14.89
C THR B 353 -29.47 13.50 -14.88
N VAL B 354 -28.63 13.21 -15.88
CA VAL B 354 -28.12 11.85 -16.18
C VAL B 354 -27.33 11.17 -15.04
N GLY B 355 -26.73 11.98 -14.17
CA GLY B 355 -26.05 11.67 -13.01
C GLY B 355 -26.79 11.38 -11.78
N LEU B 356 -28.04 11.70 -11.73
CA LEU B 356 -29.01 11.50 -10.72
C LEU B 356 -30.15 10.58 -11.08
N ASP B 357 -30.85 10.89 -12.18
CA ASP B 357 -31.91 10.02 -12.74
C ASP B 357 -31.36 8.60 -12.98
N ASN B 358 -32.14 7.56 -12.74
CA ASN B 358 -31.74 6.16 -12.98
C ASN B 358 -30.33 5.85 -12.44
N THR B 359 -29.99 6.39 -11.26
CA THR B 359 -28.76 6.30 -10.59
C THR B 359 -28.88 5.79 -9.18
N TYR B 360 -28.08 4.80 -8.80
CA TYR B 360 -28.08 4.25 -7.45
C TYR B 360 -27.24 5.15 -6.55
N GLN B 361 -27.89 6.15 -5.95
CA GLN B 361 -27.35 7.21 -5.17
C GLN B 361 -28.30 7.71 -4.11
N ARG B 362 -27.83 8.60 -3.21
CA ARG B 362 -28.53 9.05 -1.98
C ARG B 362 -29.81 9.86 -2.19
N THR B 363 -29.86 10.71 -3.20
CA THR B 363 -31.00 11.57 -3.54
C THR B 363 -32.11 10.73 -4.15
N ILE B 364 -33.29 10.82 -3.55
CA ILE B 364 -34.53 10.28 -4.09
C ILE B 364 -35.54 11.40 -4.18
N TYR B 365 -36.66 11.12 -4.82
CA TYR B 365 -37.88 11.88 -4.70
C TYR B 365 -39.05 10.99 -4.33
N ILE B 366 -40.00 11.52 -3.56
CA ILE B 366 -41.25 10.88 -3.17
C ILE B 366 -42.40 11.77 -3.64
N SER B 367 -43.38 11.19 -4.31
CA SER B 367 -44.61 11.85 -4.72
C SER B 367 -45.53 12.02 -3.50
N ASP B 368 -45.15 12.90 -2.59
CA ASP B 368 -45.92 13.24 -1.38
C ASP B 368 -45.74 14.73 -1.06
N PRO B 369 -46.75 15.58 -1.30
CA PRO B 369 -46.65 16.98 -0.96
C PRO B 369 -46.34 17.30 0.48
N SER B 370 -46.67 16.46 1.40
CA SER B 370 -46.65 16.61 2.81
C SER B 370 -45.28 16.48 3.44
N LEU B 371 -44.22 16.14 2.70
CA LEU B 371 -42.88 15.97 3.32
C LEU B 371 -42.42 17.24 4.06
N GLU B 372 -42.29 17.20 5.38
CA GLU B 372 -41.78 18.33 6.15
C GLU B 372 -40.25 18.43 6.06
N LYS B 373 -39.69 19.64 5.90
CA LYS B 373 -38.24 19.85 5.91
C LYS B 373 -37.61 19.29 7.20
N ASP B 374 -36.47 18.63 7.06
CA ASP B 374 -35.69 17.97 8.13
C ASP B 374 -36.42 16.83 8.88
N ALA B 375 -37.65 16.46 8.51
CA ALA B 375 -38.32 15.30 9.07
C ALA B 375 -37.81 14.00 8.43
N GLN B 376 -37.76 12.92 9.20
CA GLN B 376 -37.28 11.61 8.74
C GLN B 376 -38.46 10.69 8.44
N TYR B 377 -38.41 10.01 7.30
CA TYR B 377 -39.47 9.15 6.79
C TYR B 377 -38.97 7.72 6.59
N LEU B 378 -39.76 6.76 7.03
CA LEU B 378 -39.62 5.34 6.72
C LEU B 378 -39.71 5.12 5.21
N VAL B 379 -38.90 4.23 4.64
CA VAL B 379 -39.04 3.80 3.25
C VAL B 379 -38.96 2.28 3.18
N ILE B 380 -40.08 1.61 2.88
CA ILE B 380 -40.18 0.17 2.65
C ILE B 380 -40.64 -0.09 1.22
N PRO B 381 -39.73 -0.26 0.24
CA PRO B 381 -40.09 -0.63 -1.13
C PRO B 381 -40.95 -1.89 -1.18
N MET B 382 -42.00 -1.91 -1.99
CA MET B 382 -42.89 -3.08 -2.10
C MET B 382 -43.59 -3.25 -3.45
N GLY B 383 -43.38 -2.37 -4.41
CA GLY B 383 -43.96 -2.51 -5.74
C GLY B 383 -43.39 -1.56 -6.77
N VAL B 384 -43.97 -1.62 -7.97
CA VAL B 384 -43.75 -0.69 -9.07
C VAL B 384 -45.11 -0.32 -9.68
N SER B 385 -45.19 0.81 -10.38
CA SER B 385 -46.45 1.41 -10.84
C SER B 385 -46.44 1.81 -12.30
N GLY B 386 -47.64 2.00 -12.87
CA GLY B 386 -47.82 2.53 -14.22
C GLY B 386 -47.32 1.58 -15.30
N ALA B 387 -46.25 1.95 -15.99
CA ALA B 387 -45.66 1.32 -17.11
C ALA B 387 -44.59 0.32 -16.78
N ALA B 388 -44.24 0.17 -15.50
CA ALA B 388 -43.21 -0.74 -15.05
C ALA B 388 -43.62 -2.19 -15.34
N ASN B 389 -42.68 -2.98 -15.85
CA ASN B 389 -42.75 -4.34 -16.18
C ASN B 389 -41.54 -5.10 -15.66
N ASP B 390 -41.47 -6.41 -15.91
CA ASP B 390 -40.32 -7.24 -15.56
C ASP B 390 -39.02 -6.70 -16.17
N ASP B 391 -39.05 -6.26 -17.44
CA ASP B 391 -37.96 -5.77 -18.19
C ASP B 391 -37.32 -4.58 -17.55
N THR B 392 -38.14 -3.62 -17.11
CA THR B 392 -37.65 -2.39 -16.46
C THR B 392 -37.11 -2.63 -15.06
N VAL B 393 -37.69 -3.52 -14.26
CA VAL B 393 -37.14 -3.89 -12.94
C VAL B 393 -35.80 -4.61 -13.04
N GLN B 394 -35.61 -5.42 -14.08
CA GLN B 394 -34.41 -6.20 -14.35
C GLN B 394 -33.15 -5.35 -14.55
N VAL B 395 -33.23 -4.14 -15.13
CA VAL B 395 -32.04 -3.28 -15.30
C VAL B 395 -31.94 -2.33 -14.11
N ALA B 396 -30.97 -2.56 -13.21
CA ALA B 396 -30.82 -1.74 -12.00
C ALA B 396 -30.39 -0.30 -12.34
N PRO B 397 -30.68 0.69 -11.47
CA PRO B 397 -30.12 2.04 -11.57
C PRO B 397 -28.58 2.01 -11.65
N ASN B 398 -27.98 2.92 -12.42
CA ASN B 398 -26.55 2.93 -12.74
C ASN B 398 -25.64 3.03 -11.51
N CYS B 399 -24.45 2.43 -11.61
CA CYS B 399 -23.32 2.76 -10.74
C CYS B 399 -22.81 4.16 -11.08
N TYR B 400 -22.25 4.84 -10.09
CA TYR B 400 -21.76 6.16 -10.10
C TYR B 400 -20.75 6.49 -9.03
N GLY B 401 -19.59 7.05 -9.41
CA GLY B 401 -18.53 7.45 -8.48
C GLY B 401 -17.44 6.40 -8.25
N SER B 402 -16.75 6.51 -7.11
CA SER B 402 -15.53 5.75 -6.78
C SER B 402 -15.72 4.66 -5.70
N TRP B 403 -16.95 4.35 -5.32
CA TRP B 403 -17.24 3.28 -4.35
C TRP B 403 -17.12 1.87 -4.94
N ASP B 404 -17.05 0.86 -4.09
CA ASP B 404 -16.79 -0.54 -4.46
C ASP B 404 -18.07 -1.25 -4.97
N TYR B 405 -18.75 -0.66 -5.96
CA TYR B 405 -19.93 -1.22 -6.61
C TYR B 405 -19.64 -2.55 -7.31
N ALA B 406 -20.64 -3.43 -7.38
CA ALA B 406 -20.49 -4.72 -8.04
C ALA B 406 -20.36 -4.51 -9.57
N PRO B 407 -19.40 -5.17 -10.24
CA PRO B 407 -19.18 -4.98 -11.66
C PRO B 407 -20.33 -5.53 -12.49
N THR B 408 -20.59 -4.94 -13.65
CA THR B 408 -21.56 -5.45 -14.60
C THR B 408 -21.02 -6.76 -15.20
N VAL B 409 -21.84 -7.80 -15.24
CA VAL B 409 -21.42 -9.14 -15.69
C VAL B 409 -22.31 -9.66 -16.79
N ALA B 410 -21.72 -10.49 -17.67
CA ALA B 410 -22.41 -11.23 -18.71
C ALA B 410 -22.06 -12.73 -18.59
N PRO B 411 -22.95 -13.64 -18.99
CA PRO B 411 -22.56 -15.02 -19.20
C PRO B 411 -21.65 -15.09 -20.44
N PRO B 412 -20.75 -16.07 -20.56
CA PRO B 412 -19.91 -16.22 -21.74
C PRO B 412 -20.72 -16.54 -22.98
N LEU B 413 -20.14 -16.33 -24.16
CA LEU B 413 -20.83 -16.56 -25.44
C LEU B 413 -21.43 -17.98 -25.52
N GLY B 414 -22.71 -18.06 -25.91
CA GLY B 414 -23.46 -19.32 -25.98
C GLY B 414 -24.14 -19.77 -24.67
N GLU B 415 -24.07 -18.99 -23.61
CA GLU B 415 -24.68 -19.31 -22.30
C GLU B 415 -25.63 -18.23 -21.79
N GLN B 416 -26.54 -18.62 -20.90
CA GLN B 416 -27.51 -17.72 -20.28
C GLN B 416 -27.40 -17.80 -18.76
N PHE B 417 -27.67 -16.71 -18.06
CA PHE B 417 -27.86 -16.78 -16.61
C PHE B 417 -29.08 -17.61 -16.24
N VAL B 418 -29.00 -18.29 -15.11
CA VAL B 418 -30.13 -18.86 -14.40
C VAL B 418 -30.44 -17.93 -13.23
N TRP B 419 -31.68 -17.49 -13.12
CA TRP B 419 -32.16 -16.50 -12.15
C TRP B 419 -33.01 -17.15 -11.07
N PHE B 420 -32.91 -16.66 -9.84
CA PHE B 420 -33.89 -16.94 -8.79
C PHE B 420 -35.06 -15.97 -8.94
N ARG B 421 -36.27 -16.46 -9.21
CA ARG B 421 -37.44 -15.62 -9.51
C ARG B 421 -38.55 -15.73 -8.46
N SER B 422 -39.12 -14.58 -8.09
CA SER B 422 -40.30 -14.49 -7.21
C SER B 422 -41.38 -13.56 -7.80
N GLN B 423 -42.65 -13.94 -7.69
CA GLN B 423 -43.82 -13.12 -8.04
C GLN B 423 -44.07 -12.05 -6.96
N LEU B 424 -44.09 -10.77 -7.31
CA LEU B 424 -44.43 -9.67 -6.42
C LEU B 424 -45.88 -9.21 -6.70
N PRO B 425 -46.83 -9.47 -5.77
CA PRO B 425 -48.24 -9.21 -6.01
C PRO B 425 -48.56 -7.71 -6.03
N ALA B 426 -49.62 -7.33 -6.73
CA ALA B 426 -50.04 -5.94 -6.85
C ALA B 426 -50.82 -5.45 -5.61
N SER B 427 -50.35 -4.38 -4.96
CA SER B 427 -51.18 -3.60 -4.04
C SER B 427 -52.15 -2.69 -4.81
N LYS B 428 -53.45 -2.78 -4.51
CA LYS B 428 -54.53 -1.95 -5.07
C LYS B 428 -55.19 -1.12 -3.97
N THR B 429 -55.53 0.14 -4.26
CA THR B 429 -56.37 0.99 -3.42
C THR B 429 -57.57 1.53 -4.21
N THR B 430 -58.74 1.62 -3.56
CA THR B 430 -60.01 2.04 -4.20
C THR B 430 -60.27 3.55 -4.11
N THR B 431 -59.50 4.28 -3.32
CA THR B 431 -59.57 5.74 -3.18
C THR B 431 -59.15 6.44 -4.48
N THR B 432 -59.87 7.48 -4.90
CA THR B 432 -59.48 8.32 -6.05
C THR B 432 -58.14 9.01 -5.78
N SER B 433 -57.22 8.99 -6.75
CA SER B 433 -55.80 9.37 -6.63
C SER B 433 -54.96 8.49 -5.68
N GLY B 434 -55.52 7.40 -5.13
CA GLY B 434 -54.79 6.44 -4.30
C GLY B 434 -53.72 5.69 -5.11
N VAL B 435 -52.59 5.35 -4.48
CA VAL B 435 -51.48 4.68 -5.17
C VAL B 435 -51.84 3.24 -5.56
N ASN B 436 -51.38 2.83 -6.73
CA ASN B 436 -51.77 1.56 -7.35
C ASN B 436 -50.52 0.89 -7.97
N SER B 437 -50.24 -0.36 -7.60
CA SER B 437 -49.10 -1.13 -8.15
C SER B 437 -49.53 -2.01 -9.32
N VAL B 438 -48.58 -2.43 -10.14
CA VAL B 438 -48.76 -3.47 -11.17
C VAL B 438 -48.00 -4.74 -10.78
N PRO B 439 -48.57 -5.94 -11.02
CA PRO B 439 -47.91 -7.18 -10.63
C PRO B 439 -46.67 -7.42 -11.51
N VAL B 440 -45.58 -7.87 -10.90
CA VAL B 440 -44.27 -7.98 -11.54
C VAL B 440 -43.52 -9.19 -11.01
N ASN B 441 -42.61 -9.76 -11.79
CA ASN B 441 -41.68 -10.78 -11.32
C ASN B 441 -40.31 -10.16 -11.06
N VAL B 442 -39.69 -10.50 -9.95
CA VAL B 442 -38.35 -10.02 -9.58
C VAL B 442 -37.34 -11.16 -9.66
N ASN B 443 -36.23 -10.93 -10.35
CA ASN B 443 -35.12 -11.87 -10.53
C ASN B 443 -33.92 -11.45 -9.66
N ALA B 444 -33.28 -12.41 -8.99
CA ALA B 444 -31.96 -12.24 -8.38
C ALA B 444 -30.92 -13.16 -9.03
N LEU B 445 -29.68 -12.66 -9.17
CA LEU B 445 -28.59 -13.36 -9.83
C LEU B 445 -28.12 -14.58 -9.01
N MET B 446 -28.12 -14.44 -7.69
CA MET B 446 -27.76 -15.45 -6.71
C MET B 446 -28.53 -15.23 -5.42
N SER B 447 -28.77 -16.28 -4.65
CA SER B 447 -29.25 -16.23 -3.27
C SER B 447 -28.11 -16.51 -2.29
N PRO B 448 -27.98 -15.77 -1.16
CA PRO B 448 -26.90 -16.01 -0.22
C PRO B 448 -26.95 -17.41 0.41
N ASP B 449 -28.13 -18.04 0.40
CA ASP B 449 -28.35 -19.36 0.99
C ASP B 449 -27.71 -20.51 0.21
N LEU B 450 -27.47 -20.37 -1.11
CA LEU B 450 -26.73 -21.37 -1.90
C LEU B 450 -25.21 -21.24 -1.72
N ILE B 451 -24.68 -20.03 -1.83
CA ILE B 451 -23.24 -19.76 -1.70
C ILE B 451 -22.74 -19.94 -0.25
N ARG B 452 -23.63 -19.99 0.77
CA ARG B 452 -23.34 -20.27 2.19
C ARG B 452 -22.25 -21.34 2.41
N SER B 453 -22.38 -22.52 1.81
CA SER B 453 -21.43 -23.62 2.04
C SER B 453 -20.14 -23.51 1.22
N ALA B 454 -20.09 -22.64 0.21
CA ALA B 454 -18.91 -22.47 -0.64
C ALA B 454 -17.75 -21.76 0.06
N TYR B 455 -18.02 -20.93 1.06
CA TYR B 455 -16.98 -20.28 1.87
C TYR B 455 -16.15 -21.29 2.68
N ALA B 456 -16.79 -22.27 3.30
CA ALA B 456 -16.13 -23.31 4.07
C ALA B 456 -15.29 -24.25 3.19
N SER B 457 -15.83 -24.67 2.03
CA SER B 457 -15.16 -25.58 1.11
C SER B 457 -14.04 -24.90 0.31
N GLY B 458 -14.25 -23.65 -0.14
CA GLY B 458 -13.46 -22.99 -1.17
C GLY B 458 -13.78 -23.49 -2.58
N PHE B 459 -13.55 -22.64 -3.59
CA PHE B 459 -13.45 -23.06 -4.99
C PHE B 459 -11.96 -23.15 -5.34
N PRO B 460 -11.50 -24.17 -6.09
CA PRO B 460 -10.15 -24.18 -6.65
C PRO B 460 -9.87 -22.94 -7.50
N LEU B 461 -8.60 -22.54 -7.58
CA LEU B 461 -8.20 -21.30 -8.26
C LEU B 461 -8.58 -21.32 -9.75
N GLY B 462 -9.34 -20.33 -10.19
CA GLY B 462 -9.76 -20.17 -11.59
C GLY B 462 -10.67 -21.29 -12.11
N LYS B 463 -11.56 -21.83 -11.27
CA LYS B 463 -12.42 -22.98 -11.56
C LYS B 463 -13.86 -22.66 -11.25
N VAL B 464 -14.74 -23.31 -11.98
CA VAL B 464 -16.15 -23.22 -11.97
C VAL B 464 -16.77 -24.48 -11.43
N ALA B 465 -17.84 -24.39 -10.65
CA ALA B 465 -18.56 -25.55 -10.18
C ALA B 465 -19.60 -25.99 -11.23
N LEU B 466 -19.45 -27.19 -11.77
CA LEU B 466 -20.54 -27.85 -12.46
C LEU B 466 -21.48 -28.44 -11.40
N LEU B 467 -22.74 -28.01 -11.42
CA LEU B 467 -23.79 -28.47 -10.53
C LEU B 467 -24.85 -29.23 -11.31
N ASP B 468 -25.21 -30.41 -10.83
CA ASP B 468 -26.48 -31.03 -11.15
C ASP B 468 -27.59 -30.35 -10.35
N TYR B 469 -28.72 -30.05 -10.99
CA TYR B 469 -29.96 -29.65 -10.35
C TYR B 469 -31.01 -30.73 -10.60
N VAL B 470 -31.51 -31.34 -9.53
CA VAL B 470 -32.21 -32.62 -9.56
C VAL B 470 -33.71 -32.45 -9.37
N LEU B 471 -34.50 -32.81 -10.38
CA LEU B 471 -35.96 -32.82 -10.37
C LEU B 471 -36.49 -34.27 -10.40
N PHE B 472 -37.75 -34.45 -10.00
CA PHE B 472 -38.52 -35.70 -10.17
C PHE B 472 -37.81 -36.96 -9.63
N GLY B 473 -37.22 -36.85 -8.44
CA GLY B 473 -36.49 -37.94 -7.77
C GLY B 473 -35.22 -38.41 -8.47
N GLY B 474 -34.66 -37.61 -9.39
CA GLY B 474 -33.52 -38.00 -10.22
C GLY B 474 -33.87 -38.17 -11.70
N SER B 475 -35.15 -38.12 -12.07
CA SER B 475 -35.58 -38.41 -13.44
C SER B 475 -35.29 -37.30 -14.44
N VAL B 476 -35.15 -36.04 -13.99
CA VAL B 476 -34.69 -34.93 -14.82
C VAL B 476 -33.54 -34.22 -14.10
N VAL B 477 -32.44 -34.00 -14.80
CA VAL B 477 -31.23 -33.39 -14.22
C VAL B 477 -30.76 -32.28 -15.13
N ARG B 478 -30.97 -31.04 -14.71
CA ARG B 478 -30.39 -29.86 -15.36
C ARG B 478 -28.95 -29.71 -14.91
N GLN B 479 -28.05 -29.24 -15.77
CA GLN B 479 -26.69 -28.93 -15.38
C GLN B 479 -26.43 -27.43 -15.51
N PHE B 480 -25.92 -26.83 -14.45
CA PHE B 480 -25.61 -25.40 -14.36
C PHE B 480 -24.15 -25.21 -13.98
N LYS B 481 -23.54 -24.12 -14.42
CA LYS B 481 -22.21 -23.72 -14.01
C LYS B 481 -22.33 -22.58 -13.03
N LEU B 482 -21.96 -22.83 -11.78
CA LEU B 482 -21.87 -21.81 -10.75
C LEU B 482 -20.46 -21.22 -10.72
N TYR B 483 -20.38 -19.95 -11.08
CA TYR B 483 -19.15 -19.16 -11.09
C TYR B 483 -18.82 -18.61 -9.69
N PRO B 484 -17.53 -18.54 -9.32
CA PRO B 484 -17.09 -17.96 -8.06
C PRO B 484 -17.35 -16.46 -7.96
N GLU B 485 -17.55 -15.80 -9.10
CA GLU B 485 -18.01 -14.41 -9.23
C GLU B 485 -19.52 -14.21 -8.97
N GLY B 486 -20.28 -15.26 -8.61
CA GLY B 486 -21.61 -15.11 -8.05
C GLY B 486 -22.80 -15.28 -8.99
N TYR B 487 -22.72 -16.14 -9.99
CA TYR B 487 -23.83 -16.42 -10.89
C TYR B 487 -23.87 -17.87 -11.34
N MET B 488 -25.07 -18.38 -11.63
CA MET B 488 -25.26 -19.62 -12.36
C MET B 488 -25.51 -19.35 -13.83
N THR B 489 -24.96 -20.20 -14.69
CA THR B 489 -25.29 -20.22 -16.12
C THR B 489 -25.69 -21.61 -16.59
N ALA B 490 -26.42 -21.64 -17.69
CA ALA B 490 -26.85 -22.84 -18.38
C ALA B 490 -26.42 -22.77 -19.86
N ASN B 491 -26.14 -23.93 -20.46
CA ASN B 491 -26.06 -24.05 -21.92
C ASN B 491 -27.47 -24.22 -22.46
N THR B 492 -27.83 -23.48 -23.51
CA THR B 492 -29.20 -23.37 -24.02
C THR B 492 -29.23 -23.40 -25.54
N THR B 493 -30.35 -23.82 -26.12
CA THR B 493 -30.57 -23.82 -27.56
C THR B 493 -31.95 -23.26 -27.91
N GLY B 494 -32.06 -22.59 -29.05
CA GLY B 494 -33.16 -21.68 -29.36
C GLY B 494 -33.01 -20.35 -28.63
N SER B 495 -34.11 -19.61 -28.50
CA SER B 495 -34.20 -18.43 -27.63
C SER B 495 -35.63 -18.24 -27.11
N ASN B 496 -35.77 -17.75 -25.89
CA ASN B 496 -37.06 -17.57 -25.22
C ASN B 496 -36.94 -16.46 -24.16
N THR B 497 -38.04 -15.76 -23.91
CA THR B 497 -38.14 -14.68 -22.93
C THR B 497 -38.99 -15.10 -21.72
N GLY B 498 -38.94 -16.37 -21.37
CA GLY B 498 -39.73 -16.94 -20.29
C GLY B 498 -39.59 -18.42 -20.04
N PHE B 499 -38.38 -18.98 -20.06
CA PHE B 499 -38.20 -20.40 -19.72
C PHE B 499 -38.21 -20.63 -18.20
N ILE B 500 -39.08 -21.52 -17.73
CA ILE B 500 -39.29 -21.83 -16.31
C ILE B 500 -38.69 -23.18 -15.95
N ILE B 501 -37.89 -23.21 -14.89
CA ILE B 501 -37.39 -24.42 -14.23
C ILE B 501 -38.01 -24.48 -12.82
N PRO B 502 -38.63 -25.60 -12.40
CA PRO B 502 -39.25 -25.72 -11.07
C PRO B 502 -38.26 -25.41 -9.93
N ALA B 503 -38.71 -24.73 -8.87
CA ALA B 503 -37.86 -24.36 -7.72
C ALA B 503 -37.87 -25.39 -6.57
N ASP B 504 -38.40 -26.61 -6.81
CA ASP B 504 -38.48 -27.69 -5.81
C ASP B 504 -37.46 -28.82 -6.00
N GLY B 505 -36.51 -28.69 -6.93
CA GLY B 505 -35.34 -29.56 -6.99
C GLY B 505 -34.30 -29.25 -5.93
N TYR B 506 -33.16 -29.92 -5.98
CA TYR B 506 -32.01 -29.60 -5.13
C TYR B 506 -30.71 -29.65 -5.94
N PHE B 507 -29.73 -28.85 -5.53
CA PHE B 507 -28.43 -28.83 -6.15
C PHE B 507 -27.54 -29.94 -5.59
N ARG B 508 -26.82 -30.62 -6.48
CA ARG B 508 -25.82 -31.62 -6.19
C ARG B 508 -24.54 -31.23 -6.91
N PHE B 509 -23.43 -31.10 -6.19
CA PHE B 509 -22.13 -30.88 -6.81
C PHE B 509 -21.77 -32.01 -7.76
N ASN B 510 -21.41 -31.67 -8.99
CA ASN B 510 -21.00 -32.64 -9.99
C ASN B 510 -19.48 -32.68 -10.11
N SER B 511 -18.83 -31.56 -10.41
CA SER B 511 -17.37 -31.53 -10.59
C SER B 511 -16.89 -30.08 -10.71
N TRP B 512 -15.59 -29.85 -10.62
CA TRP B 512 -15.00 -28.58 -11.04
C TRP B 512 -14.63 -28.64 -12.51
N VAL B 513 -14.81 -27.53 -13.21
CA VAL B 513 -14.56 -27.41 -14.64
C VAL B 513 -13.84 -26.12 -14.94
N SER B 514 -13.09 -26.05 -16.04
CA SER B 514 -12.52 -24.77 -16.48
C SER B 514 -13.64 -23.80 -16.91
N PRO B 515 -13.44 -22.48 -16.82
CA PRO B 515 -14.46 -21.50 -17.20
C PRO B 515 -15.06 -21.69 -18.59
N SER B 516 -14.23 -22.12 -19.55
CA SER B 516 -14.58 -22.35 -20.95
C SER B 516 -15.10 -23.76 -21.26
N PHE B 517 -15.30 -24.62 -20.26
CA PHE B 517 -16.04 -25.88 -20.43
C PHE B 517 -17.46 -25.59 -20.92
N MET B 518 -17.94 -26.41 -21.86
CA MET B 518 -19.26 -26.26 -22.45
C MET B 518 -20.14 -27.41 -21.95
N ILE B 519 -21.21 -27.06 -21.24
CA ILE B 519 -22.09 -28.05 -20.62
C ILE B 519 -22.73 -28.89 -21.73
N SER B 520 -22.62 -30.21 -21.66
CA SER B 520 -23.18 -31.17 -22.53
C SER B 520 -24.69 -31.20 -22.48
N SER B 521 -25.26 -31.17 -21.32
CA SER B 521 -26.64 -31.15 -21.01
C SER B 521 -27.29 -29.86 -21.44
N VAL B 522 -27.82 -29.75 -22.65
CA VAL B 522 -28.34 -28.47 -23.20
C VAL B 522 -29.83 -28.29 -22.91
N VAL B 523 -30.21 -27.14 -22.35
CA VAL B 523 -31.62 -26.74 -22.15
C VAL B 523 -32.27 -26.36 -23.48
N ASP B 524 -33.28 -27.12 -23.89
CA ASP B 524 -34.08 -26.87 -25.10
C ASP B 524 -35.07 -25.72 -24.86
N LEU B 525 -34.62 -24.48 -25.06
CA LEU B 525 -35.23 -23.28 -24.47
C LEU B 525 -36.59 -22.90 -25.09
N ASN B 526 -36.94 -23.50 -26.23
CA ASN B 526 -38.24 -23.40 -26.89
C ASN B 526 -39.05 -24.72 -26.83
N LEU B 527 -38.85 -25.51 -25.76
CA LEU B 527 -39.62 -26.73 -25.42
C LEU B 527 -39.62 -27.75 -26.57
N GLU C 2 43.94 -16.39 -6.41
CA GLU C 2 44.46 -15.05 -6.09
C GLU C 2 45.97 -14.90 -6.35
N ASN C 3 46.41 -13.74 -6.85
CA ASN C 3 47.81 -13.40 -7.11
C ASN C 3 48.03 -11.89 -7.33
N SER C 4 49.28 -11.42 -7.37
CA SER C 4 49.64 -10.10 -7.86
C SER C 4 50.86 -10.14 -8.78
N LYS C 5 50.87 -9.39 -9.88
CA LYS C 5 52.06 -9.15 -10.70
C LYS C 5 52.38 -7.66 -10.87
N THR C 6 53.66 -7.34 -10.96
CA THR C 6 54.19 -5.99 -11.09
C THR C 6 54.80 -5.77 -12.46
N GLU C 7 54.53 -4.63 -13.08
CA GLU C 7 55.19 -4.15 -14.29
C GLU C 7 55.86 -2.80 -14.03
N GLN C 8 57.11 -2.64 -14.45
CA GLN C 8 57.77 -1.34 -14.49
C GLN C 8 57.14 -0.46 -15.60
N VAL C 9 56.94 0.82 -15.32
CA VAL C 9 56.45 1.83 -16.17
C VAL C 9 57.47 2.13 -17.25
N THR C 10 57.13 2.76 -18.33
CA THR C 10 57.93 3.01 -19.46
C THR C 10 59.26 3.62 -19.09
N GLY C 11 59.25 4.72 -18.42
CA GLY C 11 60.36 5.41 -17.97
C GLY C 11 61.08 4.96 -16.78
N ALA C 12 60.61 3.94 -16.13
CA ALA C 12 61.13 3.36 -14.95
C ALA C 12 60.93 4.20 -13.72
N THR C 13 60.11 5.19 -13.74
CA THR C 13 59.73 6.09 -12.70
C THR C 13 58.47 5.64 -11.98
N GLY C 14 58.45 4.48 -11.42
CA GLY C 14 57.42 3.82 -10.80
C GLY C 14 56.99 2.51 -11.32
N ILE C 15 55.97 1.91 -10.74
CA ILE C 15 55.47 0.59 -11.11
C ILE C 15 53.96 0.63 -11.20
N THR C 16 53.40 -0.29 -11.98
CA THR C 16 51.99 -0.64 -11.98
C THR C 16 51.82 -2.05 -11.44
N GLN C 17 50.75 -2.28 -10.69
CA GLN C 17 50.38 -3.61 -10.18
C GLN C 17 49.05 -4.07 -10.79
N SER C 18 49.01 -5.34 -11.22
CA SER C 18 47.77 -6.06 -11.50
C SER C 18 47.55 -7.11 -10.43
N THR C 19 46.45 -7.02 -9.69
CA THR C 19 46.12 -7.94 -8.60
C THR C 19 44.82 -8.68 -8.88
N VAL C 20 44.79 -9.98 -8.62
CA VAL C 20 43.59 -10.82 -8.66
C VAL C 20 43.30 -11.30 -7.26
N THR C 21 42.08 -11.10 -6.77
CA THR C 21 41.73 -11.42 -5.39
C THR C 21 40.30 -11.94 -5.27
N ALA C 22 40.09 -12.85 -4.34
CA ALA C 22 38.78 -13.32 -3.92
C ALA C 22 38.61 -12.93 -2.44
N PRO C 23 38.04 -11.76 -2.12
CA PRO C 23 37.87 -11.30 -0.74
C PRO C 23 37.06 -12.27 0.12
N LEU C 24 36.07 -12.91 -0.48
CA LEU C 24 35.16 -13.88 0.10
C LEU C 24 35.10 -15.13 -0.80
N PRO C 25 35.15 -16.38 -0.28
CA PRO C 25 35.11 -17.58 -1.13
C PRO C 25 33.80 -17.66 -1.94
N GLU C 26 33.86 -18.02 -3.21
CA GLU C 26 32.66 -18.35 -3.98
C GLU C 26 32.17 -19.76 -3.59
N ALA C 27 30.86 -19.93 -3.44
CA ALA C 27 30.21 -21.19 -3.17
C ALA C 27 29.49 -21.63 -4.45
N VAL C 28 30.14 -22.44 -5.28
CA VAL C 28 29.58 -22.92 -6.54
C VAL C 28 28.36 -23.80 -6.27
N SER C 29 27.18 -23.36 -6.71
CA SER C 29 25.93 -24.11 -6.60
C SER C 29 26.02 -25.44 -7.36
N SER C 30 25.50 -26.53 -6.79
CA SER C 30 25.38 -27.79 -7.53
C SER C 30 24.38 -27.69 -8.67
N LEU C 31 23.45 -26.73 -8.65
CA LEU C 31 22.32 -26.60 -9.58
C LEU C 31 21.46 -27.86 -9.66
N SER C 32 21.41 -28.65 -8.59
CA SER C 32 20.61 -29.89 -8.56
C SER C 32 19.12 -29.65 -8.75
N LEU C 33 18.58 -28.50 -8.36
CA LEU C 33 17.17 -28.15 -8.54
C LEU C 33 16.86 -27.42 -9.85
N ALA C 34 17.86 -27.01 -10.63
CA ALA C 34 17.64 -26.41 -11.93
C ALA C 34 17.11 -27.47 -12.92
N PRO C 35 15.93 -27.28 -13.53
CA PRO C 35 15.39 -28.23 -14.50
C PRO C 35 16.29 -28.47 -15.71
N THR C 36 16.87 -27.41 -16.27
CA THR C 36 17.97 -27.48 -17.24
C THR C 36 19.07 -26.53 -16.80
N VAL C 37 20.30 -26.79 -17.22
CA VAL C 37 21.42 -25.87 -17.03
C VAL C 37 21.85 -25.39 -18.40
N ASN C 38 21.81 -24.09 -18.63
CA ASN C 38 22.09 -23.49 -19.92
C ASN C 38 23.47 -22.83 -19.88
N ALA C 39 24.36 -23.35 -20.69
CA ALA C 39 25.70 -22.85 -20.88
C ALA C 39 25.68 -21.54 -21.69
N LEU C 40 26.58 -20.62 -21.38
CA LEU C 40 26.84 -19.45 -22.20
C LEU C 40 27.88 -19.80 -23.27
N ASP C 41 27.83 -19.09 -24.39
CA ASP C 41 28.90 -19.05 -25.38
C ASP C 41 30.26 -18.81 -24.69
N PRO C 42 31.28 -19.68 -24.87
CA PRO C 42 32.57 -19.56 -24.20
C PRO C 42 33.22 -18.18 -24.30
N TRP C 43 32.98 -17.43 -25.37
CA TRP C 43 33.52 -16.09 -25.55
C TRP C 43 32.92 -15.04 -24.62
N VAL C 44 31.73 -15.24 -24.07
CA VAL C 44 31.12 -14.30 -23.12
C VAL C 44 31.91 -14.25 -21.82
N TYR C 45 32.49 -15.37 -21.37
CA TYR C 45 33.40 -15.38 -20.21
C TYR C 45 34.73 -14.66 -20.47
N LEU C 46 35.10 -14.43 -21.73
CA LEU C 46 36.37 -13.84 -22.16
C LEU C 46 36.27 -12.34 -22.49
N ASN C 47 35.06 -11.75 -22.44
CA ASN C 47 34.81 -10.35 -22.78
C ASN C 47 34.47 -9.56 -21.52
N GLN C 48 35.34 -8.62 -21.15
CA GLN C 48 35.10 -7.64 -20.10
C GLN C 48 34.47 -6.38 -20.69
N THR C 49 33.20 -6.12 -20.39
CA THR C 49 32.52 -4.89 -20.80
C THR C 49 32.48 -3.91 -19.63
N GLU C 50 32.35 -2.63 -19.92
CA GLU C 50 32.07 -1.62 -18.90
C GLU C 50 30.74 -1.91 -18.19
N VAL C 51 30.70 -1.74 -16.88
CA VAL C 51 29.52 -1.95 -16.05
C VAL C 51 28.59 -0.74 -16.11
N PRO C 52 27.26 -0.89 -16.19
CA PRO C 52 26.32 0.23 -16.00
C PRO C 52 26.57 0.97 -14.68
N GLY C 53 26.87 2.26 -14.72
CA GLY C 53 27.28 3.03 -13.54
C GLY C 53 28.69 2.71 -13.01
N GLY C 54 29.54 2.02 -13.76
CA GLY C 54 30.88 1.59 -13.34
C GLY C 54 31.97 2.59 -13.74
N THR C 55 31.81 3.85 -13.35
CA THR C 55 32.69 4.98 -13.73
C THR C 55 32.58 6.04 -12.66
N PHE C 56 33.69 6.42 -12.03
CA PHE C 56 33.73 7.51 -11.07
C PHE C 56 35.07 8.24 -11.11
N THR C 57 35.07 9.53 -10.79
CA THR C 57 36.27 10.36 -10.73
C THR C 57 36.56 10.79 -9.31
N VAL C 58 37.71 10.40 -8.77
CA VAL C 58 38.20 10.87 -7.47
C VAL C 58 38.98 12.17 -7.68
N SER C 59 38.43 13.29 -7.25
CA SER C 59 39.15 14.55 -7.03
C SER C 59 39.72 14.59 -5.60
N SER C 60 40.70 15.45 -5.31
CA SER C 60 41.15 15.70 -3.94
C SER C 60 40.05 16.27 -3.01
N ALA C 61 38.99 16.83 -3.58
CA ALA C 61 37.77 17.20 -2.85
C ALA C 61 36.98 16.01 -2.26
N THR C 62 36.99 14.81 -2.85
CA THR C 62 36.06 13.75 -2.44
C THR C 62 36.43 13.15 -1.08
N GLN C 63 35.44 13.05 -0.19
CA GLN C 63 35.66 12.56 1.16
C GLN C 63 35.75 11.03 1.21
N PRO C 64 36.56 10.46 2.13
CA PRO C 64 36.53 9.04 2.47
C PRO C 64 35.22 8.55 3.11
N GLY C 65 34.19 9.39 3.26
CA GLY C 65 32.81 9.00 3.62
C GLY C 65 31.87 8.72 2.43
N SER C 66 32.10 9.31 1.25
CA SER C 66 31.23 9.15 0.08
C SER C 66 31.43 7.81 -0.64
N VAL C 67 30.34 7.10 -0.91
CA VAL C 67 30.34 5.90 -1.77
C VAL C 67 30.53 6.32 -3.22
N LEU C 68 31.58 5.83 -3.89
CA LEU C 68 31.92 6.21 -5.27
C LEU C 68 31.15 5.34 -6.26
N LEU C 69 31.10 4.03 -5.99
CA LEU C 69 30.38 3.02 -6.75
C LEU C 69 29.63 2.12 -5.77
N GLU C 70 28.41 1.74 -6.13
CA GLU C 70 27.61 0.74 -5.43
C GLU C 70 26.83 -0.07 -6.46
N LEU C 71 27.18 -1.34 -6.61
CA LEU C 71 26.72 -2.17 -7.71
C LEU C 71 26.26 -3.53 -7.22
N GLU C 72 25.08 -3.96 -7.65
CA GLU C 72 24.56 -5.29 -7.39
C GLU C 72 25.23 -6.34 -8.28
N ILE C 73 25.65 -7.44 -7.69
CA ILE C 73 26.25 -8.57 -8.38
C ILE C 73 25.16 -9.38 -9.06
N SER C 74 25.01 -9.20 -10.37
CA SER C 74 23.87 -9.70 -11.17
C SER C 74 24.21 -9.76 -12.67
N PRO C 75 23.42 -10.46 -13.51
CA PRO C 75 23.55 -10.44 -14.96
C PRO C 75 23.61 -9.04 -15.59
N GLU C 76 23.04 -8.02 -14.96
CA GLU C 76 23.12 -6.63 -15.41
C GLU C 76 24.53 -6.01 -15.37
N LEU C 77 25.51 -6.62 -14.69
CA LEU C 77 26.90 -6.15 -14.70
C LEU C 77 27.57 -6.21 -16.08
N ASN C 78 27.22 -7.18 -16.93
CA ASN C 78 27.91 -7.40 -18.19
C ASN C 78 26.90 -7.31 -19.35
N LEU C 79 27.30 -6.69 -20.44
CA LEU C 79 26.43 -6.35 -21.56
C LEU C 79 25.72 -7.58 -22.16
N TYR C 80 26.47 -8.63 -22.40
CA TYR C 80 25.97 -9.84 -23.01
C TYR C 80 25.23 -10.74 -22.02
N THR C 81 25.61 -10.83 -20.75
CA THR C 81 24.76 -11.50 -19.76
C THR C 81 23.46 -10.76 -19.51
N SER C 82 23.46 -9.43 -19.57
CA SER C 82 22.24 -8.65 -19.43
C SER C 82 21.28 -8.88 -20.59
N HIS C 83 21.77 -8.85 -21.83
CA HIS C 83 20.97 -9.21 -23.00
C HIS C 83 20.49 -10.66 -22.96
N LEU C 84 21.37 -11.62 -22.69
CA LEU C 84 21.03 -13.02 -22.60
C LEU C 84 20.00 -13.32 -21.51
N PHE C 85 20.06 -12.68 -20.34
CA PHE C 85 19.17 -13.00 -19.24
C PHE C 85 17.69 -12.79 -19.59
N ARG C 86 17.33 -11.90 -20.52
CA ARG C 86 15.95 -11.74 -20.99
C ARG C 86 15.30 -13.04 -21.49
N MET C 87 16.12 -13.92 -22.04
CA MET C 87 15.79 -15.22 -22.59
C MET C 87 15.62 -16.32 -21.53
N TYR C 88 15.91 -16.05 -20.25
CA TYR C 88 15.98 -17.04 -19.18
C TYR C 88 15.14 -16.71 -17.95
N ALA C 89 14.59 -17.74 -17.31
CA ALA C 89 13.88 -17.60 -16.04
C ALA C 89 14.79 -17.31 -14.85
N GLY C 90 15.98 -17.92 -14.80
CA GLY C 90 16.87 -17.81 -13.66
C GLY C 90 18.35 -17.90 -13.99
N TRP C 91 19.17 -17.65 -12.99
CA TRP C 91 20.62 -17.55 -13.14
C TRP C 91 21.35 -17.93 -11.86
N SER C 92 22.60 -18.32 -11.99
CA SER C 92 23.48 -18.58 -10.87
C SER C 92 24.91 -18.23 -11.24
N GLY C 93 25.71 -17.78 -10.29
CA GLY C 93 27.17 -17.69 -10.35
C GLY C 93 27.69 -16.27 -10.30
N GLY C 94 28.93 -16.12 -9.85
CA GLY C 94 29.57 -14.83 -9.64
C GLY C 94 30.12 -14.14 -10.89
N PHE C 95 30.72 -12.98 -10.66
CA PHE C 95 31.34 -12.15 -11.68
C PHE C 95 32.77 -11.81 -11.30
N SER C 96 33.63 -11.82 -12.33
CA SER C 96 34.92 -11.14 -12.30
C SER C 96 34.65 -9.65 -12.50
N LEU C 97 35.14 -8.82 -11.59
CA LEU C 97 34.99 -7.38 -11.61
C LEU C 97 36.38 -6.75 -11.63
N LYS C 98 36.80 -6.21 -12.78
CA LYS C 98 38.09 -5.54 -12.93
C LYS C 98 37.95 -4.04 -12.69
N LEU C 99 38.59 -3.55 -11.65
CA LEU C 99 38.68 -2.14 -11.32
C LEU C 99 39.94 -1.56 -11.96
N LEU C 100 39.76 -0.73 -12.98
CA LEU C 100 40.83 -0.09 -13.74
C LEU C 100 41.05 1.31 -13.19
N VAL C 101 42.23 1.54 -12.64
CA VAL C 101 42.57 2.78 -11.95
C VAL C 101 43.62 3.51 -12.75
N ALA C 102 43.33 4.72 -13.22
CA ALA C 102 44.32 5.60 -13.85
C ALA C 102 45.17 6.33 -12.80
N GLY C 103 46.02 5.59 -12.10
CA GLY C 103 46.91 6.10 -11.06
C GLY C 103 48.20 6.76 -11.58
N ASN C 104 49.03 7.27 -10.69
CA ASN C 104 50.36 7.80 -10.99
C ASN C 104 51.28 7.80 -9.76
N ALA C 105 52.56 7.54 -9.96
CA ALA C 105 53.58 7.44 -8.92
C ALA C 105 53.85 8.73 -8.10
N PHE C 106 53.47 9.91 -8.60
CA PHE C 106 53.66 11.20 -7.93
C PHE C 106 52.39 11.76 -7.28
N SER C 107 51.33 10.96 -7.24
CA SER C 107 50.15 11.15 -6.38
C SER C 107 50.32 10.46 -5.02
N ALA C 108 49.32 10.55 -4.14
CA ALA C 108 49.16 9.77 -2.91
C ALA C 108 47.67 9.50 -2.65
N GLY C 109 47.36 8.53 -1.79
CA GLY C 109 46.01 8.16 -1.41
C GLY C 109 45.63 6.71 -1.74
N LYS C 110 44.49 6.25 -1.25
CA LYS C 110 44.06 4.85 -1.30
C LYS C 110 42.57 4.68 -1.61
N LEU C 111 42.17 3.67 -2.37
CA LEU C 111 40.78 3.15 -2.41
C LEU C 111 40.58 2.00 -1.44
N ILE C 112 39.33 1.78 -1.06
CA ILE C 112 38.82 0.53 -0.51
C ILE C 112 37.65 0.01 -1.37
N ALA C 113 37.69 -1.26 -1.72
CA ALA C 113 36.61 -1.97 -2.39
C ALA C 113 36.12 -3.08 -1.48
N ALA C 114 34.82 -3.17 -1.21
CA ALA C 114 34.24 -4.16 -0.31
C ALA C 114 33.08 -4.92 -0.95
N ILE C 115 33.02 -6.21 -0.67
CA ILE C 115 31.86 -7.05 -0.97
C ILE C 115 30.91 -6.99 0.21
N ILE C 116 29.63 -6.68 -0.05
CA ILE C 116 28.60 -6.54 0.98
C ILE C 116 27.51 -7.60 0.74
N PRO C 117 27.24 -8.50 1.71
CA PRO C 117 26.19 -9.51 1.57
C PRO C 117 24.80 -8.90 1.35
N PRO C 118 23.85 -9.66 0.77
CA PRO C 118 22.47 -9.22 0.63
C PRO C 118 21.79 -9.02 1.99
N ASN C 119 20.83 -8.09 2.05
CA ASN C 119 20.11 -7.69 3.27
C ASN C 119 21.02 -7.06 4.34
N ILE C 120 22.16 -6.51 3.95
CA ILE C 120 23.02 -5.66 4.78
C ILE C 120 23.13 -4.28 4.16
N GLU C 121 23.06 -3.23 4.98
CA GLU C 121 23.14 -1.84 4.53
C GLU C 121 24.58 -1.38 4.32
N VAL C 122 24.80 -0.47 3.36
CA VAL C 122 26.13 0.10 3.08
C VAL C 122 26.44 1.25 4.05
N PRO C 123 27.54 1.21 4.81
CA PRO C 123 27.92 2.29 5.71
C PRO C 123 28.60 3.45 4.96
N ASN C 124 28.36 4.69 5.38
CA ASN C 124 28.98 5.90 4.81
C ASN C 124 30.33 6.22 5.49
N SER C 125 31.23 5.25 5.53
CA SER C 125 32.46 5.28 6.32
C SER C 125 33.44 4.23 5.81
N ALA C 126 34.66 4.64 5.47
CA ALA C 126 35.73 3.71 5.10
C ALA C 126 36.21 2.89 6.30
N TYR C 127 36.15 3.44 7.51
CA TYR C 127 36.43 2.72 8.75
C TYR C 127 35.51 1.52 8.90
N LEU C 128 34.19 1.70 8.71
CA LEU C 128 33.24 0.58 8.75
C LEU C 128 33.36 -0.39 7.58
N LEU C 129 33.78 0.02 6.39
CA LEU C 129 34.02 -0.90 5.28
C LEU C 129 35.10 -1.94 5.56
N THR C 130 36.07 -1.68 6.44
CA THR C 130 37.05 -2.69 6.84
C THR C 130 36.45 -3.89 7.59
N GLY C 131 35.21 -3.79 8.09
CA GLY C 131 34.52 -4.92 8.69
C GLY C 131 34.03 -5.98 7.70
N PHE C 132 33.84 -5.61 6.43
CA PHE C 132 33.50 -6.52 5.33
C PHE C 132 34.73 -7.19 4.71
N PRO C 133 34.57 -8.26 3.93
CA PRO C 133 35.59 -8.71 2.98
C PRO C 133 35.91 -7.62 1.95
N HIS C 134 37.15 -7.17 1.91
CA HIS C 134 37.55 -5.96 1.19
C HIS C 134 38.98 -6.03 0.64
N GLU C 135 39.29 -5.10 -0.24
CA GLU C 135 40.63 -4.81 -0.74
C GLU C 135 40.94 -3.32 -0.65
N ILE C 136 42.21 -3.01 -0.47
CA ILE C 136 42.74 -1.65 -0.46
C ILE C 136 43.73 -1.49 -1.62
N LEU C 137 43.59 -0.44 -2.41
CA LEU C 137 44.47 -0.09 -3.53
C LEU C 137 45.19 1.23 -3.23
N ASP C 138 46.44 1.40 -3.66
CA ASP C 138 47.19 2.66 -3.55
C ASP C 138 47.29 3.37 -4.91
N PHE C 139 46.99 4.66 -4.95
CA PHE C 139 47.02 5.45 -6.19
C PHE C 139 48.40 5.57 -6.86
N ARG C 140 49.49 5.35 -6.14
CA ARG C 140 50.84 5.36 -6.74
C ARG C 140 51.10 4.20 -7.66
N THR C 141 50.52 3.03 -7.40
CA THR C 141 50.87 1.77 -8.08
C THR C 141 49.69 1.01 -8.65
N ALA C 142 48.45 1.32 -8.30
CA ALA C 142 47.28 0.63 -8.82
C ALA C 142 47.11 0.82 -10.33
N ASP C 143 46.72 -0.24 -11.02
CA ASP C 143 46.44 -0.24 -12.45
C ASP C 143 45.20 -1.09 -12.76
N SER C 144 45.24 -2.37 -12.37
CA SER C 144 44.13 -3.30 -12.52
C SER C 144 43.92 -4.08 -11.23
N MET C 145 42.69 -4.16 -10.73
CA MET C 145 42.35 -5.10 -9.68
C MET C 145 41.15 -5.93 -10.08
N GLU C 146 41.34 -7.22 -10.30
CA GLU C 146 40.26 -8.17 -10.47
C GLU C 146 39.74 -8.65 -9.11
N ILE C 147 38.50 -8.29 -8.79
CA ILE C 147 37.73 -8.87 -7.71
C ILE C 147 36.95 -10.06 -8.26
N ILE C 148 37.18 -11.25 -7.73
CA ILE C 148 36.34 -12.41 -7.93
C ILE C 148 35.14 -12.30 -6.98
N ALA C 149 34.07 -11.66 -7.43
CA ALA C 149 32.91 -11.33 -6.62
C ALA C 149 31.95 -12.53 -6.55
N PRO C 150 31.73 -13.15 -5.38
CA PRO C 150 30.78 -14.24 -5.25
C PRO C 150 29.36 -13.80 -5.59
N ASP C 151 28.59 -14.70 -6.15
CA ASP C 151 27.14 -14.64 -6.09
C ASP C 151 26.66 -15.22 -4.73
N ILE C 152 26.53 -14.35 -3.72
CA ILE C 152 26.12 -14.73 -2.35
C ILE C 152 24.62 -15.03 -2.31
N LYS C 153 24.25 -16.28 -2.10
CA LYS C 153 22.85 -16.75 -2.09
C LYS C 153 22.63 -17.88 -1.11
N ASN C 154 21.38 -18.12 -0.74
CA ASN C 154 20.93 -19.22 0.13
C ASN C 154 19.94 -20.17 -0.59
N ILE C 155 19.84 -20.04 -1.91
CA ILE C 155 18.95 -20.71 -2.87
C ILE C 155 19.80 -21.34 -3.98
N ASP C 156 19.27 -22.35 -4.66
CA ASP C 156 20.03 -23.09 -5.68
C ASP C 156 20.43 -22.24 -6.89
N TYR C 157 19.56 -21.31 -7.29
CA TYR C 157 19.70 -20.32 -8.35
C TYR C 157 18.69 -19.20 -8.10
N HIS C 158 18.86 -18.04 -8.73
CA HIS C 158 17.96 -16.90 -8.60
C HIS C 158 16.82 -16.95 -9.59
N PHE C 159 15.65 -16.50 -9.18
CA PHE C 159 14.67 -15.91 -10.08
C PHE C 159 14.79 -14.39 -10.02
N ARG C 160 14.03 -13.64 -10.82
CA ARG C 160 13.98 -12.18 -10.72
C ARG C 160 13.38 -11.70 -9.41
N GLY C 161 13.82 -10.53 -8.95
CA GLY C 161 13.28 -9.86 -7.75
C GLY C 161 13.90 -10.29 -6.42
N ASP C 162 14.90 -11.17 -6.43
CA ASP C 162 15.70 -11.51 -5.26
C ASP C 162 16.68 -10.39 -4.89
N LYS C 163 17.02 -10.26 -3.60
CA LYS C 163 18.00 -9.28 -3.09
C LYS C 163 19.43 -9.82 -3.19
N LEU C 164 20.36 -8.96 -3.58
CA LEU C 164 21.68 -9.38 -4.10
C LEU C 164 22.84 -8.80 -3.31
N GLY C 165 23.97 -9.52 -3.29
CA GLY C 165 25.24 -8.96 -2.82
C GLY C 165 25.72 -7.77 -3.66
N LYS C 166 26.51 -6.89 -3.06
CA LYS C 166 26.98 -5.66 -3.69
C LYS C 166 28.50 -5.57 -3.68
N LEU C 167 29.07 -4.91 -4.68
CA LEU C 167 30.39 -4.30 -4.60
C LEU C 167 30.20 -2.83 -4.23
N VAL C 168 31.01 -2.34 -3.31
CA VAL C 168 31.07 -0.94 -2.90
C VAL C 168 32.51 -0.47 -3.03
N VAL C 169 32.72 0.71 -3.61
CA VAL C 169 34.05 1.33 -3.66
C VAL C 169 33.98 2.71 -3.02
N MET C 170 34.90 3.02 -2.12
CA MET C 170 35.08 4.38 -1.61
C MET C 170 36.55 4.74 -1.41
N VAL C 171 36.84 6.01 -1.18
CA VAL C 171 38.19 6.48 -0.83
C VAL C 171 38.52 6.03 0.58
N TYR C 172 39.64 5.34 0.74
CA TYR C 172 40.14 4.91 2.05
C TYR C 172 40.99 5.99 2.70
N SER C 173 41.82 6.66 1.91
CA SER C 173 42.73 7.72 2.32
C SER C 173 42.80 8.79 1.22
N PRO C 174 42.55 10.09 1.50
CA PRO C 174 42.39 11.14 0.49
C PRO C 174 43.48 11.26 -0.59
N LEU C 175 43.06 11.54 -1.82
CA LEU C 175 43.94 11.86 -2.94
C LEU C 175 44.74 13.15 -2.67
N ARG C 176 46.06 13.08 -2.84
CA ARG C 176 46.97 14.24 -2.81
C ARG C 176 47.83 14.29 -4.07
N SER C 177 48.14 15.48 -4.53
CA SER C 177 49.01 15.77 -5.68
C SER C 177 49.59 17.18 -5.58
N THR C 178 50.68 17.47 -6.27
CA THR C 178 51.23 18.83 -6.41
C THR C 178 50.27 19.73 -7.19
N SER C 179 49.73 19.22 -8.29
CA SER C 179 48.72 19.86 -9.14
C SER C 179 47.33 19.87 -8.49
N ALA C 180 46.63 21.01 -8.54
CA ALA C 180 45.25 21.14 -8.10
C ALA C 180 44.23 20.47 -9.05
N ASP C 181 44.62 20.27 -10.32
CA ASP C 181 43.77 19.71 -11.37
C ASP C 181 43.78 18.17 -11.45
N PHE C 182 44.65 17.48 -10.71
CA PHE C 182 44.76 16.03 -10.84
C PHE C 182 43.54 15.27 -10.31
N GLU C 183 43.13 14.26 -11.05
CA GLU C 183 42.03 13.36 -10.75
C GLU C 183 42.50 11.93 -10.96
N ILE C 184 42.01 11.01 -10.13
CA ILE C 184 42.08 9.58 -10.42
C ILE C 184 40.76 9.18 -11.07
N GLU C 185 40.80 8.75 -12.31
CA GLU C 185 39.65 8.14 -12.96
C GLU C 185 39.60 6.63 -12.66
N ILE C 186 38.43 6.15 -12.22
CA ILE C 186 38.17 4.75 -11.91
C ILE C 186 37.07 4.22 -12.83
N LYS C 187 37.31 3.05 -13.41
CA LYS C 187 36.37 2.35 -14.29
C LYS C 187 36.25 0.89 -13.88
N LEU C 188 35.03 0.36 -13.90
CA LEU C 188 34.78 -1.02 -13.53
C LEU C 188 34.28 -1.80 -14.74
N THR C 189 34.92 -2.91 -15.05
CA THR C 189 34.52 -3.84 -16.11
C THR C 189 34.16 -5.19 -15.53
N SER C 190 33.33 -5.94 -16.24
CA SER C 190 32.84 -7.23 -15.78
C SER C 190 32.78 -8.29 -16.86
N ALA C 191 33.06 -9.54 -16.46
CA ALA C 191 32.66 -10.74 -17.19
C ALA C 191 32.10 -11.75 -16.18
N PRO C 192 31.17 -12.63 -16.59
CA PRO C 192 30.74 -13.74 -15.76
C PRO C 192 31.94 -14.65 -15.47
N LEU C 193 31.98 -15.21 -14.27
CA LEU C 193 32.90 -16.28 -13.90
C LEU C 193 32.54 -17.57 -14.64
N PRO C 194 33.48 -18.51 -14.89
CA PRO C 194 33.21 -19.76 -15.60
C PRO C 194 32.10 -20.64 -15.02
N ASP C 195 31.84 -20.56 -13.72
CA ASP C 195 30.69 -21.21 -13.06
C ASP C 195 29.34 -20.51 -13.28
N PHE C 196 29.26 -19.35 -13.93
CA PHE C 196 27.99 -18.70 -14.23
C PHE C 196 27.15 -19.50 -15.23
N LYS C 197 25.87 -19.70 -14.94
CA LYS C 197 24.89 -20.41 -15.76
C LYS C 197 23.54 -19.69 -15.76
N PHE C 198 22.76 -19.91 -16.79
CA PHE C 198 21.33 -19.62 -16.81
C PHE C 198 20.53 -20.92 -16.63
N THR C 199 19.23 -20.85 -16.29
CA THR C 199 18.48 -22.07 -15.91
C THR C 199 17.34 -22.48 -16.84
N MET C 200 16.52 -21.61 -17.42
CA MET C 200 15.40 -22.09 -18.27
C MET C 200 15.02 -21.12 -19.39
N LEU C 201 15.04 -21.57 -20.64
CA LEU C 201 14.61 -20.77 -21.79
C LEU C 201 13.13 -20.39 -21.66
N VAL C 202 12.86 -19.10 -21.81
CA VAL C 202 11.53 -18.49 -21.81
C VAL C 202 11.49 -17.41 -22.89
N PRO C 203 10.33 -17.04 -23.46
CA PRO C 203 10.26 -16.00 -24.47
C PRO C 203 10.88 -14.69 -23.97
N PRO C 204 11.69 -13.97 -24.77
CA PRO C 204 12.42 -12.78 -24.33
C PRO C 204 11.57 -11.52 -24.12
N ILE C 205 10.57 -11.59 -23.23
CA ILE C 205 9.69 -10.50 -22.80
C ILE C 205 9.83 -10.33 -21.28
N GLN C 206 10.34 -9.20 -20.81
CA GLN C 206 10.63 -8.95 -19.39
C GLN C 206 10.34 -7.51 -18.99
N ASN C 207 10.05 -7.29 -17.70
CA ASN C 207 10.01 -5.95 -17.10
C ASN C 207 11.42 -5.35 -16.96
N ASN C 208 12.44 -6.20 -16.80
CA ASN C 208 13.83 -5.83 -16.60
C ASN C 208 14.33 -4.93 -17.75
N ALA C 209 14.99 -3.81 -17.44
CA ALA C 209 15.49 -2.85 -18.42
C ALA C 209 16.55 -3.42 -19.37
N LEU C 210 16.48 -3.08 -20.65
CA LEU C 210 17.53 -3.41 -21.63
C LEU C 210 18.88 -2.76 -21.28
N PRO C 211 20.03 -3.41 -21.54
CA PRO C 211 21.34 -2.84 -21.23
C PRO C 211 21.69 -1.60 -22.07
N ILE C 212 21.13 -1.46 -23.27
CA ILE C 212 21.33 -0.32 -24.16
C ILE C 212 19.96 0.28 -24.50
N TRP C 213 19.82 1.60 -24.39
CA TRP C 213 18.61 2.29 -24.82
C TRP C 213 18.79 2.86 -26.24
N SER C 214 17.88 2.54 -27.14
CA SER C 214 17.83 3.12 -28.49
C SER C 214 16.80 4.25 -28.54
N ILE C 215 17.25 5.47 -28.83
CA ILE C 215 16.44 6.69 -28.82
C ILE C 215 16.08 7.08 -30.26
N PRO C 216 14.81 7.44 -30.58
CA PRO C 216 14.31 7.69 -31.94
C PRO C 216 15.08 8.65 -32.86
N GLN C 217 15.99 9.49 -32.38
CA GLN C 217 16.64 10.58 -33.14
C GLN C 217 15.73 11.74 -33.61
N ALA C 218 14.49 11.82 -33.12
CA ALA C 218 13.64 13.00 -33.33
C ALA C 218 14.22 14.25 -32.64
N PRO C 219 14.29 15.42 -33.29
CA PRO C 219 14.72 16.65 -32.63
C PRO C 219 13.68 17.14 -31.61
N PRO C 220 14.06 17.88 -30.55
CA PRO C 220 13.11 18.54 -29.66
C PRO C 220 12.00 19.31 -30.39
N TYR C 221 12.26 19.98 -31.52
CA TYR C 221 11.21 20.71 -32.23
C TYR C 221 10.09 19.82 -32.80
N SER C 222 10.34 18.52 -32.98
CA SER C 222 9.35 17.51 -33.39
C SER C 222 8.44 17.05 -32.22
N MET C 223 8.80 17.38 -30.98
CA MET C 223 8.14 16.95 -29.75
C MET C 223 7.14 17.98 -29.22
N VAL C 224 5.99 17.55 -28.71
CA VAL C 224 4.99 18.45 -28.12
C VAL C 224 5.51 19.13 -26.86
N ASN C 225 5.24 20.43 -26.68
CA ASN C 225 5.38 21.08 -25.37
C ASN C 225 4.11 20.80 -24.56
N PRO C 226 4.12 19.95 -23.52
CA PRO C 226 2.90 19.57 -22.79
C PRO C 226 2.29 20.69 -21.95
N ARG C 227 3.02 21.79 -21.73
CA ARG C 227 2.49 23.02 -21.11
C ARG C 227 2.03 24.08 -22.12
N SER C 228 2.17 23.85 -23.43
CA SER C 228 1.67 24.77 -24.46
C SER C 228 1.50 24.07 -25.83
N PRO C 229 0.52 23.16 -25.97
CA PRO C 229 0.53 22.14 -27.02
C PRO C 229 0.41 22.64 -28.47
N LEU C 230 -0.23 23.78 -28.71
CA LEU C 230 -0.39 24.39 -30.04
C LEU C 230 0.88 25.08 -30.55
N THR C 231 1.87 25.29 -29.67
CA THR C 231 3.16 25.93 -29.98
C THR C 231 4.29 24.91 -30.00
N PRO C 232 5.16 24.88 -31.02
CA PRO C 232 6.27 23.93 -31.07
C PRO C 232 7.41 24.34 -30.11
N VAL C 233 8.18 23.37 -29.62
CA VAL C 233 9.46 23.65 -28.94
C VAL C 233 10.41 24.29 -29.95
N VAL C 234 11.06 25.39 -29.58
CA VAL C 234 11.99 26.15 -30.45
C VAL C 234 13.39 26.27 -29.87
N GLU C 235 13.54 26.07 -28.56
CA GLU C 235 14.83 25.97 -27.90
C GLU C 235 14.77 24.98 -26.73
N LEU C 236 15.87 24.29 -26.47
CA LEU C 236 16.14 23.83 -25.11
C LEU C 236 16.70 25.02 -24.33
N TYR C 237 16.43 25.09 -23.04
CA TYR C 237 16.69 26.29 -22.25
C TYR C 237 17.19 25.96 -20.85
N ILE C 238 18.05 26.81 -20.29
CA ILE C 238 18.60 26.70 -18.94
C ILE C 238 18.47 28.06 -18.25
N ASN C 239 18.07 28.09 -16.98
CA ASN C 239 18.01 29.31 -16.18
C ASN C 239 18.34 28.97 -14.72
N SER C 240 19.47 29.48 -14.21
CA SER C 240 20.00 29.12 -12.89
C SER C 240 19.12 29.56 -11.71
N SER C 241 18.14 30.44 -11.91
CA SER C 241 17.17 30.83 -10.87
C SER C 241 16.01 29.83 -10.71
N TYR C 242 15.75 28.95 -11.69
CA TYR C 242 14.66 27.96 -11.66
C TYR C 242 15.07 26.72 -10.86
N ALA C 243 15.45 26.92 -9.59
CA ALA C 243 16.02 25.90 -8.70
C ALA C 243 15.06 24.75 -8.34
N THR C 244 13.75 24.90 -8.59
CA THR C 244 12.74 23.87 -8.38
C THR C 244 11.69 23.88 -9.49
N CYS C 245 11.01 22.75 -9.67
CA CYS C 245 9.85 22.60 -10.53
C CYS C 245 8.68 22.07 -9.70
N ASN C 246 7.55 22.76 -9.74
CA ASN C 246 6.30 22.37 -9.07
C ASN C 246 5.15 22.11 -10.06
N HIS C 247 5.44 21.99 -11.36
CA HIS C 247 4.44 21.75 -12.40
C HIS C 247 3.69 20.44 -12.17
N GLN C 248 2.42 20.41 -12.58
CA GLN C 248 1.57 19.23 -12.61
C GLN C 248 1.38 18.68 -14.04
N LEU C 249 1.61 19.51 -15.07
CA LEU C 249 1.73 19.09 -16.46
C LEU C 249 3.19 18.88 -16.89
N GLY C 250 3.45 18.06 -17.91
CA GLY C 250 4.80 17.72 -18.35
C GLY C 250 5.59 16.89 -17.33
N ARG C 251 4.91 16.17 -16.45
CA ARG C 251 5.48 15.33 -15.39
C ARG C 251 5.27 13.86 -15.73
N TYR C 252 6.36 13.16 -15.93
CA TYR C 252 6.36 11.76 -16.32
C TYR C 252 7.43 11.05 -15.50
N THR C 253 7.32 9.75 -15.31
CA THR C 253 8.36 8.93 -14.68
C THR C 253 8.46 7.62 -15.40
N ILE C 254 9.62 6.99 -15.37
CA ILE C 254 9.83 5.65 -15.94
C ILE C 254 8.90 4.63 -15.27
N TYR C 255 8.74 4.72 -13.96
CA TYR C 255 8.03 3.72 -13.17
C TYR C 255 6.51 3.80 -13.34
N GLN C 256 5.95 5.00 -13.21
CA GLN C 256 4.51 5.22 -13.06
C GLN C 256 3.84 5.77 -14.32
N GLY C 257 4.60 6.13 -15.35
CA GLY C 257 4.10 6.85 -16.52
C GLY C 257 3.84 8.33 -16.22
N ALA C 258 2.76 8.89 -16.77
CA ALA C 258 2.33 10.25 -16.47
C ALA C 258 1.88 10.40 -15.00
N ILE C 259 2.36 11.42 -14.32
CA ILE C 259 2.11 11.69 -12.89
C ILE C 259 1.56 13.10 -12.68
N GLY C 260 1.11 13.43 -11.48
CA GLY C 260 0.41 14.69 -11.25
C GLY C 260 -0.88 14.72 -12.04
N ASN C 261 -1.09 15.78 -12.83
CA ASN C 261 -2.24 15.88 -13.72
C ASN C 261 -1.86 15.77 -15.20
N SER C 262 -0.65 15.26 -15.49
CA SER C 262 -0.11 15.07 -16.83
C SER C 262 -0.81 13.98 -17.63
N THR C 263 -0.68 14.06 -18.94
CA THR C 263 -1.29 13.16 -19.92
C THR C 263 -0.34 12.90 -21.10
N PHE C 264 -0.52 11.80 -21.83
CA PHE C 264 0.21 11.52 -23.07
C PHE C 264 -0.39 12.14 -24.33
N ASN C 265 -1.61 12.68 -24.25
CA ASN C 265 -2.21 13.49 -25.31
C ASN C 265 -2.51 14.91 -24.77
N PRO C 266 -1.49 15.76 -24.59
CA PRO C 266 -1.68 17.09 -24.01
C PRO C 266 -2.50 18.02 -24.91
N SER C 267 -2.48 17.80 -26.23
CA SER C 267 -3.28 18.56 -27.20
C SER C 267 -4.78 18.25 -27.13
N GLY C 268 -5.22 17.02 -26.87
CA GLY C 268 -6.52 16.63 -26.67
C GLY C 268 -7.12 16.76 -25.33
N ALA C 269 -6.36 17.12 -24.35
CA ALA C 269 -6.66 17.40 -23.01
C ALA C 269 -6.60 18.86 -22.62
N TRP C 270 -6.20 19.73 -23.53
CA TRP C 270 -6.01 21.15 -23.22
C TRP C 270 -7.34 21.87 -22.98
N THR C 271 -8.39 21.50 -23.72
CA THR C 271 -9.71 21.99 -23.62
C THR C 271 -10.40 21.50 -22.37
N ALA C 272 -11.14 22.34 -21.66
CA ALA C 272 -12.02 21.93 -20.57
C ALA C 272 -13.39 22.60 -20.69
N THR C 273 -14.27 22.34 -19.74
CA THR C 273 -15.57 22.97 -19.62
C THR C 273 -15.86 23.25 -18.16
N CYS C 274 -16.53 24.34 -17.85
CA CYS C 274 -16.96 24.68 -16.50
C CYS C 274 -18.47 24.90 -16.44
N THR C 275 -19.07 24.69 -15.27
CA THR C 275 -20.43 25.12 -14.98
C THR C 275 -20.37 26.40 -14.16
N ALA C 276 -21.11 27.42 -14.59
CA ALA C 276 -21.03 28.74 -14.00
C ALA C 276 -21.82 28.82 -12.69
N GLU C 277 -21.14 29.21 -11.62
CA GLU C 277 -21.69 29.22 -10.26
C GLU C 277 -22.57 30.45 -9.98
N ALA C 278 -23.19 30.45 -8.80
CA ALA C 278 -23.72 31.64 -8.17
C ALA C 278 -22.58 32.54 -7.64
N GLY C 279 -22.64 33.84 -7.94
CA GLY C 279 -21.80 34.87 -7.33
C GLY C 279 -20.49 35.19 -8.06
N SER C 280 -19.71 36.06 -7.44
CA SER C 280 -18.53 36.69 -8.05
C SER C 280 -17.51 37.14 -6.98
N VAL C 281 -16.27 37.37 -7.38
CA VAL C 281 -15.20 37.79 -6.44
C VAL C 281 -15.51 39.16 -5.84
N THR C 282 -15.39 39.29 -4.52
CA THR C 282 -15.67 40.51 -3.77
C THR C 282 -14.90 41.70 -4.33
N GLY C 283 -15.57 42.80 -4.68
CA GLY C 283 -15.07 43.93 -5.29
C GLY C 283 -14.88 43.97 -6.75
N ASN C 284 -15.11 42.84 -7.42
CA ASN C 284 -14.96 42.69 -8.88
C ASN C 284 -16.18 41.94 -9.46
N PRO C 285 -17.33 42.61 -9.65
CA PRO C 285 -18.57 41.93 -10.07
C PRO C 285 -18.49 41.30 -11.47
N ASN C 286 -17.54 41.72 -12.31
CA ASN C 286 -17.22 41.04 -13.57
C ASN C 286 -16.67 39.61 -13.38
N TRP C 287 -15.97 39.34 -12.27
CA TRP C 287 -15.27 38.07 -12.02
C TRP C 287 -16.24 37.02 -11.47
N ARG C 288 -17.03 36.43 -12.36
CA ARG C 288 -18.02 35.39 -12.07
C ARG C 288 -17.34 34.06 -11.75
N TYR C 289 -17.71 33.40 -10.65
CA TYR C 289 -17.21 32.05 -10.34
C TYR C 289 -17.73 30.99 -11.30
N ALA C 290 -16.93 29.95 -11.52
CA ALA C 290 -17.34 28.72 -12.18
C ALA C 290 -16.56 27.52 -11.63
N LEU C 291 -17.13 26.32 -11.73
CA LEU C 291 -16.47 25.09 -11.35
C LEU C 291 -16.10 24.31 -12.59
N LEU C 292 -14.83 23.92 -12.70
CA LEU C 292 -14.37 23.01 -13.75
C LEU C 292 -15.12 21.68 -13.62
N ASP C 293 -15.64 21.18 -14.73
CA ASP C 293 -16.28 19.86 -14.78
C ASP C 293 -15.21 18.76 -14.73
N LEU C 294 -15.44 17.72 -13.93
CA LEU C 294 -14.64 16.58 -13.67
C LEU C 294 -15.23 15.31 -14.21
N PRO C 295 -14.93 14.87 -15.44
CA PRO C 295 -15.40 13.58 -15.90
C PRO C 295 -14.78 12.40 -15.21
N ASP C 296 -13.55 12.47 -14.82
CA ASP C 296 -12.79 11.52 -14.12
C ASP C 296 -13.08 11.46 -12.64
N ASN C 297 -13.63 12.47 -12.06
CA ASN C 297 -13.95 12.68 -10.69
C ASN C 297 -15.36 13.16 -10.47
N PRO C 298 -16.38 12.42 -10.93
CA PRO C 298 -17.75 12.89 -10.79
C PRO C 298 -18.21 13.19 -9.40
N THR C 299 -17.89 12.31 -8.45
CA THR C 299 -18.31 12.40 -7.04
C THR C 299 -17.33 13.19 -6.17
N PHE C 300 -16.33 13.83 -6.77
CA PHE C 300 -15.41 14.75 -6.13
C PHE C 300 -14.65 14.12 -4.94
N ASP C 301 -14.14 12.91 -5.18
CA ASP C 301 -13.33 12.13 -4.26
C ASP C 301 -12.00 12.86 -3.98
N PRO C 302 -11.63 13.12 -2.71
CA PRO C 302 -10.38 13.79 -2.35
C PRO C 302 -9.09 13.11 -2.84
N THR C 303 -9.12 11.82 -3.19
CA THR C 303 -7.94 11.06 -3.64
C THR C 303 -7.69 11.14 -5.15
N LEU C 304 -8.73 11.43 -5.95
CA LEU C 304 -8.63 11.69 -7.38
C LEU C 304 -8.41 13.19 -7.66
N PRO C 305 -7.81 13.58 -8.80
CA PRO C 305 -7.46 14.98 -9.06
C PRO C 305 -8.66 15.97 -8.98
N PRO C 306 -8.42 17.21 -8.51
CA PRO C 306 -9.45 18.24 -8.35
C PRO C 306 -9.65 19.10 -9.61
N VAL C 307 -8.85 18.88 -10.66
CA VAL C 307 -8.82 19.60 -11.94
C VAL C 307 -8.88 18.56 -13.06
N PRO C 308 -9.56 18.80 -14.20
CA PRO C 308 -9.61 17.87 -15.31
C PRO C 308 -8.25 17.50 -15.84
N ARG C 309 -8.06 16.23 -16.23
CA ARG C 309 -6.79 15.71 -16.73
C ARG C 309 -6.25 16.61 -17.83
N GLY C 310 -5.04 17.13 -17.69
CA GLY C 310 -4.37 17.90 -18.60
C GLY C 310 -4.62 19.35 -18.71
N PHE C 311 -5.45 19.90 -17.83
CA PHE C 311 -5.82 21.30 -17.90
C PHE C 311 -4.73 22.22 -17.33
N CYS C 312 -4.59 23.40 -17.92
CA CYS C 312 -3.53 24.38 -17.72
C CYS C 312 -3.10 24.63 -16.26
N ASP C 313 -1.80 24.52 -16.01
CA ASP C 313 -1.14 24.80 -14.72
C ASP C 313 -0.20 26.02 -14.75
N TRP C 314 -0.44 27.00 -15.62
CA TRP C 314 0.31 28.26 -15.64
C TRP C 314 0.05 29.10 -14.38
N GLY C 315 1.10 29.72 -13.85
CA GLY C 315 0.99 30.61 -12.69
C GLY C 315 0.53 32.04 -13.01
N SER C 316 0.05 32.73 -11.98
CA SER C 316 -0.25 34.18 -11.96
C SER C 316 0.13 34.89 -10.65
N GLY C 317 0.90 34.24 -9.76
CA GLY C 317 1.33 34.83 -8.49
C GLY C 317 0.26 34.84 -7.39
N VAL C 318 0.67 35.10 -6.15
CA VAL C 318 -0.24 35.24 -4.99
C VAL C 318 -0.97 36.59 -5.03
N LYS C 319 -2.30 36.59 -4.83
CA LYS C 319 -3.18 37.77 -4.73
C LYS C 319 -2.85 38.89 -5.73
N SER C 320 -2.96 38.57 -7.03
CA SER C 320 -2.44 39.42 -8.12
C SER C 320 -3.42 39.67 -9.27
N GLY C 321 -4.72 39.39 -9.13
CA GLY C 321 -5.73 39.70 -10.16
C GLY C 321 -5.84 41.19 -10.51
N ASN C 322 -5.50 42.10 -9.59
CA ASN C 322 -5.35 43.53 -9.86
C ASN C 322 -4.20 43.86 -10.84
N LYS C 323 -3.27 42.92 -11.03
CA LYS C 323 -2.02 43.08 -11.76
C LYS C 323 -1.96 42.25 -13.06
N GLN C 324 -2.48 41.02 -13.05
CA GLN C 324 -2.31 40.03 -14.12
C GLN C 324 -3.36 38.90 -14.07
N HIS C 325 -3.63 38.26 -15.21
CA HIS C 325 -4.56 37.13 -15.35
C HIS C 325 -4.10 36.10 -16.39
N LEU C 326 -4.71 34.92 -16.38
CA LEU C 326 -4.70 34.01 -17.52
C LEU C 326 -5.75 34.45 -18.54
N VAL C 327 -5.61 34.07 -19.81
CA VAL C 327 -6.53 34.36 -20.91
C VAL C 327 -6.97 33.05 -21.57
N CYS C 328 -8.22 32.96 -21.98
CA CYS C 328 -8.79 31.78 -22.65
C CYS C 328 -9.77 32.18 -23.73
N PHE C 329 -10.05 31.29 -24.68
CA PHE C 329 -11.31 31.31 -25.40
C PHE C 329 -12.41 30.71 -24.53
N THR C 330 -13.55 31.38 -24.41
CA THR C 330 -14.74 30.91 -23.66
C THR C 330 -15.99 31.08 -24.52
N GLY C 331 -16.92 30.11 -24.46
CA GLY C 331 -18.22 30.19 -25.13
C GLY C 331 -19.26 29.25 -24.54
N LYS C 332 -20.53 29.68 -24.53
CA LYS C 332 -21.64 28.94 -23.91
C LYS C 332 -22.01 27.69 -24.72
N LYS C 333 -22.33 26.59 -24.04
CA LYS C 333 -22.71 25.28 -24.63
C LYS C 333 -24.15 25.25 -25.17
N PHE C 334 -24.33 24.71 -26.37
CA PHE C 334 -25.59 24.56 -27.11
C PHE C 334 -25.60 23.22 -27.87
N ALA C 335 -26.54 23.03 -28.80
CA ALA C 335 -26.54 21.90 -29.71
C ALA C 335 -25.23 21.83 -30.54
N GLY C 336 -24.53 20.70 -30.46
CA GLY C 336 -23.38 20.37 -31.30
C GLY C 336 -22.05 21.07 -30.98
N GLY C 337 -22.04 22.04 -30.06
CA GLY C 337 -20.85 22.83 -29.75
C GLY C 337 -21.14 24.07 -28.92
N PHE C 338 -20.34 25.11 -29.13
CA PHE C 338 -20.33 26.32 -28.31
C PHE C 338 -20.59 27.57 -29.17
N GLN C 339 -21.28 28.56 -28.59
CA GLN C 339 -21.71 29.79 -29.27
C GLN C 339 -20.96 31.02 -28.78
N ASP C 340 -20.69 31.97 -29.67
CA ASP C 340 -20.08 33.28 -29.39
C ASP C 340 -18.71 33.17 -28.68
N VAL C 341 -17.87 32.26 -29.15
CA VAL C 341 -16.53 31.96 -28.59
C VAL C 341 -15.59 33.14 -28.81
N ASP C 342 -15.09 33.74 -27.73
CA ASP C 342 -14.12 34.84 -27.77
C ASP C 342 -13.21 34.88 -26.53
N ALA C 343 -12.19 35.76 -26.54
CA ALA C 343 -11.19 35.84 -25.49
C ALA C 343 -11.71 36.53 -24.20
N HIS C 344 -11.52 35.87 -23.05
CA HIS C 344 -11.83 36.37 -21.71
C HIS C 344 -10.65 36.15 -20.76
N MET C 345 -10.52 37.00 -19.74
CA MET C 345 -9.60 36.75 -18.64
C MET C 345 -10.19 35.75 -17.64
N TRP C 346 -9.37 34.86 -17.10
CA TRP C 346 -9.75 33.87 -16.09
C TRP C 346 -8.62 33.65 -15.08
N ASP C 347 -8.93 33.07 -13.93
CA ASP C 347 -7.91 32.63 -12.98
C ASP C 347 -8.44 31.59 -11.98
N TYR C 348 -7.53 30.89 -11.30
CA TYR C 348 -7.85 29.98 -10.21
C TYR C 348 -8.21 30.73 -8.92
N GLY C 349 -9.22 30.24 -8.20
CA GLY C 349 -9.57 30.65 -6.85
C GLY C 349 -10.45 31.90 -6.76
N ASP C 350 -10.17 32.77 -5.79
CA ASP C 350 -10.97 33.95 -5.45
C ASP C 350 -10.14 35.23 -5.20
N ASN C 351 -8.88 35.25 -5.65
CA ASN C 351 -7.94 36.37 -5.47
C ASN C 351 -7.71 36.81 -4.00
N GLU C 352 -8.05 35.98 -3.00
CA GLU C 352 -7.77 36.31 -1.60
C GLU C 352 -7.33 35.11 -0.76
N THR C 353 -8.13 34.05 -0.69
CA THR C 353 -7.89 32.97 0.29
C THR C 353 -6.80 32.02 -0.22
N VAL C 354 -5.79 31.74 0.60
CA VAL C 354 -4.64 30.90 0.22
C VAL C 354 -5.03 29.47 -0.14
N GLY C 355 -6.15 28.96 0.38
CA GLY C 355 -6.65 27.64 0.00
C GLY C 355 -7.22 27.56 -1.42
N LEU C 356 -7.50 28.69 -2.08
CA LEU C 356 -8.09 28.84 -3.35
C LEU C 356 -7.29 29.60 -4.36
N ASP C 357 -6.90 30.82 -4.02
CA ASP C 357 -5.99 31.66 -4.79
C ASP C 357 -4.64 30.95 -5.01
N ASN C 358 -4.05 31.07 -6.20
CA ASN C 358 -2.77 30.45 -6.54
C ASN C 358 -2.74 28.95 -6.18
N THR C 359 -3.86 28.24 -6.36
CA THR C 359 -4.00 26.83 -6.02
C THR C 359 -4.62 26.05 -7.18
N TYR C 360 -4.04 24.91 -7.52
CA TYR C 360 -4.52 24.04 -8.60
C TYR C 360 -5.74 23.23 -8.12
N GLN C 361 -6.93 23.79 -8.25
CA GLN C 361 -8.19 23.24 -7.73
C GLN C 361 -9.39 23.69 -8.59
N ARG C 362 -10.56 23.09 -8.33
CA ARG C 362 -11.75 23.12 -9.23
C ARG C 362 -12.38 24.48 -9.50
N THR C 363 -12.21 25.44 -8.60
CA THR C 363 -12.91 26.74 -8.62
C THR C 363 -12.09 27.78 -9.34
N ILE C 364 -12.70 28.40 -10.35
CA ILE C 364 -12.10 29.47 -11.15
C ILE C 364 -13.04 30.69 -11.16
N TYR C 365 -12.54 31.84 -11.61
CA TYR C 365 -13.40 32.93 -12.04
C TYR C 365 -13.10 33.30 -13.49
N ILE C 366 -14.13 33.75 -14.21
CA ILE C 366 -14.06 34.29 -15.56
C ILE C 366 -14.53 35.74 -15.51
N SER C 367 -13.80 36.66 -16.12
CA SER C 367 -14.07 38.09 -16.16
C SER C 367 -15.11 38.48 -17.22
N ASP C 368 -16.20 37.74 -17.32
CA ASP C 368 -17.32 38.01 -18.26
C ASP C 368 -18.58 38.32 -17.44
N PRO C 369 -19.22 39.51 -17.55
CA PRO C 369 -20.32 39.89 -16.65
C PRO C 369 -21.63 39.12 -16.84
N SER C 370 -21.78 38.30 -17.89
CA SER C 370 -23.07 37.69 -18.28
C SER C 370 -23.15 36.15 -18.19
N LEU C 371 -22.30 35.47 -17.41
CA LEU C 371 -22.42 34.02 -17.17
C LEU C 371 -23.83 33.64 -16.66
N GLU C 372 -24.58 32.83 -17.42
CA GLU C 372 -25.85 32.25 -16.94
C GLU C 372 -25.61 31.19 -15.87
N LYS C 373 -26.34 31.24 -14.75
CA LYS C 373 -26.19 30.29 -13.64
C LYS C 373 -26.46 28.85 -14.10
N ASP C 374 -25.61 27.92 -13.68
CA ASP C 374 -25.66 26.48 -13.99
C ASP C 374 -25.59 26.13 -15.48
N ALA C 375 -25.27 27.09 -16.36
CA ALA C 375 -24.94 26.82 -17.75
C ALA C 375 -23.46 26.40 -17.89
N GLN C 376 -23.17 25.63 -18.93
CA GLN C 376 -21.82 25.17 -19.23
C GLN C 376 -21.11 26.05 -20.25
N TYR C 377 -19.82 26.26 -20.04
CA TYR C 377 -18.95 27.08 -20.86
C TYR C 377 -17.67 26.34 -21.22
N LEU C 378 -17.30 26.38 -22.49
CA LEU C 378 -16.00 25.98 -23.00
C LEU C 378 -14.90 26.81 -22.33
N VAL C 379 -13.74 26.20 -22.05
CA VAL C 379 -12.55 26.91 -21.57
C VAL C 379 -11.32 26.38 -22.30
N ILE C 380 -10.71 27.19 -23.17
CA ILE C 380 -9.46 26.86 -23.87
C ILE C 380 -8.39 27.91 -23.50
N PRO C 381 -7.55 27.66 -22.49
CA PRO C 381 -6.47 28.57 -22.11
C PRO C 381 -5.52 28.86 -23.27
N MET C 382 -5.13 30.11 -23.45
CA MET C 382 -4.43 30.53 -24.67
C MET C 382 -3.36 31.60 -24.47
N GLY C 383 -3.31 32.27 -23.32
CA GLY C 383 -2.30 33.29 -23.04
C GLY C 383 -2.38 33.85 -21.63
N VAL C 384 -1.68 34.95 -21.40
CA VAL C 384 -1.64 35.67 -20.11
C VAL C 384 -1.72 37.17 -20.38
N SER C 385 -2.17 37.96 -19.40
CA SER C 385 -2.41 39.40 -19.53
C SER C 385 -1.91 40.19 -18.31
N GLY C 386 -1.81 41.51 -18.46
CA GLY C 386 -1.30 42.41 -17.42
C GLY C 386 0.22 42.31 -17.27
N ALA C 387 0.72 42.38 -16.04
CA ALA C 387 2.16 42.31 -15.73
C ALA C 387 2.79 40.91 -15.88
N ALA C 388 2.07 39.93 -16.42
CA ALA C 388 2.53 38.56 -16.58
C ALA C 388 3.83 38.45 -17.41
N ASN C 389 4.66 37.48 -17.05
CA ASN C 389 5.96 37.20 -17.65
C ASN C 389 6.36 35.73 -17.46
N ASP C 390 7.46 35.32 -18.08
CA ASP C 390 7.98 33.95 -18.03
C ASP C 390 8.06 33.40 -16.60
N ASP C 391 8.59 34.19 -15.67
CA ASP C 391 8.75 33.77 -14.27
C ASP C 391 7.41 33.58 -13.56
N THR C 392 6.40 34.41 -13.80
CA THR C 392 5.04 34.16 -13.27
C THR C 392 4.43 32.88 -13.84
N VAL C 393 4.58 32.61 -15.15
CA VAL C 393 4.05 31.40 -15.77
C VAL C 393 4.81 30.14 -15.32
N GLN C 394 6.11 30.27 -15.04
CA GLN C 394 6.99 29.20 -14.60
C GLN C 394 6.57 28.59 -13.27
N VAL C 395 6.18 29.38 -12.27
CA VAL C 395 5.74 28.85 -10.97
C VAL C 395 4.27 28.43 -11.05
N ALA C 396 3.96 27.14 -11.03
CA ALA C 396 2.58 26.67 -11.07
C ALA C 396 1.78 27.05 -9.81
N PRO C 397 0.43 27.09 -9.87
CA PRO C 397 -0.40 27.10 -8.67
C PRO C 397 -0.07 25.94 -7.73
N ASN C 398 -0.24 26.12 -6.43
CA ASN C 398 0.07 25.12 -5.41
C ASN C 398 -0.79 23.85 -5.55
N CYS C 399 -0.19 22.69 -5.33
CA CYS C 399 -0.94 21.48 -5.02
C CYS C 399 -1.46 21.53 -3.56
N TYR C 400 -2.49 20.77 -3.25
CA TYR C 400 -3.25 20.86 -1.99
C TYR C 400 -3.91 19.50 -1.69
N GLY C 401 -4.20 19.19 -0.43
CA GLY C 401 -4.97 17.99 -0.06
C GLY C 401 -4.24 16.65 -0.28
N SER C 402 -5.01 15.58 -0.46
CA SER C 402 -4.54 14.18 -0.45
C SER C 402 -4.61 13.45 -1.80
N TRP C 403 -4.87 14.16 -2.92
CA TRP C 403 -4.77 13.57 -4.26
C TRP C 403 -3.31 13.35 -4.69
N ASP C 404 -3.12 12.47 -5.66
CA ASP C 404 -1.80 11.98 -6.09
C ASP C 404 -1.05 12.97 -7.02
N TYR C 405 -0.77 14.18 -6.53
CA TYR C 405 -0.05 15.21 -7.27
C TYR C 405 1.42 14.86 -7.51
N ALA C 406 2.03 15.46 -8.52
CA ALA C 406 3.46 15.38 -8.76
C ALA C 406 4.21 16.21 -7.70
N PRO C 407 5.29 15.71 -7.09
CA PRO C 407 6.05 16.43 -6.07
C PRO C 407 6.90 17.56 -6.65
N THR C 408 7.22 18.56 -5.83
CA THR C 408 8.21 19.57 -6.21
C THR C 408 9.60 18.93 -6.28
N VAL C 409 10.30 19.09 -7.40
CA VAL C 409 11.62 18.49 -7.66
C VAL C 409 12.67 19.56 -7.91
N ALA C 410 13.93 19.25 -7.60
CA ALA C 410 15.07 20.15 -7.74
C ALA C 410 16.25 19.40 -8.39
N PRO C 411 17.13 20.07 -9.14
CA PRO C 411 18.36 19.43 -9.60
C PRO C 411 19.31 19.23 -8.40
N PRO C 412 20.16 18.20 -8.39
CA PRO C 412 21.26 18.10 -7.43
C PRO C 412 22.16 19.34 -7.45
N LEU C 413 22.79 19.62 -6.32
CA LEU C 413 23.67 20.77 -6.18
C LEU C 413 24.77 20.80 -7.26
N GLY C 414 24.92 21.95 -7.91
CA GLY C 414 25.86 22.17 -9.01
C GLY C 414 25.28 21.91 -10.41
N GLU C 415 24.13 21.25 -10.52
CA GLU C 415 23.43 20.99 -11.78
C GLU C 415 22.25 21.95 -11.99
N GLN C 416 21.74 22.07 -13.22
CA GLN C 416 20.56 22.86 -13.58
C GLN C 416 19.62 22.09 -14.49
N PHE C 417 18.31 22.34 -14.39
CA PHE C 417 17.32 21.73 -15.29
C PHE C 417 17.50 22.21 -16.73
N VAL C 418 17.29 21.30 -17.68
CA VAL C 418 17.17 21.63 -19.10
C VAL C 418 15.69 21.54 -19.46
N TRP C 419 15.16 22.65 -19.98
CA TRP C 419 13.74 22.84 -20.25
C TRP C 419 13.45 22.75 -21.74
N PHE C 420 12.28 22.19 -22.08
CA PHE C 420 11.69 22.34 -23.40
C PHE C 420 10.92 23.65 -23.45
N ARG C 421 11.33 24.61 -24.29
CA ARG C 421 10.77 25.98 -24.30
C ARG C 421 10.09 26.32 -25.62
N SER C 422 8.91 26.93 -25.54
CA SER C 422 8.17 27.45 -26.68
C SER C 422 7.70 28.89 -26.47
N GLN C 423 7.74 29.68 -27.55
CA GLN C 423 7.20 31.03 -27.62
C GLN C 423 5.68 30.98 -27.78
N LEU C 424 4.92 31.60 -26.88
CA LEU C 424 3.46 31.74 -26.97
C LEU C 424 3.13 33.19 -27.37
N PRO C 425 2.55 33.43 -28.56
CA PRO C 425 2.33 34.78 -29.06
C PRO C 425 1.17 35.49 -28.36
N ALA C 426 1.22 36.81 -28.35
CA ALA C 426 0.09 37.65 -27.96
C ALA C 426 -1.11 37.51 -28.90
N SER C 427 -2.27 37.99 -28.46
CA SER C 427 -3.47 38.25 -29.29
C SER C 427 -4.19 39.47 -28.76
N LYS C 428 -4.82 40.25 -29.66
CA LYS C 428 -5.14 41.67 -29.43
C LYS C 428 -6.59 42.00 -29.76
N THR C 429 -7.19 42.93 -29.03
CA THR C 429 -8.45 43.60 -29.43
C THR C 429 -8.22 44.50 -30.63
N VAL C 435 -10.28 41.29 -24.87
CA VAL C 435 -9.12 41.05 -24.02
C VAL C 435 -7.81 41.01 -24.82
N ASN C 436 -6.74 41.57 -24.26
CA ASN C 436 -5.39 41.58 -24.85
C ASN C 436 -4.42 40.70 -24.05
N SER C 437 -3.77 39.74 -24.72
CA SER C 437 -2.66 38.94 -24.16
C SER C 437 -1.29 39.60 -24.39
N VAL C 438 -0.29 39.11 -23.67
CA VAL C 438 1.12 39.51 -23.72
C VAL C 438 1.98 38.35 -24.24
N PRO C 439 3.06 38.57 -25.02
CA PRO C 439 3.96 37.50 -25.46
C PRO C 439 4.71 36.90 -24.27
N VAL C 440 4.74 35.58 -24.14
CA VAL C 440 5.39 34.89 -23.02
C VAL C 440 6.03 33.60 -23.50
N ASN C 441 7.08 33.13 -22.82
CA ASN C 441 7.70 31.84 -23.11
C ASN C 441 7.26 30.81 -22.06
N VAL C 442 6.85 29.63 -22.52
CA VAL C 442 6.40 28.54 -21.65
C VAL C 442 7.45 27.44 -21.66
N ASN C 443 7.81 26.96 -20.47
CA ASN C 443 8.77 25.87 -20.28
C ASN C 443 8.05 24.60 -19.83
N ALA C 444 8.49 23.44 -20.31
CA ALA C 444 8.15 22.14 -19.73
C ALA C 444 9.41 21.43 -19.25
N LEU C 445 9.27 20.69 -18.14
CA LEU C 445 10.35 19.90 -17.54
C LEU C 445 10.78 18.74 -18.44
N MET C 446 9.81 18.15 -19.14
CA MET C 446 9.98 17.04 -20.06
C MET C 446 8.87 17.04 -21.12
N SER C 447 9.12 16.46 -22.28
CA SER C 447 8.10 16.17 -23.29
C SER C 447 7.73 14.67 -23.29
N PRO C 448 6.45 14.29 -23.45
CA PRO C 448 6.05 12.89 -23.49
C PRO C 448 6.66 12.11 -24.66
N ASP C 449 7.07 12.78 -25.73
CA ASP C 449 7.65 12.14 -26.91
C ASP C 449 9.08 11.60 -26.68
N LEU C 450 9.84 12.17 -25.73
CA LEU C 450 11.14 11.61 -25.32
C LEU C 450 10.97 10.39 -24.38
N ILE C 451 10.23 10.52 -23.28
CA ILE C 451 10.05 9.42 -22.33
C ILE C 451 9.17 8.27 -22.83
N ARG C 452 8.38 8.45 -23.90
CA ARG C 452 7.74 7.33 -24.63
C ARG C 452 8.78 6.25 -24.96
N SER C 453 9.91 6.66 -25.52
CA SER C 453 10.97 5.73 -25.89
C SER C 453 11.55 4.99 -24.67
N ALA C 454 11.72 5.70 -23.55
CA ALA C 454 12.27 5.14 -22.32
C ALA C 454 11.37 4.10 -21.64
N TYR C 455 10.04 4.13 -21.81
CA TYR C 455 9.18 3.02 -21.36
C TYR C 455 9.43 1.74 -22.16
N ALA C 456 9.66 1.88 -23.47
CA ALA C 456 9.93 0.77 -24.38
C ALA C 456 11.29 0.09 -24.17
N SER C 457 12.17 0.63 -23.33
CA SER C 457 13.46 0.03 -22.97
C SER C 457 13.68 -0.18 -21.47
N GLY C 458 13.11 0.69 -20.63
CA GLY C 458 13.31 0.71 -19.18
C GLY C 458 14.63 1.35 -18.75
N PHE C 459 14.71 1.79 -17.50
CA PHE C 459 15.97 2.21 -16.85
C PHE C 459 16.36 1.15 -15.82
N PRO C 460 17.64 0.77 -15.70
CA PRO C 460 18.10 -0.01 -14.56
C PRO C 460 17.75 0.70 -13.24
N LEU C 461 17.27 -0.03 -12.23
CA LEU C 461 16.87 0.57 -10.96
C LEU C 461 18.05 1.27 -10.29
N GLY C 462 17.82 2.49 -9.81
CA GLY C 462 18.83 3.33 -9.16
C GLY C 462 19.79 4.07 -10.10
N LYS C 463 19.58 4.02 -11.42
CA LYS C 463 20.47 4.63 -12.44
C LYS C 463 19.75 5.61 -13.37
N VAL C 464 20.53 6.51 -13.92
CA VAL C 464 20.14 7.69 -14.69
C VAL C 464 20.75 7.57 -16.09
N ALA C 465 20.07 8.06 -17.12
CA ALA C 465 20.63 8.06 -18.47
C ALA C 465 21.52 9.28 -18.67
N LEU C 466 22.81 9.05 -18.92
CA LEU C 466 23.67 10.06 -19.53
C LEU C 466 23.37 10.09 -21.03
N LEU C 467 22.90 11.22 -21.53
CA LEU C 467 22.58 11.46 -22.93
C LEU C 467 23.56 12.42 -23.55
N ASP C 468 24.07 12.08 -24.72
CA ASP C 468 24.64 13.05 -25.65
C ASP C 468 23.50 13.75 -26.38
N TYR C 469 23.58 15.06 -26.57
CA TYR C 469 22.70 15.81 -27.46
C TYR C 469 23.53 16.39 -28.61
N VAL C 470 23.26 15.93 -29.83
CA VAL C 470 24.17 16.05 -30.98
C VAL C 470 23.69 17.14 -31.92
N LEU C 471 24.52 18.17 -32.11
CA LEU C 471 24.24 19.32 -32.98
C LEU C 471 25.16 19.33 -34.22
N PHE C 472 24.63 19.75 -35.36
CA PHE C 472 25.37 19.89 -36.62
C PHE C 472 26.08 18.59 -37.09
N GLY C 473 25.54 17.43 -36.73
CA GLY C 473 26.16 16.12 -36.93
C GLY C 473 27.28 15.74 -35.94
N GLY C 474 27.70 16.64 -35.04
CA GLY C 474 28.69 16.35 -33.99
C GLY C 474 29.78 17.40 -33.77
N SER C 475 29.79 18.54 -34.48
CA SER C 475 30.76 19.61 -34.19
C SER C 475 30.54 20.26 -32.81
N VAL C 476 29.34 20.11 -32.24
CA VAL C 476 29.00 20.39 -30.84
C VAL C 476 28.21 19.21 -30.29
N VAL C 477 28.56 18.76 -29.09
CA VAL C 477 27.78 17.76 -28.34
C VAL C 477 27.62 18.25 -26.91
N ARG C 478 26.37 18.46 -26.48
CA ARG C 478 26.04 18.68 -25.06
C ARG C 478 25.87 17.33 -24.36
N GLN C 479 26.06 17.26 -23.06
CA GLN C 479 25.68 16.08 -22.28
C GLN C 479 24.71 16.44 -21.17
N PHE C 480 23.66 15.65 -21.04
CA PHE C 480 22.61 15.82 -20.04
C PHE C 480 22.40 14.52 -19.27
N LYS C 481 21.98 14.62 -18.02
CA LYS C 481 21.43 13.48 -17.29
C LYS C 481 19.92 13.54 -17.37
N LEU C 482 19.30 12.49 -17.89
CA LEU C 482 17.86 12.28 -17.83
C LEU C 482 17.57 11.31 -16.68
N TYR C 483 16.84 11.79 -15.68
CA TYR C 483 16.48 11.06 -14.48
C TYR C 483 15.21 10.24 -14.70
N PRO C 484 15.06 9.06 -14.06
CA PRO C 484 13.84 8.26 -14.18
C PRO C 484 12.63 8.96 -13.53
N GLU C 485 12.89 9.87 -12.59
CA GLU C 485 11.93 10.76 -11.94
C GLU C 485 11.36 11.84 -12.88
N GLY C 486 11.80 11.91 -14.13
CA GLY C 486 11.18 12.68 -15.21
C GLY C 486 11.98 13.88 -15.73
N TYR C 487 12.79 14.50 -14.89
CA TYR C 487 13.57 15.68 -15.24
C TYR C 487 14.86 15.35 -16.00
N MET C 488 15.31 16.33 -16.78
CA MET C 488 16.57 16.32 -17.49
C MET C 488 17.44 17.51 -17.05
N THR C 489 18.74 17.29 -16.95
CA THR C 489 19.63 18.17 -16.21
C THR C 489 21.01 18.26 -16.86
N ALA C 490 21.67 19.40 -16.72
CA ALA C 490 23.01 19.69 -17.24
C ALA C 490 23.96 20.16 -16.14
N ASN C 491 25.27 20.01 -16.35
CA ASN C 491 26.30 20.57 -15.48
C ASN C 491 26.73 21.95 -16.02
N THR C 492 26.75 22.97 -15.17
CA THR C 492 26.92 24.37 -15.55
C THR C 492 28.01 25.06 -14.74
N THR C 493 28.73 26.01 -15.35
CA THR C 493 29.56 27.01 -14.62
C THR C 493 29.17 28.45 -14.99
N GLY C 494 29.29 29.36 -14.03
CA GLY C 494 28.77 30.72 -14.15
C GLY C 494 27.25 30.78 -14.05
N THR C 497 18.75 34.23 -15.59
CA THR C 497 18.99 35.13 -16.73
C THR C 497 18.78 34.48 -18.09
N GLY C 498 18.76 33.15 -18.17
CA GLY C 498 18.44 32.38 -19.38
C GLY C 498 19.61 32.11 -20.32
N PHE C 499 19.71 30.87 -20.79
CA PHE C 499 20.69 30.36 -21.73
C PHE C 499 20.00 29.42 -22.74
N ILE C 500 20.37 29.52 -24.02
CA ILE C 500 19.61 28.93 -25.13
C ILE C 500 20.43 27.86 -25.85
N ILE C 501 19.87 26.68 -26.01
CA ILE C 501 20.42 25.54 -26.76
C ILE C 501 19.50 25.29 -27.97
N PRO C 502 19.99 25.18 -29.21
CA PRO C 502 19.14 24.92 -30.37
C PRO C 502 18.31 23.63 -30.24
N ALA C 503 17.10 23.61 -30.79
CA ALA C 503 16.16 22.48 -30.70
C ALA C 503 16.20 21.50 -31.89
N ASP C 504 17.17 21.63 -32.81
CA ASP C 504 17.28 20.80 -34.03
C ASP C 504 18.43 19.77 -34.00
N GLY C 505 19.12 19.62 -32.87
CA GLY C 505 19.95 18.46 -32.60
C GLY C 505 19.11 17.23 -32.26
N TYR C 506 19.76 16.12 -31.91
CA TYR C 506 19.05 14.91 -31.49
C TYR C 506 19.70 14.28 -30.26
N PHE C 507 18.89 13.60 -29.45
CA PHE C 507 19.38 12.83 -28.32
C PHE C 507 19.98 11.51 -28.76
N ARG C 508 21.08 11.12 -28.13
CA ARG C 508 21.72 9.82 -28.29
C ARG C 508 22.06 9.26 -26.90
N PHE C 509 21.68 8.03 -26.61
CA PHE C 509 22.05 7.38 -25.37
C PHE C 509 23.57 7.20 -25.31
N ASN C 510 24.19 7.70 -24.26
CA ASN C 510 25.61 7.46 -24.01
C ASN C 510 25.78 6.26 -23.08
N SER C 511 25.30 6.36 -21.83
CA SER C 511 25.57 5.35 -20.81
C SER C 511 24.64 5.51 -19.60
N TRP C 512 24.61 4.49 -18.75
CA TRP C 512 23.96 4.56 -17.45
C TRP C 512 24.93 5.09 -16.40
N VAL C 513 24.48 6.02 -15.58
CA VAL C 513 25.27 6.65 -14.52
C VAL C 513 24.48 6.69 -13.22
N SER C 514 25.13 6.88 -12.08
CA SER C 514 24.44 7.09 -10.81
C SER C 514 23.91 8.53 -10.71
N PRO C 515 22.86 8.80 -9.92
CA PRO C 515 22.44 10.17 -9.60
C PRO C 515 23.58 11.09 -9.15
N SER C 516 24.59 10.54 -8.46
CA SER C 516 25.76 11.25 -7.93
C SER C 516 26.81 11.61 -8.99
N PHE C 517 26.67 11.15 -10.24
CA PHE C 517 27.68 11.30 -11.29
C PHE C 517 27.85 12.76 -11.74
N MET C 518 29.09 13.22 -11.86
CA MET C 518 29.40 14.54 -12.39
C MET C 518 29.64 14.52 -13.90
N ILE C 519 28.77 15.16 -14.67
CA ILE C 519 28.88 15.25 -16.13
C ILE C 519 30.17 15.98 -16.50
N SER C 520 31.00 15.35 -17.35
CA SER C 520 32.33 15.87 -17.74
C SER C 520 32.25 17.04 -18.71
N SER C 521 31.38 16.99 -19.72
CA SER C 521 31.06 18.15 -20.56
C SER C 521 30.28 19.19 -19.75
N VAL C 522 30.77 20.43 -19.69
CA VAL C 522 30.18 21.53 -18.91
C VAL C 522 29.57 22.58 -19.84
N VAL C 523 28.33 23.00 -19.58
CA VAL C 523 27.68 24.10 -20.30
C VAL C 523 28.20 25.45 -19.81
#